data_2N37
#
_entry.id   2N37
#
_entity_poly.entity_id   1
_entity_poly.type   'polypeptide(L)'
_entity_poly.pdbx_seq_one_letter_code
;APARFCVYYDGHLPATRVLLMYVRIGTTATITARGHEFEVEAKDQNCKVILTNGKQAPDWLAAEPY
;
_entity_poly.pdbx_strand_id   A
#
# COMPACT_ATOMS: atom_id res chain seq x y z
N ALA A 1 -18.59 9.35 10.95
CA ALA A 1 -17.17 9.12 11.12
C ALA A 1 -16.85 7.63 11.18
N PRO A 2 -16.99 6.95 10.03
CA PRO A 2 -16.72 5.51 9.94
C PRO A 2 -15.23 5.18 10.06
N ALA A 3 -14.90 3.92 9.85
CA ALA A 3 -13.50 3.48 9.94
C ALA A 3 -12.87 3.41 8.56
N ARG A 4 -11.79 4.18 8.37
CA ARG A 4 -11.09 4.20 7.10
C ARG A 4 -9.68 3.61 7.24
N PHE A 5 -9.35 2.68 6.35
CA PHE A 5 -8.05 2.03 6.37
C PHE A 5 -7.58 1.69 4.96
N CYS A 6 -6.27 1.59 4.79
CA CYS A 6 -5.68 1.27 3.49
C CYS A 6 -4.85 0.01 3.57
N VAL A 7 -4.97 -0.85 2.54
CA VAL A 7 -4.22 -2.09 2.49
C VAL A 7 -3.30 -2.13 1.27
N TYR A 8 -2.18 -2.83 1.41
CA TYR A 8 -1.21 -2.95 0.32
C TYR A 8 -0.97 -4.40 -0.04
N TYR A 9 -0.95 -4.69 -1.34
CA TYR A 9 -0.74 -6.06 -1.81
C TYR A 9 0.40 -6.09 -2.84
N ASP A 10 0.69 -7.29 -3.34
CA ASP A 10 1.74 -7.47 -4.33
C ASP A 10 1.20 -8.11 -5.60
N GLY A 11 1.84 -7.83 -6.73
CA GLY A 11 1.40 -8.39 -8.00
C GLY A 11 1.24 -9.90 -7.94
N HIS A 12 -0.01 -10.34 -7.85
CA HIS A 12 -0.29 -11.78 -7.78
C HIS A 12 -1.79 -12.03 -7.90
N LEU A 13 -2.17 -12.94 -8.80
CA LEU A 13 -3.57 -13.27 -9.00
C LEU A 13 -4.25 -13.60 -7.68
N PRO A 14 -5.60 -13.54 -7.67
CA PRO A 14 -6.39 -13.83 -6.47
C PRO A 14 -6.36 -15.31 -6.10
N ALA A 15 -5.78 -16.13 -6.99
CA ALA A 15 -5.68 -17.56 -6.75
C ALA A 15 -4.64 -17.87 -5.69
N THR A 16 -3.54 -17.12 -5.71
CA THR A 16 -2.46 -17.32 -4.75
C THR A 16 -1.92 -15.98 -4.23
N ARG A 17 -2.78 -14.97 -4.24
CA ARG A 17 -2.39 -13.64 -3.78
C ARG A 17 -1.76 -13.70 -2.40
N VAL A 18 -1.05 -12.65 -2.02
CA VAL A 18 -0.40 -12.58 -0.72
C VAL A 18 -0.42 -11.17 -0.16
N LEU A 19 -1.08 -11.01 0.98
CA LEU A 19 -1.19 -9.70 1.63
C LEU A 19 0.16 -9.28 2.21
N LEU A 20 0.54 -8.02 1.99
CA LEU A 20 1.80 -7.49 2.49
C LEU A 20 1.65 -7.05 3.95
N MET A 21 0.83 -6.03 4.17
CA MET A 21 0.60 -5.51 5.52
C MET A 21 -0.40 -4.36 5.49
N TYR A 22 -1.08 -4.15 6.61
CA TYR A 22 -2.07 -3.09 6.72
C TYR A 22 -1.40 -1.77 7.10
N VAL A 23 -1.83 -0.69 6.44
CA VAL A 23 -1.28 0.64 6.72
C VAL A 23 -2.34 1.56 7.29
N ARG A 24 -2.20 1.90 8.57
CA ARG A 24 -3.15 2.78 9.24
C ARG A 24 -3.02 4.21 8.72
N ILE A 25 -4.16 4.85 8.46
CA ILE A 25 -4.17 6.21 7.96
C ILE A 25 -3.96 7.21 9.09
N GLY A 26 -2.83 7.08 9.79
CA GLY A 26 -2.52 7.98 10.87
C GLY A 26 -1.15 8.61 10.74
N THR A 27 -0.20 7.86 10.18
CA THR A 27 1.14 8.36 10.00
C THR A 27 1.78 7.77 8.75
N THR A 28 2.97 8.25 8.41
CA THR A 28 3.69 7.77 7.23
C THR A 28 4.70 6.69 7.60
N ALA A 29 4.59 5.54 6.95
CA ALA A 29 5.50 4.43 7.21
C ALA A 29 5.99 3.81 5.91
N THR A 30 6.93 2.86 6.03
CA THR A 30 7.49 2.20 4.85
C THR A 30 7.10 0.72 4.83
N ILE A 31 6.93 0.18 3.64
CA ILE A 31 6.56 -1.22 3.47
C ILE A 31 7.71 -2.03 2.87
N THR A 32 7.85 -3.27 3.32
CA THR A 32 8.91 -4.14 2.83
C THR A 32 8.35 -5.23 1.93
N ALA A 33 8.77 -5.24 0.67
CA ALA A 33 8.32 -6.24 -0.29
C ALA A 33 9.36 -6.50 -1.36
N ARG A 34 9.59 -7.77 -1.66
CA ARG A 34 10.58 -8.14 -2.67
C ARG A 34 11.94 -7.52 -2.37
N GLY A 35 12.32 -7.52 -1.09
CA GLY A 35 13.59 -6.95 -0.70
C GLY A 35 13.68 -5.47 -1.01
N HIS A 36 12.52 -4.83 -1.19
CA HIS A 36 12.47 -3.41 -1.49
C HIS A 36 11.66 -2.66 -0.44
N GLU A 37 11.95 -1.38 -0.28
CA GLU A 37 11.25 -0.55 0.70
C GLU A 37 10.39 0.51 0.00
N PHE A 38 9.07 0.37 0.14
CA PHE A 38 8.15 1.31 -0.49
C PHE A 38 7.52 2.24 0.56
N GLU A 39 7.87 3.51 0.49
CA GLU A 39 7.35 4.49 1.44
C GLU A 39 6.08 5.16 0.89
N VAL A 40 4.93 4.70 1.36
CA VAL A 40 3.65 5.24 0.92
C VAL A 40 3.10 6.24 1.94
N GLU A 41 2.08 6.98 1.53
CA GLU A 41 1.45 7.97 2.41
C GLU A 41 -0.06 7.77 2.47
N ALA A 42 -0.60 7.75 3.68
CA ALA A 42 -2.03 7.58 3.88
C ALA A 42 -2.69 8.87 4.35
N LYS A 43 -3.65 9.35 3.57
CA LYS A 43 -4.36 10.57 3.91
C LYS A 43 -5.85 10.29 4.17
N ASP A 44 -6.36 9.24 3.56
CA ASP A 44 -7.75 8.86 3.73
C ASP A 44 -8.08 7.62 2.92
N GLN A 45 -9.37 7.28 2.84
CA GLN A 45 -9.81 6.10 2.10
C GLN A 45 -9.25 6.11 0.68
N ASN A 46 -9.06 7.31 0.13
CA ASN A 46 -8.53 7.46 -1.22
C ASN A 46 -7.03 7.22 -1.25
N CYS A 47 -6.64 5.95 -1.30
CA CYS A 47 -5.22 5.59 -1.33
C CYS A 47 -4.81 5.14 -2.73
N LYS A 48 -3.65 5.61 -3.18
CA LYS A 48 -3.14 5.26 -4.50
C LYS A 48 -1.66 4.91 -4.43
N VAL A 49 -1.27 3.83 -5.12
CA VAL A 49 0.11 3.39 -5.13
C VAL A 49 1.05 4.54 -5.50
N ILE A 50 1.76 5.05 -4.51
CA ILE A 50 2.69 6.16 -4.73
C ILE A 50 3.80 6.16 -3.67
N LEU A 51 4.96 6.65 -4.05
CA LEU A 51 6.09 6.72 -3.14
C LEU A 51 6.49 8.16 -2.85
N THR A 52 7.04 8.39 -1.67
CA THR A 52 7.46 9.73 -1.27
C THR A 52 8.88 10.03 -1.73
N ASN A 53 9.45 9.12 -2.52
CA ASN A 53 10.80 9.28 -3.04
C ASN A 53 10.78 9.81 -4.46
N GLY A 54 9.77 10.61 -4.78
CA GLY A 54 9.65 11.17 -6.11
C GLY A 54 9.52 10.11 -7.18
N LYS A 55 8.96 8.96 -6.81
CA LYS A 55 8.78 7.86 -7.75
C LYS A 55 7.42 7.19 -7.54
N GLN A 56 6.94 6.49 -8.57
CA GLN A 56 5.66 5.81 -8.50
C GLN A 56 5.86 4.28 -8.49
N ALA A 57 4.97 3.59 -7.79
CA ALA A 57 5.05 2.13 -7.70
C ALA A 57 5.15 1.51 -9.09
N PRO A 58 5.63 0.26 -9.13
CA PRO A 58 5.79 -0.49 -10.39
C PRO A 58 4.45 -0.86 -11.02
N ASP A 59 4.49 -1.69 -12.05
CA ASP A 59 3.29 -2.14 -12.73
C ASP A 59 2.66 -3.32 -12.01
N TRP A 60 3.41 -3.92 -11.10
CA TRP A 60 2.92 -5.06 -10.34
C TRP A 60 2.58 -4.66 -8.91
N LEU A 61 2.29 -3.38 -8.72
CA LEU A 61 1.95 -2.87 -7.39
C LEU A 61 0.51 -2.36 -7.36
N ALA A 62 -0.17 -2.62 -6.26
CA ALA A 62 -1.56 -2.18 -6.10
C ALA A 62 -1.89 -1.90 -4.64
N ALA A 63 -3.06 -1.33 -4.40
CA ALA A 63 -3.49 -1.01 -3.04
C ALA A 63 -5.01 -0.97 -2.94
N GLU A 64 -5.56 -1.87 -2.13
CA GLU A 64 -7.01 -1.94 -1.95
C GLU A 64 -7.44 -1.15 -0.71
N PRO A 65 -8.73 -0.81 -0.65
CA PRO A 65 -9.30 -0.06 0.47
C PRO A 65 -9.37 -0.88 1.75
N TYR A 66 -10.03 -0.34 2.76
CA TYR A 66 -10.17 -1.03 4.04
C TYR A 66 -8.80 -1.36 4.63
N ALA A 1 -16.00 12.58 8.07
CA ALA A 1 -14.67 11.99 8.18
C ALA A 1 -14.71 10.72 9.03
N PRO A 2 -15.28 9.64 8.47
CA PRO A 2 -15.40 8.36 9.16
C PRO A 2 -14.04 7.66 9.32
N ALA A 3 -14.01 6.64 10.15
CA ALA A 3 -12.78 5.89 10.39
C ALA A 3 -12.61 4.77 9.37
N ARG A 4 -11.50 4.81 8.64
CA ARG A 4 -11.20 3.81 7.63
C ARG A 4 -9.75 3.36 7.70
N PHE A 5 -9.39 2.38 6.89
CA PHE A 5 -8.03 1.85 6.86
C PHE A 5 -7.61 1.49 5.44
N CYS A 6 -6.30 1.38 5.22
CA CYS A 6 -5.77 1.04 3.91
C CYS A 6 -4.87 -0.20 3.99
N VAL A 7 -4.86 -0.99 2.92
CA VAL A 7 -4.03 -2.19 2.87
C VAL A 7 -3.20 -2.22 1.59
N TYR A 8 -2.03 -2.83 1.69
CA TYR A 8 -1.12 -2.93 0.54
C TYR A 8 -0.93 -4.39 0.13
N TYR A 9 -1.02 -4.65 -1.17
CA TYR A 9 -0.85 -6.00 -1.69
C TYR A 9 0.26 -6.04 -2.74
N ASP A 10 0.52 -7.25 -3.25
CA ASP A 10 1.56 -7.43 -4.26
C ASP A 10 0.99 -8.06 -5.52
N GLY A 11 1.62 -7.78 -6.66
CA GLY A 11 1.15 -8.34 -7.92
C GLY A 11 0.97 -9.84 -7.87
N HIS A 12 -0.27 -10.28 -7.76
CA HIS A 12 -0.58 -11.70 -7.70
C HIS A 12 -2.09 -11.93 -7.78
N LEU A 13 -2.49 -12.83 -8.68
CA LEU A 13 -3.90 -13.15 -8.87
C LEU A 13 -4.56 -13.48 -7.53
N PRO A 14 -5.90 -13.40 -7.50
CA PRO A 14 -6.68 -13.69 -6.29
C PRO A 14 -6.66 -15.17 -5.93
N ALA A 15 -6.11 -15.99 -6.82
CA ALA A 15 -6.03 -17.43 -6.59
C ALA A 15 -4.95 -17.75 -5.56
N THR A 16 -3.86 -17.01 -5.59
CA THR A 16 -2.77 -17.22 -4.65
C THR A 16 -2.21 -15.90 -4.14
N ARG A 17 -3.05 -14.87 -4.13
CA ARG A 17 -2.64 -13.55 -3.67
C ARG A 17 -1.99 -13.63 -2.29
N VAL A 18 -1.25 -12.59 -1.93
CA VAL A 18 -0.57 -12.54 -0.64
C VAL A 18 -0.56 -11.12 -0.08
N LEU A 19 -1.17 -10.95 1.08
CA LEU A 19 -1.23 -9.65 1.73
C LEU A 19 0.14 -9.24 2.27
N LEU A 20 0.52 -8.00 2.02
CA LEU A 20 1.80 -7.48 2.48
C LEU A 20 1.73 -7.06 3.94
N MET A 21 0.90 -6.06 4.23
CA MET A 21 0.74 -5.57 5.59
C MET A 21 -0.27 -4.44 5.64
N TYR A 22 -0.89 -4.25 6.81
CA TYR A 22 -1.89 -3.20 6.99
C TYR A 22 -1.23 -1.88 7.37
N VAL A 23 -1.75 -0.79 6.83
CA VAL A 23 -1.22 0.54 7.11
C VAL A 23 -2.29 1.46 7.70
N ARG A 24 -2.06 1.90 8.93
CA ARG A 24 -3.01 2.78 9.61
C ARG A 24 -2.91 4.20 9.08
N ILE A 25 -4.05 4.81 8.81
CA ILE A 25 -4.10 6.17 8.30
C ILE A 25 -3.91 7.19 9.41
N GLY A 26 -2.78 7.08 10.11
CA GLY A 26 -2.49 8.01 11.19
C GLY A 26 -1.13 8.66 11.06
N THR A 27 -0.18 7.92 10.51
CA THR A 27 1.18 8.44 10.33
C THR A 27 1.81 7.87 9.06
N THR A 28 3.00 8.37 8.73
CA THR A 28 3.71 7.92 7.53
C THR A 28 4.74 6.85 7.89
N ALA A 29 4.64 5.70 7.23
CA ALA A 29 5.57 4.60 7.48
C ALA A 29 6.04 3.98 6.16
N THR A 30 6.98 3.04 6.26
CA THR A 30 7.51 2.37 5.08
C THR A 30 7.18 0.87 5.11
N ILE A 31 6.97 0.30 3.93
CA ILE A 31 6.66 -1.12 3.82
C ILE A 31 7.79 -1.89 3.16
N THR A 32 8.01 -3.12 3.60
CA THR A 32 9.06 -3.97 3.04
C THR A 32 8.48 -5.09 2.21
N ALA A 33 8.88 -5.16 0.94
CA ALA A 33 8.41 -6.20 0.04
C ALA A 33 9.45 -6.52 -1.03
N ARG A 34 9.66 -7.81 -1.28
CA ARG A 34 10.64 -8.24 -2.28
C ARG A 34 11.99 -7.58 -2.04
N GLY A 35 12.41 -7.53 -0.78
CA GLY A 35 13.69 -6.93 -0.45
C GLY A 35 13.76 -5.47 -0.84
N HIS A 36 12.60 -4.82 -0.97
CA HIS A 36 12.53 -3.42 -1.34
C HIS A 36 11.76 -2.62 -0.31
N GLU A 37 12.04 -1.31 -0.24
CA GLU A 37 11.37 -0.43 0.71
C GLU A 37 10.45 0.55 -0.01
N PHE A 38 9.17 0.52 0.36
CA PHE A 38 8.19 1.41 -0.26
C PHE A 38 7.55 2.31 0.79
N GLU A 39 7.86 3.61 0.71
CA GLU A 39 7.31 4.58 1.65
C GLU A 39 6.00 5.16 1.12
N VAL A 40 4.89 4.66 1.63
CA VAL A 40 3.57 5.13 1.22
C VAL A 40 3.01 6.15 2.22
N GLU A 41 2.00 6.90 1.79
CA GLU A 41 1.38 7.90 2.64
C GLU A 41 -0.13 7.69 2.72
N ALA A 42 -0.66 7.66 3.95
CA ALA A 42 -2.08 7.47 4.16
C ALA A 42 -2.75 8.75 4.64
N LYS A 43 -3.72 9.23 3.88
CA LYS A 43 -4.44 10.44 4.23
C LYS A 43 -5.91 10.16 4.52
N ASP A 44 -6.43 9.09 3.91
CA ASP A 44 -7.81 8.70 4.10
C ASP A 44 -8.14 7.44 3.31
N GLN A 45 -9.43 7.09 3.26
CA GLN A 45 -9.86 5.91 2.52
C GLN A 45 -9.33 5.92 1.09
N ASN A 46 -9.15 7.12 0.55
CA ASN A 46 -8.64 7.27 -0.82
C ASN A 46 -7.14 7.04 -0.87
N CYS A 47 -6.74 5.77 -0.93
CA CYS A 47 -5.33 5.42 -0.98
C CYS A 47 -4.93 4.96 -2.38
N LYS A 48 -3.79 5.45 -2.86
CA LYS A 48 -3.29 5.09 -4.17
C LYS A 48 -1.81 4.73 -4.13
N VAL A 49 -1.45 3.67 -4.84
CA VAL A 49 -0.06 3.22 -4.87
C VAL A 49 0.88 4.36 -5.25
N ILE A 50 1.60 4.87 -4.26
CA ILE A 50 2.54 5.97 -4.47
C ILE A 50 3.65 5.95 -3.44
N LEU A 51 4.83 6.45 -3.83
CA LEU A 51 5.97 6.50 -2.93
C LEU A 51 6.38 7.94 -2.63
N THR A 52 6.95 8.17 -1.45
CA THR A 52 7.37 9.50 -1.05
C THR A 52 8.79 9.78 -1.52
N ASN A 53 9.34 8.87 -2.32
CA ASN A 53 10.69 9.03 -2.85
C ASN A 53 10.66 9.62 -4.26
N GLY A 54 9.66 10.45 -4.53
CA GLY A 54 9.54 11.06 -5.83
C GLY A 54 9.37 10.03 -6.94
N LYS A 55 8.81 8.89 -6.59
CA LYS A 55 8.59 7.82 -7.57
C LYS A 55 7.24 7.15 -7.33
N GLN A 56 6.73 6.49 -8.38
CA GLN A 56 5.44 5.80 -8.28
C GLN A 56 5.64 4.29 -8.32
N ALA A 57 4.76 3.56 -7.62
CA ALA A 57 4.84 2.11 -7.58
C ALA A 57 4.90 1.52 -8.98
N PRO A 58 5.37 0.27 -9.07
CA PRO A 58 5.49 -0.43 -10.35
C PRO A 58 4.14 -0.78 -10.96
N ASP A 59 4.16 -1.59 -12.01
CA ASP A 59 2.94 -2.01 -12.68
C ASP A 59 2.32 -3.21 -11.97
N TRP A 60 3.09 -3.84 -11.10
CA TRP A 60 2.63 -5.01 -10.36
C TRP A 60 2.31 -4.64 -8.92
N LEU A 61 2.06 -3.36 -8.67
CA LEU A 61 1.74 -2.88 -7.33
C LEU A 61 0.31 -2.36 -7.27
N ALA A 62 -0.38 -2.66 -6.16
CA ALA A 62 -1.75 -2.21 -5.97
C ALA A 62 -2.05 -1.99 -4.49
N ALA A 63 -3.19 -1.37 -4.21
CA ALA A 63 -3.59 -1.09 -2.84
C ALA A 63 -5.10 -0.89 -2.74
N GLU A 64 -5.76 -1.72 -1.93
CA GLU A 64 -7.20 -1.63 -1.76
C GLU A 64 -7.56 -1.58 -0.28
N PRO A 65 -8.78 -1.09 0.01
CA PRO A 65 -9.28 -0.97 1.39
C PRO A 65 -9.55 -2.33 2.03
N TYR A 66 -9.83 -2.33 3.33
CA TYR A 66 -10.10 -3.55 4.06
C TYR A 66 -10.51 -3.25 5.50
N ALA A 1 -19.87 6.67 13.20
CA ALA A 1 -18.43 6.57 13.40
C ALA A 1 -17.81 5.60 12.39
N PRO A 2 -17.71 6.05 11.13
CA PRO A 2 -17.13 5.23 10.05
C PRO A 2 -15.63 5.05 10.21
N ALA A 3 -15.12 3.91 9.75
CA ALA A 3 -13.70 3.61 9.84
C ALA A 3 -13.08 3.50 8.45
N ARG A 4 -11.88 4.07 8.30
CA ARG A 4 -11.18 4.04 7.02
C ARG A 4 -9.77 3.48 7.18
N PHE A 5 -9.40 2.55 6.31
CA PHE A 5 -8.07 1.94 6.36
C PHE A 5 -7.57 1.63 4.95
N CYS A 6 -6.25 1.55 4.81
CA CYS A 6 -5.63 1.26 3.52
C CYS A 6 -4.80 -0.01 3.59
N VAL A 7 -4.87 -0.82 2.55
CA VAL A 7 -4.11 -2.06 2.49
C VAL A 7 -3.20 -2.11 1.27
N TYR A 8 -2.08 -2.81 1.39
CA TYR A 8 -1.13 -2.92 0.30
C TYR A 8 -0.87 -4.38 -0.04
N TYR A 9 -0.90 -4.70 -1.33
CA TYR A 9 -0.67 -6.06 -1.80
C TYR A 9 0.45 -6.10 -2.82
N ASP A 10 0.75 -7.30 -3.32
CA ASP A 10 1.81 -7.47 -4.31
C ASP A 10 1.26 -8.12 -5.57
N GLY A 11 1.92 -7.85 -6.70
CA GLY A 11 1.48 -8.41 -7.96
C GLY A 11 1.32 -9.91 -7.90
N HIS A 12 0.07 -10.37 -7.81
CA HIS A 12 -0.22 -11.80 -7.75
C HIS A 12 -1.72 -12.06 -7.86
N LEU A 13 -2.10 -12.96 -8.76
CA LEU A 13 -3.50 -13.30 -8.96
C LEU A 13 -4.18 -13.62 -7.64
N PRO A 14 -5.51 -13.56 -7.64
CA PRO A 14 -6.32 -13.86 -6.44
C PRO A 14 -6.28 -15.33 -6.06
N ALA A 15 -5.71 -16.15 -6.94
CA ALA A 15 -5.62 -17.59 -6.71
C ALA A 15 -4.58 -17.89 -5.64
N THR A 16 -3.48 -17.14 -5.65
CA THR A 16 -2.41 -17.33 -4.68
C THR A 16 -1.87 -15.99 -4.18
N ARG A 17 -2.73 -14.98 -4.20
CA ARG A 17 -2.34 -13.65 -3.75
C ARG A 17 -1.71 -13.70 -2.35
N VAL A 18 -1.00 -12.65 -1.98
CA VAL A 18 -0.35 -12.59 -0.68
C VAL A 18 -0.38 -11.16 -0.12
N LEU A 19 -1.07 -10.98 0.99
CA LEU A 19 -1.16 -9.67 1.63
C LEU A 19 0.17 -9.24 2.21
N LEU A 20 0.52 -7.97 1.99
CA LEU A 20 1.79 -7.43 2.48
C LEU A 20 1.66 -7.00 3.94
N MET A 21 0.82 -6.00 4.19
CA MET A 21 0.61 -5.50 5.54
C MET A 21 -0.41 -4.36 5.53
N TYR A 22 -1.07 -4.17 6.67
CA TYR A 22 -2.07 -3.11 6.80
C TYR A 22 -1.43 -1.79 7.20
N VAL A 23 -1.85 -0.71 6.54
CA VAL A 23 -1.30 0.62 6.82
C VAL A 23 -2.38 1.53 7.40
N ARG A 24 -2.25 1.84 8.69
CA ARG A 24 -3.21 2.71 9.37
C ARG A 24 -3.10 4.14 8.86
N ILE A 25 -4.24 4.78 8.61
CA ILE A 25 -4.27 6.15 8.13
C ILE A 25 -4.05 7.14 9.27
N GLY A 26 -2.93 7.01 9.96
CA GLY A 26 -2.62 7.90 11.06
C GLY A 26 -1.25 8.53 10.92
N THR A 27 -0.31 7.79 10.36
CA THR A 27 1.05 8.29 10.17
C THR A 27 1.69 7.71 8.92
N THR A 28 2.88 8.19 8.59
CA THR A 28 3.59 7.72 7.40
C THR A 28 4.61 6.65 7.77
N ALA A 29 4.52 5.50 7.13
CA ALA A 29 5.43 4.39 7.39
C ALA A 29 5.96 3.80 6.09
N THR A 30 6.90 2.86 6.20
CA THR A 30 7.48 2.22 5.04
C THR A 30 7.16 0.72 5.01
N ILE A 31 7.01 0.18 3.82
CA ILE A 31 6.70 -1.24 3.65
C ILE A 31 7.78 -1.95 2.85
N THR A 32 8.31 -3.03 3.41
CA THR A 32 9.35 -3.80 2.74
C THR A 32 8.77 -5.00 2.01
N ALA A 33 9.07 -5.12 0.72
CA ALA A 33 8.58 -6.22 -0.09
C ALA A 33 9.53 -6.54 -1.24
N ARG A 34 9.89 -7.81 -1.37
CA ARG A 34 10.80 -8.23 -2.43
C ARG A 34 12.12 -7.50 -2.35
N GLY A 35 12.68 -7.44 -1.14
CA GLY A 35 13.95 -6.74 -0.94
C GLY A 35 13.90 -5.30 -1.40
N HIS A 36 12.71 -4.70 -1.33
CA HIS A 36 12.54 -3.31 -1.74
C HIS A 36 11.69 -2.55 -0.73
N GLU A 37 12.09 -1.32 -0.44
CA GLU A 37 11.37 -0.48 0.52
C GLU A 37 10.44 0.48 -0.20
N PHE A 38 9.18 0.53 0.25
CA PHE A 38 8.20 1.41 -0.35
C PHE A 38 7.60 2.35 0.69
N GLU A 39 7.87 3.64 0.54
CA GLU A 39 7.37 4.64 1.48
C GLU A 39 6.07 5.26 0.96
N VAL A 40 4.95 4.76 1.47
CA VAL A 40 3.64 5.27 1.06
C VAL A 40 3.07 6.23 2.10
N GLU A 41 2.12 7.05 1.67
CA GLU A 41 1.49 8.02 2.57
C GLU A 41 -0.01 7.78 2.65
N ALA A 42 -0.53 7.75 3.86
CA ALA A 42 -1.97 7.53 4.08
C ALA A 42 -2.66 8.84 4.46
N LYS A 43 -3.62 9.25 3.63
CA LYS A 43 -4.36 10.48 3.87
C LYS A 43 -5.84 10.18 4.11
N ASP A 44 -6.31 9.07 3.56
CA ASP A 44 -7.71 8.67 3.71
C ASP A 44 -7.98 7.36 2.99
N GLN A 45 -9.24 6.93 3.00
CA GLN A 45 -9.63 5.69 2.35
C GLN A 45 -9.14 5.67 0.90
N ASN A 46 -9.05 6.84 0.28
CA ASN A 46 -8.59 6.94 -1.10
C ASN A 46 -7.07 6.86 -1.18
N CYS A 47 -6.54 5.64 -1.18
CA CYS A 47 -5.11 5.43 -1.25
C CYS A 47 -4.69 4.94 -2.64
N LYS A 48 -3.62 5.51 -3.16
CA LYS A 48 -3.11 5.13 -4.48
C LYS A 48 -1.63 4.77 -4.42
N VAL A 49 -1.26 3.71 -5.12
CA VAL A 49 0.12 3.25 -5.15
C VAL A 49 1.06 4.40 -5.50
N ILE A 50 1.77 4.91 -4.51
CA ILE A 50 2.72 6.00 -4.71
C ILE A 50 3.80 5.99 -3.65
N LEU A 51 4.98 6.49 -4.02
CA LEU A 51 6.11 6.54 -3.09
C LEU A 51 6.53 7.99 -2.83
N THR A 52 7.09 8.22 -1.65
CA THR A 52 7.54 9.56 -1.27
C THR A 52 8.97 9.81 -1.74
N ASN A 53 9.51 8.87 -2.50
CA ASN A 53 10.87 8.99 -3.02
C ASN A 53 10.87 9.57 -4.43
N GLY A 54 9.89 10.42 -4.71
CA GLY A 54 9.81 11.03 -6.04
C GLY A 54 9.63 10.01 -7.14
N LYS A 55 9.07 8.85 -6.79
CA LYS A 55 8.84 7.78 -7.75
C LYS A 55 7.50 7.10 -7.51
N GLN A 56 6.98 6.45 -8.54
CA GLN A 56 5.70 5.75 -8.43
C GLN A 56 5.91 4.24 -8.43
N ALA A 57 5.01 3.52 -7.76
CA ALA A 57 5.08 2.08 -7.67
C ALA A 57 5.22 1.45 -9.06
N PRO A 58 5.70 0.20 -9.10
CA PRO A 58 5.89 -0.53 -10.36
C PRO A 58 4.57 -0.91 -11.00
N ASP A 59 4.64 -1.74 -12.04
CA ASP A 59 3.44 -2.19 -12.76
C ASP A 59 2.80 -3.37 -12.05
N TRP A 60 3.54 -3.97 -11.13
CA TRP A 60 3.04 -5.13 -10.39
C TRP A 60 2.67 -4.73 -8.96
N LEU A 61 2.38 -3.45 -8.76
CA LEU A 61 2.01 -2.95 -7.45
C LEU A 61 0.57 -2.44 -7.45
N ALA A 62 -0.11 -2.61 -6.32
CA ALA A 62 -1.49 -2.16 -6.18
C ALA A 62 -1.81 -1.74 -4.75
N ALA A 63 -3.00 -1.20 -4.53
CA ALA A 63 -3.42 -0.77 -3.21
C ALA A 63 -4.94 -0.70 -3.11
N GLU A 64 -5.51 -1.58 -2.30
CA GLU A 64 -6.96 -1.63 -2.11
C GLU A 64 -7.34 -1.14 -0.71
N PRO A 65 -8.61 -0.75 -0.56
CA PRO A 65 -9.13 -0.26 0.73
C PRO A 65 -9.24 -1.36 1.77
N TYR A 66 -9.86 -1.04 2.90
CA TYR A 66 -10.02 -2.00 3.98
C TYR A 66 -10.83 -3.21 3.52
N ALA A 1 -19.92 8.06 11.81
CA ALA A 1 -18.49 8.31 11.85
C ALA A 1 -17.71 7.01 11.70
N PRO A 2 -17.69 6.47 10.48
CA PRO A 2 -16.98 5.22 10.18
C PRO A 2 -15.46 5.39 10.23
N ALA A 3 -14.74 4.31 9.98
CA ALA A 3 -13.29 4.33 9.99
C ALA A 3 -12.72 4.04 8.61
N ARG A 4 -11.64 4.74 8.27
CA ARG A 4 -10.99 4.56 6.97
C ARG A 4 -9.59 3.95 7.13
N PHE A 5 -9.33 2.88 6.39
CA PHE A 5 -8.04 2.20 6.45
C PHE A 5 -7.61 1.73 5.06
N CYS A 6 -6.30 1.80 4.81
CA CYS A 6 -5.76 1.37 3.52
C CYS A 6 -4.96 0.08 3.67
N VAL A 7 -4.79 -0.63 2.56
CA VAL A 7 -4.03 -1.88 2.56
C VAL A 7 -3.25 -2.05 1.26
N TYR A 8 -2.09 -2.67 1.37
CA TYR A 8 -1.22 -2.89 0.21
C TYR A 8 -1.22 -4.37 -0.18
N TYR A 9 -0.97 -4.63 -1.46
CA TYR A 9 -0.94 -6.00 -1.97
C TYR A 9 0.24 -6.20 -2.92
N ASP A 10 0.49 -7.45 -3.29
CA ASP A 10 1.57 -7.78 -4.21
C ASP A 10 1.06 -8.52 -5.43
N GLY A 11 1.78 -8.39 -6.54
CA GLY A 11 1.37 -9.05 -7.76
C GLY A 11 1.12 -10.54 -7.57
N HIS A 12 -0.15 -10.92 -7.50
CA HIS A 12 -0.51 -12.32 -7.31
C HIS A 12 -2.01 -12.51 -7.48
N LEU A 13 -2.39 -13.48 -8.30
CA LEU A 13 -3.80 -13.77 -8.55
C LEU A 13 -4.56 -13.93 -7.24
N PRO A 14 -5.89 -13.81 -7.30
CA PRO A 14 -6.76 -13.94 -6.13
C PRO A 14 -6.83 -15.37 -5.62
N ALA A 15 -6.26 -16.30 -6.38
CA ALA A 15 -6.24 -17.71 -6.00
C ALA A 15 -5.25 -17.96 -4.88
N THR A 16 -4.13 -17.25 -4.91
CA THR A 16 -3.09 -17.41 -3.89
C THR A 16 -2.52 -16.05 -3.49
N ARG A 17 -3.33 -15.00 -3.62
CA ARG A 17 -2.90 -13.65 -3.26
C ARG A 17 -2.33 -13.62 -1.85
N VAL A 18 -1.57 -12.57 -1.56
CA VAL A 18 -0.96 -12.41 -0.24
C VAL A 18 -0.93 -10.95 0.18
N LEU A 19 -1.39 -10.68 1.40
CA LEU A 19 -1.41 -9.32 1.93
C LEU A 19 -0.06 -8.94 2.52
N LEU A 20 0.42 -7.75 2.17
CA LEU A 20 1.70 -7.26 2.66
C LEU A 20 1.58 -6.76 4.09
N MET A 21 0.75 -5.74 4.29
CA MET A 21 0.54 -5.17 5.62
C MET A 21 -0.48 -4.03 5.57
N TYR A 22 -1.08 -3.74 6.71
CA TYR A 22 -2.08 -2.68 6.79
C TYR A 22 -1.41 -1.33 7.04
N VAL A 23 -2.09 -0.26 6.62
CA VAL A 23 -1.57 1.09 6.80
C VAL A 23 -2.61 2.02 7.40
N ARG A 24 -2.42 2.39 8.66
CA ARG A 24 -3.36 3.27 9.34
C ARG A 24 -3.18 4.72 8.88
N ILE A 25 -4.29 5.44 8.77
CA ILE A 25 -4.26 6.82 8.34
C ILE A 25 -3.92 7.76 9.49
N GLY A 26 -2.78 7.50 10.13
CA GLY A 26 -2.36 8.33 11.25
C GLY A 26 -0.95 8.85 11.09
N THR A 27 -0.09 8.07 10.45
CA THR A 27 1.29 8.46 10.22
C THR A 27 1.84 7.84 8.95
N THR A 28 3.06 8.23 8.58
CA THR A 28 3.70 7.71 7.38
C THR A 28 4.64 6.56 7.71
N ALA A 29 4.42 5.41 7.06
CA ALA A 29 5.25 4.25 7.27
C ALA A 29 5.74 3.65 5.95
N THR A 30 6.60 2.65 6.05
CA THR A 30 7.13 2.00 4.85
C THR A 30 6.77 0.52 4.81
N ILE A 31 6.54 0.01 3.61
CA ILE A 31 6.18 -1.40 3.44
C ILE A 31 7.30 -2.18 2.77
N THR A 32 7.68 -3.31 3.38
CA THR A 32 8.74 -4.13 2.84
C THR A 32 8.18 -5.26 1.98
N ALA A 33 8.65 -5.35 0.73
CA ALA A 33 8.19 -6.37 -0.19
C ALA A 33 9.27 -6.72 -1.20
N ARG A 34 9.46 -8.02 -1.44
CA ARG A 34 10.47 -8.48 -2.39
C ARG A 34 11.83 -7.86 -2.09
N GLY A 35 12.20 -7.86 -0.81
CA GLY A 35 13.48 -7.30 -0.41
C GLY A 35 13.61 -5.84 -0.78
N HIS A 36 12.48 -5.19 -1.02
CA HIS A 36 12.48 -3.78 -1.39
C HIS A 36 11.53 -2.98 -0.49
N GLU A 37 12.02 -1.86 0.02
CA GLU A 37 11.21 -1.01 0.89
C GLU A 37 10.46 0.05 0.09
N PHE A 38 9.17 0.19 0.36
CA PHE A 38 8.34 1.17 -0.34
C PHE A 38 7.65 2.10 0.65
N GLU A 39 8.06 3.37 0.63
CA GLU A 39 7.48 4.37 1.53
C GLU A 39 6.33 5.11 0.85
N VAL A 40 5.13 4.99 1.42
CA VAL A 40 3.96 5.65 0.87
C VAL A 40 3.43 6.72 1.82
N GLU A 41 2.29 7.30 1.47
CA GLU A 41 1.67 8.34 2.31
C GLU A 41 0.19 8.09 2.47
N ALA A 42 -0.28 8.06 3.71
CA ALA A 42 -1.69 7.84 4.00
C ALA A 42 -2.38 9.14 4.38
N LYS A 43 -3.40 9.50 3.61
CA LYS A 43 -4.16 10.72 3.87
C LYS A 43 -5.62 10.41 4.20
N ASP A 44 -6.12 9.31 3.64
CA ASP A 44 -7.49 8.90 3.88
C ASP A 44 -7.81 7.61 3.13
N GLN A 45 -9.08 7.23 3.12
CA GLN A 45 -9.52 6.02 2.45
C GLN A 45 -9.03 5.99 1.00
N ASN A 46 -8.93 7.17 0.39
CA ASN A 46 -8.47 7.29 -0.99
C ASN A 46 -6.95 7.14 -1.06
N CYS A 47 -6.48 5.89 -1.07
CA CYS A 47 -5.05 5.62 -1.15
C CYS A 47 -4.66 5.12 -2.53
N LYS A 48 -3.55 5.63 -3.05
CA LYS A 48 -3.07 5.24 -4.37
C LYS A 48 -1.57 4.94 -4.34
N VAL A 49 -1.17 3.88 -5.02
CA VAL A 49 0.23 3.49 -5.07
C VAL A 49 1.12 4.66 -5.48
N ILE A 50 1.81 5.23 -4.51
CA ILE A 50 2.70 6.36 -4.76
C ILE A 50 3.81 6.43 -3.72
N LEU A 51 4.95 6.97 -4.12
CA LEU A 51 6.10 7.10 -3.23
C LEU A 51 6.44 8.57 -2.99
N THR A 52 7.10 8.84 -1.87
CA THR A 52 7.49 10.21 -1.53
C THR A 52 8.84 10.56 -2.12
N ASN A 53 9.37 9.67 -2.96
CA ASN A 53 10.66 9.89 -3.61
C ASN A 53 10.48 10.32 -5.06
N GLY A 54 9.37 11.00 -5.33
CA GLY A 54 9.10 11.45 -6.69
C GLY A 54 8.97 10.31 -7.67
N LYS A 55 8.73 9.11 -7.15
CA LYS A 55 8.57 7.93 -7.99
C LYS A 55 7.24 7.24 -7.73
N GLN A 56 6.78 6.46 -8.70
CA GLN A 56 5.51 5.75 -8.58
C GLN A 56 5.73 4.24 -8.67
N ALA A 57 4.93 3.49 -7.90
CA ALA A 57 5.05 2.03 -7.89
C ALA A 57 5.00 1.47 -9.30
N PRO A 58 5.48 0.24 -9.47
CA PRO A 58 5.50 -0.45 -10.77
C PRO A 58 4.11 -0.83 -11.25
N ASP A 59 4.04 -1.62 -12.31
CA ASP A 59 2.77 -2.06 -12.86
C ASP A 59 2.19 -3.21 -12.06
N TRP A 60 3.06 -3.94 -11.37
CA TRP A 60 2.64 -5.08 -10.56
C TRP A 60 2.36 -4.65 -9.12
N LEU A 61 2.24 -3.34 -8.91
CA LEU A 61 1.96 -2.81 -7.58
C LEU A 61 0.58 -2.16 -7.52
N ALA A 62 -0.18 -2.51 -6.51
CA ALA A 62 -1.53 -1.95 -6.33
C ALA A 62 -1.82 -1.68 -4.86
N ALA A 63 -2.96 -1.04 -4.60
CA ALA A 63 -3.35 -0.73 -3.23
C ALA A 63 -4.87 -0.53 -3.14
N GLU A 64 -5.51 -1.36 -2.33
CA GLU A 64 -6.96 -1.29 -2.15
C GLU A 64 -7.32 -1.30 -0.67
N PRO A 65 -8.55 -0.84 -0.35
CA PRO A 65 -9.04 -0.78 1.02
C PRO A 65 -9.32 -2.16 1.59
N TYR A 66 -9.03 -2.35 2.88
CA TYR A 66 -9.24 -3.63 3.53
C TYR A 66 -8.84 -3.56 5.01
N ALA A 1 -17.50 10.68 11.69
CA ALA A 1 -16.15 10.18 11.77
C ALA A 1 -16.11 8.66 11.55
N PRO A 2 -16.35 8.24 10.30
CA PRO A 2 -16.35 6.82 9.93
C PRO A 2 -14.96 6.20 9.98
N ALA A 3 -14.89 4.89 9.81
CA ALA A 3 -13.61 4.18 9.84
C ALA A 3 -13.01 4.08 8.43
N ARG A 4 -11.76 4.48 8.30
CA ARG A 4 -11.07 4.43 7.02
C ARG A 4 -9.67 3.83 7.16
N PHE A 5 -9.39 2.82 6.35
CA PHE A 5 -8.09 2.15 6.38
C PHE A 5 -7.61 1.81 4.98
N CYS A 6 -6.35 1.43 4.87
CA CYS A 6 -5.77 1.08 3.58
C CYS A 6 -4.86 -0.14 3.71
N VAL A 7 -4.78 -0.93 2.64
CA VAL A 7 -3.95 -2.13 2.64
C VAL A 7 -3.11 -2.21 1.36
N TYR A 8 -1.89 -2.71 1.50
CA TYR A 8 -0.98 -2.83 0.36
C TYR A 8 -0.75 -4.30 0.02
N TYR A 9 -0.82 -4.61 -1.27
CA TYR A 9 -0.61 -5.99 -1.73
C TYR A 9 0.51 -6.04 -2.77
N ASP A 10 0.80 -7.25 -3.25
CA ASP A 10 1.85 -7.45 -4.24
C ASP A 10 1.30 -8.13 -5.49
N GLY A 11 1.93 -7.86 -6.63
CA GLY A 11 1.49 -8.45 -7.88
C GLY A 11 1.33 -9.95 -7.78
N HIS A 12 0.08 -10.41 -7.68
CA HIS A 12 -0.21 -11.83 -7.59
C HIS A 12 -1.71 -12.09 -7.68
N LEU A 13 -2.09 -13.01 -8.56
CA LEU A 13 -3.50 -13.35 -8.75
C LEU A 13 -4.17 -13.65 -7.41
N PRO A 14 -5.51 -13.59 -7.40
CA PRO A 14 -6.30 -13.86 -6.19
C PRO A 14 -6.27 -15.33 -5.79
N ALA A 15 -5.70 -16.17 -6.66
CA ALA A 15 -5.60 -17.60 -6.39
C ALA A 15 -4.55 -17.88 -5.32
N THR A 16 -3.46 -17.12 -5.36
CA THR A 16 -2.38 -17.31 -4.39
C THR A 16 -1.83 -15.96 -3.92
N ARG A 17 -2.69 -14.94 -3.95
CA ARG A 17 -2.29 -13.60 -3.53
C ARG A 17 -1.67 -13.64 -2.14
N VAL A 18 -0.94 -12.58 -1.79
CA VAL A 18 -0.29 -12.48 -0.50
C VAL A 18 -0.31 -11.06 0.03
N LEU A 19 -0.98 -10.86 1.16
CA LEU A 19 -1.08 -9.54 1.77
C LEU A 19 0.27 -9.09 2.33
N LEU A 20 0.65 -7.85 2.03
CA LEU A 20 1.92 -7.30 2.50
C LEU A 20 1.81 -6.87 3.96
N MET A 21 0.94 -5.91 4.24
CA MET A 21 0.74 -5.41 5.59
C MET A 21 -0.33 -4.32 5.62
N TYR A 22 -0.94 -4.14 6.78
CA TYR A 22 -1.99 -3.13 6.94
C TYR A 22 -1.39 -1.77 7.26
N VAL A 23 -2.00 -0.72 6.72
CA VAL A 23 -1.53 0.64 6.96
C VAL A 23 -2.64 1.51 7.53
N ARG A 24 -2.46 1.93 8.78
CA ARG A 24 -3.45 2.77 9.45
C ARG A 24 -3.35 4.21 8.96
N ILE A 25 -4.51 4.85 8.78
CA ILE A 25 -4.55 6.23 8.31
C ILE A 25 -4.30 7.20 9.46
N GLY A 26 -3.16 7.06 10.11
CA GLY A 26 -2.81 7.93 11.22
C GLY A 26 -1.44 8.56 11.05
N THR A 27 -0.52 7.83 10.44
CA THR A 27 0.84 8.32 10.23
C THR A 27 1.45 7.72 8.96
N THR A 28 2.61 8.21 8.59
CA THR A 28 3.30 7.74 7.40
C THR A 28 4.35 6.69 7.75
N ALA A 29 4.24 5.52 7.13
CA ALA A 29 5.19 4.44 7.38
C ALA A 29 5.71 3.85 6.07
N THR A 30 6.67 2.93 6.18
CA THR A 30 7.24 2.29 5.01
C THR A 30 6.91 0.80 4.97
N ILE A 31 6.75 0.26 3.76
CA ILE A 31 6.43 -1.15 3.59
C ILE A 31 7.59 -1.90 2.95
N THR A 32 7.79 -3.14 3.37
CA THR A 32 8.86 -3.97 2.83
C THR A 32 8.31 -5.13 2.01
N ALA A 33 8.74 -5.23 0.76
CA ALA A 33 8.29 -6.29 -0.12
C ALA A 33 9.36 -6.63 -1.17
N ARG A 34 9.57 -7.91 -1.41
CA ARG A 34 10.55 -8.36 -2.38
C ARG A 34 11.90 -7.71 -2.11
N GLY A 35 12.33 -7.73 -0.85
CA GLY A 35 13.61 -7.15 -0.50
C GLY A 35 13.71 -5.68 -0.90
N HIS A 36 12.56 -5.03 -1.05
CA HIS A 36 12.53 -3.63 -1.45
C HIS A 36 11.68 -2.82 -0.48
N GLU A 37 12.04 -1.55 -0.30
CA GLU A 37 11.31 -0.67 0.61
C GLU A 37 10.45 0.31 -0.17
N PHE A 38 9.20 0.48 0.26
CA PHE A 38 8.28 1.39 -0.40
C PHE A 38 7.58 2.29 0.62
N GLU A 39 7.85 3.58 0.55
CA GLU A 39 7.26 4.55 1.46
C GLU A 39 5.98 5.14 0.87
N VAL A 40 4.84 4.75 1.44
CA VAL A 40 3.55 5.24 0.97
C VAL A 40 2.95 6.25 1.95
N GLU A 41 1.99 7.04 1.46
CA GLU A 41 1.34 8.04 2.30
C GLU A 41 -0.14 7.72 2.48
N ALA A 42 -0.60 7.72 3.72
CA ALA A 42 -2.00 7.45 4.03
C ALA A 42 -2.74 8.71 4.42
N LYS A 43 -3.72 9.09 3.60
CA LYS A 43 -4.51 10.29 3.87
C LYS A 43 -5.97 9.95 4.11
N ASP A 44 -6.41 8.82 3.53
CA ASP A 44 -7.79 8.37 3.70
C ASP A 44 -8.01 7.07 2.94
N GLN A 45 -9.26 6.60 2.95
CA GLN A 45 -9.62 5.36 2.27
C GLN A 45 -9.14 5.38 0.83
N ASN A 46 -9.09 6.57 0.23
CA ASN A 46 -8.65 6.72 -1.15
C ASN A 46 -7.13 6.67 -1.25
N CYS A 47 -6.59 5.47 -1.29
CA CYS A 47 -5.15 5.28 -1.39
C CYS A 47 -4.75 4.83 -2.78
N LYS A 48 -3.67 5.41 -3.30
CA LYS A 48 -3.18 5.07 -4.64
C LYS A 48 -1.71 4.70 -4.59
N VAL A 49 -1.34 3.66 -5.33
CA VAL A 49 0.05 3.19 -5.37
C VAL A 49 0.99 4.34 -5.73
N ILE A 50 1.68 4.86 -4.71
CA ILE A 50 2.62 5.96 -4.92
C ILE A 50 3.70 5.96 -3.84
N LEU A 51 4.87 6.46 -4.19
CA LEU A 51 5.99 6.53 -3.26
C LEU A 51 6.34 7.98 -2.93
N THR A 52 6.88 8.19 -1.74
CA THR A 52 7.27 9.54 -1.30
C THR A 52 8.68 9.87 -1.74
N ASN A 53 9.27 8.99 -2.55
CA ASN A 53 10.63 9.19 -3.03
C ASN A 53 10.62 9.72 -4.46
N GLY A 54 9.58 10.49 -4.80
CA GLY A 54 9.48 11.05 -6.12
C GLY A 54 9.40 10.00 -7.20
N LYS A 55 8.81 8.85 -6.86
CA LYS A 55 8.67 7.75 -7.81
C LYS A 55 7.31 7.07 -7.66
N GLN A 56 6.88 6.38 -8.70
CA GLN A 56 5.60 5.68 -8.69
C GLN A 56 5.81 4.17 -8.67
N ALA A 57 4.92 3.48 -7.97
CA ALA A 57 4.99 2.02 -7.86
C ALA A 57 5.10 1.38 -9.24
N PRO A 58 5.57 0.13 -9.29
CA PRO A 58 5.73 -0.62 -10.54
C PRO A 58 4.39 -1.00 -11.15
N ASP A 59 4.44 -1.84 -12.18
CA ASP A 59 3.23 -2.29 -12.86
C ASP A 59 2.61 -3.47 -12.12
N TRP A 60 3.36 -4.06 -11.21
CA TRP A 60 2.87 -5.21 -10.44
C TRP A 60 2.53 -4.78 -9.01
N LEU A 61 2.25 -3.50 -8.83
CA LEU A 61 1.91 -2.98 -7.51
C LEU A 61 0.47 -2.45 -7.49
N ALA A 62 -0.23 -2.69 -6.39
CA ALA A 62 -1.60 -2.24 -6.25
C ALA A 62 -1.93 -1.94 -4.79
N ALA A 63 -3.17 -1.50 -4.55
CA ALA A 63 -3.60 -1.16 -3.19
C ALA A 63 -5.11 -1.29 -3.06
N GLU A 64 -5.56 -2.14 -2.15
CA GLU A 64 -6.98 -2.35 -1.93
C GLU A 64 -7.48 -1.51 -0.75
N PRO A 65 -8.80 -1.30 -0.69
CA PRO A 65 -9.44 -0.52 0.38
C PRO A 65 -9.40 -1.24 1.72
N TYR A 66 -9.98 -0.62 2.74
CA TYR A 66 -10.02 -1.20 4.07
C TYR A 66 -10.57 -2.63 4.04
N ALA A 1 -18.53 11.20 10.73
CA ALA A 1 -17.10 11.12 10.40
C ALA A 1 -16.59 9.69 10.47
N PRO A 2 -17.02 8.87 9.49
CA PRO A 2 -16.62 7.47 9.40
C PRO A 2 -15.14 7.30 9.05
N ALA A 3 -14.41 6.58 9.90
CA ALA A 3 -12.99 6.35 9.67
C ALA A 3 -12.77 5.06 8.88
N ARG A 4 -11.68 5.04 8.11
CA ARG A 4 -11.35 3.87 7.30
C ARG A 4 -9.86 3.56 7.36
N PHE A 5 -9.45 2.50 6.69
CA PHE A 5 -8.06 2.10 6.67
C PHE A 5 -7.61 1.74 5.24
N CYS A 6 -6.30 1.55 5.07
CA CYS A 6 -5.75 1.21 3.77
C CYS A 6 -4.87 -0.04 3.87
N VAL A 7 -4.85 -0.82 2.79
CA VAL A 7 -4.06 -2.04 2.75
C VAL A 7 -3.18 -2.08 1.50
N TYR A 8 -2.06 -2.79 1.60
CA TYR A 8 -1.13 -2.91 0.48
C TYR A 8 -0.90 -4.38 0.12
N TYR A 9 -0.93 -4.67 -1.17
CA TYR A 9 -0.72 -6.03 -1.66
C TYR A 9 0.40 -6.08 -2.68
N ASP A 10 0.69 -7.28 -3.18
CA ASP A 10 1.74 -7.46 -4.17
C ASP A 10 1.19 -8.12 -5.43
N GLY A 11 1.84 -7.85 -6.56
CA GLY A 11 1.40 -8.42 -7.82
C GLY A 11 1.23 -9.93 -7.75
N HIS A 12 -0.02 -10.38 -7.65
CA HIS A 12 -0.30 -11.81 -7.58
C HIS A 12 -1.80 -12.07 -7.68
N LEU A 13 -2.18 -12.97 -8.58
CA LEU A 13 -3.58 -13.31 -8.77
C LEU A 13 -4.27 -13.63 -7.44
N PRO A 14 -5.60 -13.57 -7.44
CA PRO A 14 -6.40 -13.85 -6.24
C PRO A 14 -6.37 -15.32 -5.85
N ALA A 15 -5.80 -16.14 -6.72
CA ALA A 15 -5.71 -17.57 -6.47
C ALA A 15 -4.67 -17.88 -5.40
N THR A 16 -3.56 -17.12 -5.42
CA THR A 16 -2.50 -17.31 -4.45
C THR A 16 -1.96 -15.97 -3.95
N ARG A 17 -2.81 -14.95 -3.98
CA ARG A 17 -2.43 -13.62 -3.53
C ARG A 17 -1.81 -13.67 -2.14
N VAL A 18 -1.10 -12.61 -1.77
CA VAL A 18 -0.45 -12.52 -0.47
C VAL A 18 -0.48 -11.11 0.08
N LEU A 19 -1.06 -10.94 1.26
CA LEU A 19 -1.15 -9.63 1.89
C LEU A 19 0.19 -9.20 2.45
N LEU A 20 0.58 -7.95 2.18
CA LEU A 20 1.85 -7.43 2.66
C LEU A 20 1.74 -6.97 4.11
N MET A 21 0.89 -5.97 4.35
CA MET A 21 0.68 -5.46 5.70
C MET A 21 -0.35 -4.34 5.70
N TYR A 22 -0.95 -4.09 6.86
CA TYR A 22 -1.97 -3.05 7.00
C TYR A 22 -1.31 -1.70 7.26
N VAL A 23 -1.95 -0.64 6.77
CA VAL A 23 -1.44 0.71 6.95
C VAL A 23 -2.50 1.62 7.58
N ARG A 24 -2.30 1.97 8.85
CA ARG A 24 -3.23 2.83 9.56
C ARG A 24 -3.17 4.26 9.04
N ILE A 25 -4.33 4.89 8.90
CA ILE A 25 -4.40 6.26 8.41
C ILE A 25 -4.10 7.25 9.52
N GLY A 26 -2.93 7.13 10.13
CA GLY A 26 -2.55 8.03 11.20
C GLY A 26 -1.19 8.65 10.97
N THR A 27 -0.28 7.91 10.34
CA THR A 27 1.06 8.40 10.05
C THR A 27 1.62 7.76 8.79
N THR A 28 2.79 8.23 8.37
CA THR A 28 3.44 7.71 7.17
C THR A 28 4.47 6.65 7.51
N ALA A 29 4.34 5.47 6.93
CA ALA A 29 5.27 4.38 7.18
C ALA A 29 5.78 3.77 5.88
N THR A 30 6.73 2.85 5.99
CA THR A 30 7.30 2.20 4.81
C THR A 30 7.02 0.70 4.82
N ILE A 31 6.85 0.14 3.64
CA ILE A 31 6.57 -1.29 3.50
C ILE A 31 7.73 -2.01 2.82
N THR A 32 8.12 -3.15 3.38
CA THR A 32 9.22 -3.94 2.83
C THR A 32 8.69 -5.20 2.14
N ALA A 33 8.91 -5.27 0.83
CA ALA A 33 8.46 -6.42 0.04
C ALA A 33 9.42 -6.72 -1.09
N ARG A 34 9.70 -8.00 -1.31
CA ARG A 34 10.61 -8.41 -2.38
C ARG A 34 11.95 -7.69 -2.27
N GLY A 35 12.39 -7.47 -1.03
CA GLY A 35 13.65 -6.79 -0.81
C GLY A 35 13.63 -5.35 -1.26
N HIS A 36 12.43 -4.77 -1.34
CA HIS A 36 12.27 -3.39 -1.77
C HIS A 36 11.48 -2.58 -0.73
N GLU A 37 11.94 -1.37 -0.46
CA GLU A 37 11.29 -0.50 0.51
C GLU A 37 10.40 0.52 -0.19
N PHE A 38 9.10 0.46 0.08
CA PHE A 38 8.15 1.38 -0.52
C PHE A 38 7.51 2.28 0.54
N GLU A 39 7.78 3.57 0.46
CA GLU A 39 7.24 4.54 1.41
C GLU A 39 6.00 5.21 0.84
N VAL A 40 4.83 4.77 1.32
CA VAL A 40 3.56 5.32 0.86
C VAL A 40 3.01 6.33 1.87
N GLU A 41 1.95 7.03 1.47
CA GLU A 41 1.32 8.02 2.34
C GLU A 41 -0.15 7.71 2.55
N ALA A 42 -0.59 7.77 3.80
CA ALA A 42 -1.98 7.50 4.13
C ALA A 42 -2.72 8.77 4.52
N LYS A 43 -3.69 9.16 3.70
CA LYS A 43 -4.47 10.37 3.96
C LYS A 43 -5.94 10.04 4.20
N ASP A 44 -6.39 8.92 3.63
CA ASP A 44 -7.76 8.48 3.79
C ASP A 44 -8.01 7.18 3.03
N GLN A 45 -9.26 6.72 3.04
CA GLN A 45 -9.62 5.49 2.35
C GLN A 45 -9.14 5.50 0.90
N ASN A 46 -9.09 6.69 0.31
CA ASN A 46 -8.64 6.83 -1.07
C ASN A 46 -7.12 6.77 -1.16
N CYS A 47 -6.60 5.55 -1.20
CA CYS A 47 -5.16 5.34 -1.28
C CYS A 47 -4.75 4.88 -2.69
N LYS A 48 -3.68 5.45 -3.21
CA LYS A 48 -3.19 5.11 -4.53
C LYS A 48 -1.72 4.74 -4.49
N VAL A 49 -1.34 3.70 -5.24
CA VAL A 49 0.04 3.24 -5.28
C VAL A 49 0.98 4.39 -5.64
N ILE A 50 1.66 4.93 -4.63
CA ILE A 50 2.59 6.03 -4.85
C ILE A 50 3.67 6.05 -3.77
N LEU A 51 4.85 6.56 -4.12
CA LEU A 51 5.96 6.64 -3.18
C LEU A 51 6.35 8.09 -2.93
N THR A 52 6.87 8.35 -1.72
CA THR A 52 7.28 9.70 -1.35
C THR A 52 8.73 9.97 -1.77
N ASN A 53 9.30 9.03 -2.51
CA ASN A 53 10.68 9.16 -2.97
C ASN A 53 10.72 9.68 -4.41
N GLY A 54 9.74 10.50 -4.76
CA GLY A 54 9.68 11.06 -6.10
C GLY A 54 9.55 9.99 -7.17
N LYS A 55 8.97 8.86 -6.80
CA LYS A 55 8.78 7.75 -7.73
C LYS A 55 7.42 7.09 -7.54
N GLN A 56 6.96 6.39 -8.56
CA GLN A 56 5.67 5.71 -8.50
C GLN A 56 5.85 4.20 -8.48
N ALA A 57 4.95 3.51 -7.79
CA ALA A 57 5.02 2.05 -7.69
C ALA A 57 5.13 1.42 -9.07
N PRO A 58 5.60 0.16 -9.10
CA PRO A 58 5.75 -0.59 -10.35
C PRO A 58 4.42 -0.96 -10.98
N ASP A 59 4.46 -1.80 -12.01
CA ASP A 59 3.26 -2.24 -12.70
C ASP A 59 2.62 -3.41 -11.98
N TRP A 60 3.36 -4.02 -11.06
CA TRP A 60 2.87 -5.15 -10.29
C TRP A 60 2.51 -4.74 -8.87
N LEU A 61 2.24 -3.46 -8.68
CA LEU A 61 1.90 -2.93 -7.36
C LEU A 61 0.45 -2.42 -7.34
N ALA A 62 -0.22 -2.59 -6.21
CA ALA A 62 -1.59 -2.14 -6.06
C ALA A 62 -1.88 -1.73 -4.62
N ALA A 63 -3.03 -1.08 -4.41
CA ALA A 63 -3.42 -0.64 -3.08
C ALA A 63 -4.94 -0.45 -2.99
N GLU A 64 -5.60 -1.28 -2.20
CA GLU A 64 -7.04 -1.20 -2.04
C GLU A 64 -7.40 -0.68 -0.65
N PRO A 65 -8.63 -0.19 -0.51
CA PRO A 65 -9.13 0.35 0.77
C PRO A 65 -9.34 -0.73 1.81
N TYR A 66 -9.95 -0.37 2.93
CA TYR A 66 -10.21 -1.31 4.01
C TYR A 66 -11.34 -2.26 3.64
N ALA A 1 -18.27 11.31 8.41
CA ALA A 1 -16.83 11.07 8.38
C ALA A 1 -16.49 9.68 8.88
N PRO A 2 -16.84 8.66 8.07
CA PRO A 2 -16.57 7.26 8.42
C PRO A 2 -15.08 6.92 8.37
N ALA A 3 -14.60 6.28 9.43
CA ALA A 3 -13.19 5.90 9.51
C ALA A 3 -12.88 4.74 8.57
N ARG A 4 -11.73 4.81 7.91
CA ARG A 4 -11.32 3.77 6.98
C ARG A 4 -9.83 3.44 7.14
N PHE A 5 -9.35 2.47 6.38
CA PHE A 5 -7.96 2.07 6.44
C PHE A 5 -7.40 1.82 5.04
N CYS A 6 -6.13 1.44 4.98
CA CYS A 6 -5.47 1.18 3.70
C CYS A 6 -4.54 -0.03 3.82
N VAL A 7 -4.62 -0.92 2.83
CA VAL A 7 -3.79 -2.12 2.81
C VAL A 7 -2.99 -2.22 1.51
N TYR A 8 -1.79 -2.77 1.61
CA TYR A 8 -0.93 -2.93 0.43
C TYR A 8 -0.83 -4.40 0.02
N TYR A 9 -0.83 -4.62 -1.29
CA TYR A 9 -0.74 -5.99 -1.82
C TYR A 9 0.33 -6.08 -2.92
N ASP A 10 0.56 -7.28 -3.40
CA ASP A 10 1.55 -7.51 -4.45
C ASP A 10 0.91 -8.17 -5.67
N GLY A 11 1.50 -7.94 -6.84
CA GLY A 11 0.98 -8.52 -8.06
C GLY A 11 0.79 -10.03 -7.94
N HIS A 12 -0.45 -10.45 -7.77
CA HIS A 12 -0.76 -11.88 -7.64
C HIS A 12 -2.27 -12.11 -7.66
N LEU A 13 -2.72 -13.03 -8.51
CA LEU A 13 -4.14 -13.34 -8.62
C LEU A 13 -4.74 -13.62 -7.26
N PRO A 14 -6.07 -13.54 -7.16
CA PRO A 14 -6.80 -13.78 -5.91
C PRO A 14 -6.77 -15.26 -5.50
N ALA A 15 -6.27 -16.10 -6.39
CA ALA A 15 -6.18 -17.53 -6.13
C ALA A 15 -5.07 -17.83 -5.12
N THR A 16 -3.97 -17.09 -5.22
CA THR A 16 -2.84 -17.29 -4.32
C THR A 16 -2.25 -15.95 -3.88
N ARG A 17 -3.09 -14.91 -3.87
CA ARG A 17 -2.65 -13.59 -3.48
C ARG A 17 -1.94 -13.62 -2.12
N VAL A 18 -1.18 -12.57 -1.83
CA VAL A 18 -0.45 -12.48 -0.57
C VAL A 18 -0.43 -11.05 -0.05
N LEU A 19 -0.93 -10.85 1.16
CA LEU A 19 -0.96 -9.53 1.77
C LEU A 19 0.42 -9.13 2.27
N LEU A 20 0.86 -7.93 1.90
CA LEU A 20 2.16 -7.43 2.32
C LEU A 20 2.14 -6.97 3.77
N MET A 21 1.28 -5.99 4.05
CA MET A 21 1.16 -5.47 5.40
C MET A 21 0.10 -4.37 5.47
N TYR A 22 -0.46 -4.16 6.66
CA TYR A 22 -1.49 -3.14 6.85
C TYR A 22 -0.86 -1.78 7.12
N VAL A 23 -1.53 -0.73 6.66
CA VAL A 23 -1.05 0.64 6.86
C VAL A 23 -2.14 1.53 7.42
N ARG A 24 -2.02 1.87 8.70
CA ARG A 24 -3.00 2.73 9.36
C ARG A 24 -2.90 4.16 8.85
N ILE A 25 -4.06 4.80 8.68
CA ILE A 25 -4.10 6.17 8.18
C ILE A 25 -3.84 7.16 9.31
N GLY A 26 -2.68 7.01 9.96
CA GLY A 26 -2.33 7.91 11.06
C GLY A 26 -0.96 8.53 10.87
N THR A 27 -0.04 7.78 10.27
CA THR A 27 1.31 8.26 10.03
C THR A 27 1.90 7.64 8.76
N THR A 28 3.09 8.11 8.40
CA THR A 28 3.76 7.61 7.20
C THR A 28 4.77 6.53 7.56
N ALA A 29 4.63 5.36 6.93
CA ALA A 29 5.54 4.24 7.17
C ALA A 29 6.09 3.69 5.86
N THR A 30 7.02 2.74 5.97
CA THR A 30 7.62 2.12 4.79
C THR A 30 7.50 0.61 4.85
N ILE A 31 7.13 0.01 3.71
CA ILE A 31 6.98 -1.44 3.64
C ILE A 31 8.00 -2.05 2.67
N THR A 32 8.60 -3.15 3.08
CA THR A 32 9.59 -3.83 2.26
C THR A 32 8.99 -5.04 1.54
N ALA A 33 9.29 -5.17 0.26
CA ALA A 33 8.78 -6.27 -0.55
C ALA A 33 9.74 -6.62 -1.69
N ARG A 34 10.04 -7.89 -1.82
CA ARG A 34 10.95 -8.36 -2.86
C ARG A 34 12.28 -7.64 -2.78
N GLY A 35 12.65 -7.21 -1.57
CA GLY A 35 13.91 -6.51 -1.39
C GLY A 35 13.83 -5.07 -1.82
N HIS A 36 12.70 -4.43 -1.57
CA HIS A 36 12.50 -3.03 -1.94
C HIS A 36 11.54 -2.34 -0.98
N GLU A 37 11.96 -1.18 -0.47
CA GLU A 37 11.13 -0.43 0.47
C GLU A 37 10.25 0.58 -0.27
N PHE A 38 9.02 0.73 0.22
CA PHE A 38 8.07 1.66 -0.40
C PHE A 38 7.47 2.60 0.64
N GLU A 39 7.83 3.87 0.55
CA GLU A 39 7.33 4.88 1.48
C GLU A 39 6.05 5.51 0.97
N VAL A 40 4.92 5.00 1.43
CA VAL A 40 3.62 5.52 1.01
C VAL A 40 3.04 6.47 2.06
N GLU A 41 2.06 7.28 1.65
CA GLU A 41 1.43 8.23 2.55
C GLU A 41 -0.07 7.98 2.64
N ALA A 42 -0.57 7.86 3.86
CA ALA A 42 -2.00 7.62 4.09
C ALA A 42 -2.70 8.89 4.57
N LYS A 43 -3.68 9.34 3.81
CA LYS A 43 -4.43 10.54 4.16
C LYS A 43 -5.90 10.21 4.42
N ASP A 44 -6.38 9.14 3.80
CA ASP A 44 -7.76 8.72 3.96
C ASP A 44 -8.05 7.47 3.13
N GLN A 45 -9.32 7.09 3.06
CA GLN A 45 -9.73 5.91 2.30
C GLN A 45 -9.18 5.95 0.88
N ASN A 46 -9.03 7.17 0.35
CA ASN A 46 -8.51 7.35 -1.00
C ASN A 46 -7.00 7.14 -1.04
N CYS A 47 -6.58 5.88 -1.12
CA CYS A 47 -5.16 5.54 -1.15
C CYS A 47 -4.75 5.12 -2.57
N LYS A 48 -3.61 5.62 -3.02
CA LYS A 48 -3.10 5.30 -4.34
C LYS A 48 -1.62 4.96 -4.28
N VAL A 49 -1.23 3.88 -4.96
CA VAL A 49 0.16 3.44 -4.98
C VAL A 49 1.08 4.58 -5.38
N ILE A 50 1.78 5.15 -4.40
CA ILE A 50 2.70 6.25 -4.65
C ILE A 50 3.80 6.30 -3.60
N LEU A 51 4.96 6.80 -3.98
CA LEU A 51 6.09 6.91 -3.07
C LEU A 51 6.45 8.37 -2.82
N THR A 52 7.00 8.65 -1.63
CA THR A 52 7.39 10.01 -1.28
C THR A 52 8.81 10.30 -1.72
N ASN A 53 9.40 9.37 -2.47
CA ASN A 53 10.76 9.53 -2.98
C ASN A 53 10.75 10.04 -4.42
N GLY A 54 9.75 10.83 -4.76
CA GLY A 54 9.65 11.37 -6.10
C GLY A 54 9.52 10.28 -7.15
N LYS A 55 8.99 9.14 -6.74
CA LYS A 55 8.80 8.01 -7.66
C LYS A 55 7.44 7.36 -7.45
N GLN A 56 6.97 6.65 -8.47
CA GLN A 56 5.67 5.98 -8.40
C GLN A 56 5.85 4.47 -8.48
N ALA A 57 4.98 3.75 -7.77
CA ALA A 57 5.03 2.28 -7.76
C ALA A 57 5.05 1.73 -9.17
N PRO A 58 5.50 0.47 -9.31
CA PRO A 58 5.57 -0.21 -10.61
C PRO A 58 4.20 -0.53 -11.18
N ASP A 59 4.17 -1.31 -12.25
CA ASP A 59 2.92 -1.70 -12.90
C ASP A 59 2.30 -2.90 -12.19
N TRP A 60 3.09 -3.56 -11.35
CA TRP A 60 2.61 -4.73 -10.62
C TRP A 60 2.34 -4.38 -9.16
N LEU A 61 2.12 -3.10 -8.90
CA LEU A 61 1.85 -2.63 -7.53
C LEU A 61 0.44 -2.07 -7.43
N ALA A 62 -0.23 -2.36 -6.31
CA ALA A 62 -1.59 -1.88 -6.09
C ALA A 62 -1.85 -1.66 -4.60
N ALA A 63 -3.00 -1.08 -4.29
CA ALA A 63 -3.37 -0.82 -2.91
C ALA A 63 -4.88 -0.67 -2.75
N GLU A 64 -5.49 -1.59 -2.00
CA GLU A 64 -6.93 -1.57 -1.78
C GLU A 64 -7.27 -0.93 -0.44
N PRO A 65 -8.52 -0.48 -0.30
CA PRO A 65 -9.01 0.14 0.93
C PRO A 65 -9.12 -0.83 2.09
N TYR A 66 -9.67 -0.37 3.21
CA TYR A 66 -9.83 -1.21 4.39
C TYR A 66 -8.51 -1.87 4.77
N ALA A 1 -18.72 8.62 9.81
CA ALA A 1 -17.30 8.37 9.99
C ALA A 1 -17.00 6.87 9.98
N PRO A 2 -17.07 6.27 8.78
CA PRO A 2 -16.80 4.84 8.60
C PRO A 2 -15.33 4.49 8.80
N ALA A 3 -14.99 3.22 8.61
CA ALA A 3 -13.62 2.76 8.77
C ALA A 3 -12.81 3.00 7.51
N ARG A 4 -11.71 3.73 7.64
CA ARG A 4 -10.85 4.04 6.50
C ARG A 4 -9.43 3.54 6.74
N PHE A 5 -8.93 2.70 5.83
CA PHE A 5 -7.59 2.16 5.94
C PHE A 5 -7.02 1.80 4.57
N CYS A 6 -5.70 1.75 4.48
CA CYS A 6 -5.04 1.42 3.22
C CYS A 6 -4.42 0.02 3.29
N VAL A 7 -4.71 -0.79 2.29
CA VAL A 7 -4.16 -2.15 2.23
C VAL A 7 -3.27 -2.34 1.00
N TYR A 8 -2.02 -2.70 1.25
CA TYR A 8 -1.06 -2.92 0.17
C TYR A 8 -0.95 -4.40 -0.18
N TYR A 9 -0.86 -4.69 -1.48
CA TYR A 9 -0.75 -6.07 -1.94
C TYR A 9 0.50 -6.25 -2.80
N ASP A 10 0.79 -7.50 -3.16
CA ASP A 10 1.95 -7.81 -3.98
C ASP A 10 1.53 -8.54 -5.25
N GLY A 11 2.33 -8.40 -6.30
CA GLY A 11 2.01 -9.05 -7.56
C GLY A 11 1.77 -10.53 -7.39
N HIS A 12 0.50 -10.93 -7.44
CA HIS A 12 0.13 -12.34 -7.29
C HIS A 12 -1.35 -12.53 -7.57
N LEU A 13 -1.66 -13.50 -8.43
CA LEU A 13 -3.04 -13.79 -8.78
C LEU A 13 -3.90 -13.97 -7.53
N PRO A 14 -5.23 -13.85 -7.70
CA PRO A 14 -6.19 -13.99 -6.59
C PRO A 14 -6.28 -15.43 -6.10
N ALA A 15 -5.64 -16.35 -6.82
CA ALA A 15 -5.66 -17.76 -6.45
C ALA A 15 -4.78 -18.01 -5.22
N THR A 16 -3.64 -17.31 -5.16
CA THR A 16 -2.71 -17.46 -4.05
C THR A 16 -2.18 -16.11 -3.61
N ARG A 17 -2.96 -15.06 -3.82
CA ARG A 17 -2.56 -13.71 -3.44
C ARG A 17 -2.12 -13.66 -1.98
N VAL A 18 -1.36 -12.63 -1.62
CA VAL A 18 -0.89 -12.48 -0.26
C VAL A 18 -0.84 -11.00 0.14
N LEU A 19 -1.42 -10.69 1.30
CA LEU A 19 -1.45 -9.33 1.80
C LEU A 19 -0.11 -8.94 2.39
N LEU A 20 0.33 -7.71 2.11
CA LEU A 20 1.60 -7.21 2.61
C LEU A 20 1.46 -6.75 4.06
N MET A 21 0.63 -5.72 4.27
CA MET A 21 0.41 -5.18 5.61
C MET A 21 -0.60 -4.05 5.57
N TYR A 22 -1.24 -3.79 6.71
CA TYR A 22 -2.23 -2.73 6.81
C TYR A 22 -1.59 -1.42 7.21
N VAL A 23 -1.86 -0.36 6.46
CA VAL A 23 -1.30 0.95 6.74
C VAL A 23 -2.34 1.87 7.37
N ARG A 24 -2.15 2.17 8.65
CA ARG A 24 -3.08 3.03 9.38
C ARG A 24 -2.97 4.47 8.90
N ILE A 25 -4.11 5.15 8.78
CA ILE A 25 -4.14 6.54 8.33
C ILE A 25 -3.82 7.49 9.48
N GLY A 26 -2.66 7.30 10.10
CA GLY A 26 -2.26 8.15 11.21
C GLY A 26 -0.88 8.74 11.01
N THR A 27 0.00 7.98 10.36
CA THR A 27 1.37 8.43 10.12
C THR A 27 1.94 7.78 8.87
N THR A 28 3.14 8.21 8.47
CA THR A 28 3.80 7.67 7.29
C THR A 28 4.79 6.59 7.66
N ALA A 29 4.63 5.41 7.07
CA ALA A 29 5.52 4.29 7.34
C ALA A 29 6.02 3.66 6.05
N THR A 30 6.93 2.70 6.17
CA THR A 30 7.50 2.03 5.02
C THR A 30 7.07 0.57 4.96
N ILE A 31 6.91 0.05 3.75
CA ILE A 31 6.50 -1.35 3.57
C ILE A 31 7.57 -2.14 2.83
N THR A 32 7.99 -3.25 3.41
CA THR A 32 9.01 -4.10 2.80
C THR A 32 8.38 -5.24 2.02
N ALA A 33 8.66 -5.30 0.72
CA ALA A 33 8.13 -6.34 -0.14
C ALA A 33 9.06 -6.62 -1.32
N ARG A 34 9.32 -7.89 -1.57
CA ARG A 34 10.20 -8.30 -2.65
C ARG A 34 11.54 -7.59 -2.55
N GLY A 35 12.16 -7.66 -1.37
CA GLY A 35 13.45 -7.03 -1.16
C GLY A 35 13.44 -5.56 -1.56
N HIS A 36 12.27 -4.94 -1.49
CA HIS A 36 12.13 -3.53 -1.85
C HIS A 36 11.28 -2.79 -0.81
N GLU A 37 11.74 -1.59 -0.42
CA GLU A 37 11.03 -0.79 0.56
C GLU A 37 10.21 0.31 -0.12
N PHE A 38 8.92 0.35 0.19
CA PHE A 38 8.03 1.35 -0.39
C PHE A 38 7.42 2.23 0.69
N GLU A 39 7.80 3.50 0.71
CA GLU A 39 7.29 4.44 1.70
C GLU A 39 6.03 5.13 1.18
N VAL A 40 4.87 4.69 1.66
CA VAL A 40 3.60 5.28 1.25
C VAL A 40 3.10 6.29 2.28
N GLU A 41 2.07 7.03 1.91
CA GLU A 41 1.50 8.04 2.79
C GLU A 41 -0.03 7.94 2.84
N ALA A 42 -0.57 7.74 4.03
CA ALA A 42 -2.00 7.62 4.20
C ALA A 42 -2.61 8.94 4.67
N LYS A 43 -3.54 9.47 3.88
CA LYS A 43 -4.21 10.72 4.22
C LYS A 43 -5.70 10.51 4.45
N ASP A 44 -6.23 9.46 3.86
CA ASP A 44 -7.66 9.14 4.00
C ASP A 44 -8.01 7.88 3.22
N GLN A 45 -9.31 7.60 3.13
CA GLN A 45 -9.79 6.42 2.41
C GLN A 45 -9.19 6.36 1.01
N ASN A 46 -8.91 7.53 0.45
CA ASN A 46 -8.34 7.61 -0.89
C ASN A 46 -6.89 7.14 -0.90
N CYS A 47 -6.69 5.83 -0.95
CA CYS A 47 -5.35 5.25 -0.96
C CYS A 47 -4.99 4.74 -2.35
N LYS A 48 -3.76 5.04 -2.78
CA LYS A 48 -3.29 4.61 -4.10
C LYS A 48 -1.78 4.38 -4.08
N VAL A 49 -1.33 3.41 -4.85
CA VAL A 49 0.09 3.09 -4.93
C VAL A 49 0.92 4.33 -5.22
N ILE A 50 1.61 4.83 -4.20
CA ILE A 50 2.43 6.01 -4.35
C ILE A 50 3.56 6.02 -3.32
N LEU A 51 4.68 6.65 -3.67
CA LEU A 51 5.82 6.75 -2.77
C LEU A 51 6.12 8.19 -2.41
N THR A 52 6.68 8.40 -1.23
CA THR A 52 7.01 9.73 -0.75
C THR A 52 8.41 10.15 -1.23
N ASN A 53 9.00 9.33 -2.08
CA ASN A 53 10.33 9.62 -2.61
C ASN A 53 10.25 10.17 -4.03
N GLY A 54 9.16 10.87 -4.33
CA GLY A 54 8.98 11.43 -5.64
C GLY A 54 8.94 10.38 -6.73
N LYS A 55 8.43 9.20 -6.39
CA LYS A 55 8.33 8.10 -7.34
C LYS A 55 7.02 7.35 -7.17
N GLN A 56 6.62 6.64 -8.22
CA GLN A 56 5.38 5.87 -8.19
C GLN A 56 5.65 4.38 -8.29
N ALA A 57 4.86 3.58 -7.57
CA ALA A 57 5.03 2.14 -7.58
C ALA A 57 5.05 1.60 -9.01
N PRO A 58 5.59 0.38 -9.17
CA PRO A 58 5.69 -0.28 -10.48
C PRO A 58 4.33 -0.69 -11.02
N ASP A 59 4.33 -1.47 -12.11
CA ASP A 59 3.11 -1.95 -12.72
C ASP A 59 2.55 -3.14 -11.96
N TRP A 60 3.42 -3.84 -11.25
CA TRP A 60 3.01 -5.01 -10.47
C TRP A 60 2.65 -4.62 -9.05
N LEU A 61 2.47 -3.33 -8.81
CA LEU A 61 2.13 -2.82 -7.49
C LEU A 61 0.73 -2.23 -7.48
N ALA A 62 -0.07 -2.63 -6.49
CA ALA A 62 -1.44 -2.13 -6.37
C ALA A 62 -1.84 -2.00 -4.90
N ALA A 63 -2.95 -1.31 -4.65
CA ALA A 63 -3.44 -1.11 -3.29
C ALA A 63 -4.93 -0.79 -3.29
N GLU A 64 -5.69 -1.56 -2.52
CA GLU A 64 -7.14 -1.36 -2.43
C GLU A 64 -7.51 -0.69 -1.12
N PRO A 65 -8.71 -0.09 -1.07
CA PRO A 65 -9.22 0.59 0.12
C PRO A 65 -9.55 -0.38 1.24
N TYR A 66 -9.81 0.16 2.43
CA TYR A 66 -10.14 -0.66 3.59
C TYR A 66 -10.52 0.21 4.78
N ALA A 1 -19.32 8.94 6.23
CA ALA A 1 -17.98 8.68 5.76
C ALA A 1 -16.96 8.80 6.90
N PRO A 2 -17.03 7.85 7.85
CA PRO A 2 -16.13 7.84 9.01
C PRO A 2 -14.70 7.49 8.62
N ALA A 3 -13.85 7.30 9.63
CA ALA A 3 -12.45 6.95 9.40
C ALA A 3 -12.32 5.54 8.84
N ARG A 4 -11.31 5.33 8.00
CA ARG A 4 -11.07 4.02 7.40
C ARG A 4 -9.59 3.67 7.42
N PHE A 5 -9.25 2.49 6.92
CA PHE A 5 -7.87 2.04 6.88
C PHE A 5 -7.45 1.72 5.44
N CYS A 6 -6.16 1.42 5.26
CA CYS A 6 -5.63 1.10 3.95
C CYS A 6 -4.76 -0.16 4.00
N VAL A 7 -4.76 -0.92 2.92
CA VAL A 7 -3.98 -2.14 2.83
C VAL A 7 -3.15 -2.18 1.56
N TYR A 8 -1.97 -2.80 1.64
CA TYR A 8 -1.08 -2.91 0.49
C TYR A 8 -0.89 -4.37 0.09
N TYR A 9 -1.00 -4.63 -1.21
CA TYR A 9 -0.85 -5.98 -1.72
C TYR A 9 0.26 -6.04 -2.77
N ASP A 10 0.54 -7.24 -3.27
CA ASP A 10 1.58 -7.44 -4.27
C ASP A 10 1.00 -8.10 -5.52
N GLY A 11 1.63 -7.83 -6.66
CA GLY A 11 1.16 -8.41 -7.91
C GLY A 11 0.99 -9.91 -7.83
N HIS A 12 -0.25 -10.36 -7.71
CA HIS A 12 -0.54 -11.79 -7.62
C HIS A 12 -2.04 -12.05 -7.71
N LEU A 13 -2.44 -12.96 -8.59
CA LEU A 13 -3.85 -13.29 -8.75
C LEU A 13 -4.50 -13.60 -7.42
N PRO A 14 -5.84 -13.54 -7.39
CA PRO A 14 -6.62 -13.82 -6.17
C PRO A 14 -6.58 -15.29 -5.79
N ALA A 15 -6.02 -16.12 -6.66
CA ALA A 15 -5.92 -17.54 -6.41
C ALA A 15 -4.85 -17.84 -5.37
N THR A 16 -3.76 -17.10 -5.42
CA THR A 16 -2.65 -17.28 -4.48
C THR A 16 -2.11 -15.94 -4.00
N ARG A 17 -2.97 -14.92 -4.00
CA ARG A 17 -2.57 -13.58 -3.56
C ARG A 17 -1.91 -13.64 -2.18
N VAL A 18 -1.19 -12.58 -1.84
CA VAL A 18 -0.50 -12.50 -0.55
C VAL A 18 -0.53 -11.08 0.00
N LEU A 19 -1.10 -10.92 1.18
CA LEU A 19 -1.18 -9.60 1.81
C LEU A 19 0.19 -9.16 2.33
N LEU A 20 0.52 -7.91 2.08
CA LEU A 20 1.81 -7.36 2.53
C LEU A 20 1.74 -6.93 3.98
N MET A 21 0.90 -5.93 4.27
CA MET A 21 0.74 -5.44 5.63
C MET A 21 -0.29 -4.31 5.68
N TYR A 22 -0.83 -4.06 6.87
CA TYR A 22 -1.82 -3.02 7.05
C TYR A 22 -1.15 -1.66 7.28
N VAL A 23 -1.83 -0.60 6.85
CA VAL A 23 -1.31 0.75 7.01
C VAL A 23 -2.35 1.67 7.63
N ARG A 24 -2.12 2.04 8.89
CA ARG A 24 -3.03 2.92 9.61
C ARG A 24 -2.94 4.35 9.09
N ILE A 25 -4.07 5.02 9.00
CA ILE A 25 -4.11 6.41 8.53
C ILE A 25 -3.77 7.38 9.64
N GLY A 26 -2.59 7.19 10.23
CA GLY A 26 -2.16 8.08 11.31
C GLY A 26 -0.78 8.65 11.07
N THR A 27 0.09 7.87 10.41
CA THR A 27 1.44 8.31 10.12
C THR A 27 1.97 7.67 8.84
N THR A 28 3.14 8.10 8.40
CA THR A 28 3.75 7.57 7.19
C THR A 28 4.77 6.47 7.52
N ALA A 29 4.58 5.30 6.93
CA ALA A 29 5.48 4.18 7.16
C ALA A 29 6.00 3.61 5.85
N THR A 30 6.92 2.65 5.94
CA THR A 30 7.49 2.02 4.75
C THR A 30 7.19 0.53 4.73
N ILE A 31 7.02 -0.02 3.53
CA ILE A 31 6.73 -1.43 3.37
C ILE A 31 7.87 -2.15 2.63
N THR A 32 8.13 -3.39 3.02
CA THR A 32 9.18 -4.17 2.40
C THR A 32 8.60 -5.34 1.60
N ALA A 33 8.78 -5.29 0.28
CA ALA A 33 8.27 -6.34 -0.60
C ALA A 33 9.19 -6.55 -1.79
N ARG A 34 9.31 -7.80 -2.23
CA ARG A 34 10.16 -8.14 -3.36
C ARG A 34 11.58 -7.60 -3.15
N GLY A 35 12.06 -7.67 -1.92
CA GLY A 35 13.39 -7.18 -1.61
C GLY A 35 13.54 -5.69 -1.90
N HIS A 36 12.43 -4.97 -1.86
CA HIS A 36 12.44 -3.53 -2.12
C HIS A 36 11.65 -2.78 -1.05
N GLU A 37 11.98 -1.51 -0.86
CA GLU A 37 11.29 -0.68 0.12
C GLU A 37 10.36 0.31 -0.55
N PHE A 38 9.14 0.41 -0.05
CA PHE A 38 8.15 1.33 -0.60
C PHE A 38 7.55 2.21 0.49
N GLU A 39 7.87 3.50 0.44
CA GLU A 39 7.36 4.45 1.43
C GLU A 39 6.14 5.19 0.90
N VAL A 40 4.97 4.78 1.37
CA VAL A 40 3.71 5.39 0.95
C VAL A 40 3.17 6.34 2.01
N GLU A 41 2.22 7.18 1.62
CA GLU A 41 1.62 8.14 2.55
C GLU A 41 0.12 7.91 2.67
N ALA A 42 -0.32 7.53 3.86
CA ALA A 42 -1.74 7.29 4.11
C ALA A 42 -2.44 8.55 4.60
N LYS A 43 -3.46 8.98 3.87
CA LYS A 43 -4.22 10.17 4.24
C LYS A 43 -5.66 9.82 4.56
N ASP A 44 -6.16 8.75 3.94
CA ASP A 44 -7.53 8.32 4.17
C ASP A 44 -7.84 7.07 3.35
N GLN A 45 -9.12 6.68 3.33
CA GLN A 45 -9.54 5.50 2.59
C GLN A 45 -9.06 5.56 1.14
N ASN A 46 -8.93 6.78 0.62
CA ASN A 46 -8.48 6.98 -0.75
C ASN A 46 -6.97 6.87 -0.84
N CYS A 47 -6.47 5.64 -0.95
CA CYS A 47 -5.04 5.39 -1.05
C CYS A 47 -4.64 5.01 -2.48
N LYS A 48 -3.55 5.59 -2.96
CA LYS A 48 -3.07 5.31 -4.31
C LYS A 48 -1.60 4.92 -4.29
N VAL A 49 -1.26 3.86 -5.02
CA VAL A 49 0.12 3.38 -5.08
C VAL A 49 1.07 4.51 -5.45
N ILE A 50 1.80 5.01 -4.46
CA ILE A 50 2.75 6.10 -4.68
C ILE A 50 3.86 6.08 -3.64
N LEU A 51 5.03 6.56 -4.02
CA LEU A 51 6.18 6.60 -3.12
C LEU A 51 6.61 8.03 -2.86
N THR A 52 7.19 8.27 -1.68
CA THR A 52 7.64 9.60 -1.31
C THR A 52 9.07 9.85 -1.78
N ASN A 53 9.60 8.90 -2.56
CA ASN A 53 10.95 9.02 -3.09
C ASN A 53 10.94 9.54 -4.52
N GLY A 54 9.96 10.38 -4.83
CA GLY A 54 9.85 10.94 -6.17
C GLY A 54 9.66 9.86 -7.23
N LYS A 55 9.12 8.72 -6.83
CA LYS A 55 8.89 7.61 -7.75
C LYS A 55 7.53 6.98 -7.51
N GLN A 56 7.01 6.30 -8.52
CA GLN A 56 5.70 5.65 -8.43
C GLN A 56 5.85 4.13 -8.44
N ALA A 57 4.95 3.45 -7.75
CA ALA A 57 4.98 1.99 -7.69
C ALA A 57 5.04 1.38 -9.08
N PRO A 58 5.48 0.11 -9.16
CA PRO A 58 5.59 -0.61 -10.43
C PRO A 58 4.23 -0.94 -11.04
N ASP A 59 4.24 -1.75 -12.08
CA ASP A 59 3.01 -2.14 -12.77
C ASP A 59 2.34 -3.31 -12.05
N TRP A 60 3.09 -3.95 -11.16
CA TRP A 60 2.58 -5.10 -10.41
C TRP A 60 2.26 -4.70 -8.97
N LEU A 61 2.04 -3.41 -8.75
CA LEU A 61 1.73 -2.90 -7.41
C LEU A 61 0.31 -2.35 -7.35
N ALA A 62 -0.37 -2.56 -6.24
CA ALA A 62 -1.72 -2.06 -6.06
C ALA A 62 -2.00 -1.75 -4.59
N ALA A 63 -3.13 -1.08 -4.34
CA ALA A 63 -3.51 -0.72 -2.98
C ALA A 63 -5.01 -0.48 -2.88
N GLU A 64 -5.66 -1.23 -2.00
CA GLU A 64 -7.11 -1.10 -1.80
C GLU A 64 -7.42 -0.65 -0.38
N PRO A 65 -8.64 -0.12 -0.19
CA PRO A 65 -9.10 0.36 1.12
C PRO A 65 -9.33 -0.77 2.11
N TYR A 66 -9.89 -0.44 3.27
CA TYR A 66 -10.17 -1.44 4.29
C TYR A 66 -10.99 -0.84 5.43
N ALA A 1 -17.23 11.15 11.57
CA ALA A 1 -15.92 10.54 11.80
C ALA A 1 -15.89 9.09 11.32
N PRO A 2 -15.85 8.92 10.00
CA PRO A 2 -15.82 7.59 9.37
C PRO A 2 -14.49 6.87 9.61
N ALA A 3 -14.57 5.62 10.05
CA ALA A 3 -13.37 4.83 10.31
C ALA A 3 -13.00 3.99 9.10
N ARG A 4 -11.87 4.33 8.48
CA ARG A 4 -11.39 3.61 7.31
C ARG A 4 -9.89 3.37 7.38
N PHE A 5 -9.42 2.34 6.69
CA PHE A 5 -8.00 2.00 6.67
C PHE A 5 -7.53 1.68 5.26
N CYS A 6 -6.22 1.55 5.09
CA CYS A 6 -5.64 1.25 3.78
C CYS A 6 -4.79 -0.01 3.86
N VAL A 7 -4.83 -0.83 2.80
CA VAL A 7 -4.06 -2.06 2.75
C VAL A 7 -3.20 -2.11 1.49
N TYR A 8 -2.02 -2.69 1.60
CA TYR A 8 -1.11 -2.81 0.48
C TYR A 8 -0.91 -4.27 0.08
N TYR A 9 -0.96 -4.53 -1.23
CA TYR A 9 -0.80 -5.88 -1.74
C TYR A 9 0.33 -5.95 -2.77
N ASP A 10 0.62 -7.15 -3.25
CA ASP A 10 1.68 -7.34 -4.23
C ASP A 10 1.13 -8.00 -5.50
N GLY A 11 1.79 -7.74 -6.63
CA GLY A 11 1.35 -8.31 -7.89
C GLY A 11 1.18 -9.81 -7.81
N HIS A 12 -0.07 -10.25 -7.73
CA HIS A 12 -0.38 -11.68 -7.64
C HIS A 12 -1.88 -11.93 -7.75
N LEU A 13 -2.25 -12.84 -8.65
CA LEU A 13 -3.66 -13.17 -8.86
C LEU A 13 -4.35 -13.47 -7.53
N PRO A 14 -5.69 -13.41 -7.52
CA PRO A 14 -6.49 -13.67 -6.33
C PRO A 14 -6.47 -15.15 -5.95
N ALA A 15 -5.90 -15.99 -6.82
CA ALA A 15 -5.81 -17.42 -6.56
C ALA A 15 -4.77 -17.72 -5.48
N THR A 16 -3.67 -16.97 -5.50
CA THR A 16 -2.61 -17.16 -4.54
C THR A 16 -2.06 -15.83 -4.04
N ARG A 17 -2.91 -14.81 -4.06
CA ARG A 17 -2.51 -13.48 -3.63
C ARG A 17 -1.89 -13.53 -2.24
N VAL A 18 -1.17 -12.47 -1.87
CA VAL A 18 -0.53 -12.39 -0.56
C VAL A 18 -0.55 -10.97 -0.02
N LEU A 19 -1.06 -10.81 1.19
CA LEU A 19 -1.14 -9.50 1.82
C LEU A 19 0.23 -9.07 2.35
N LEU A 20 0.59 -7.82 2.08
CA LEU A 20 1.87 -7.28 2.52
C LEU A 20 1.79 -6.84 3.98
N MET A 21 0.96 -5.85 4.25
CA MET A 21 0.80 -5.34 5.62
C MET A 21 -0.23 -4.22 5.65
N TYR A 22 -0.82 -4.00 6.83
CA TYR A 22 -1.83 -2.96 7.00
C TYR A 22 -1.18 -1.62 7.29
N VAL A 23 -1.73 -0.56 6.70
CA VAL A 23 -1.20 0.79 6.90
C VAL A 23 -2.27 1.71 7.50
N ARG A 24 -2.06 2.10 8.75
CA ARG A 24 -3.01 2.98 9.43
C ARG A 24 -2.95 4.38 8.85
N ILE A 25 -4.11 4.99 8.67
CA ILE A 25 -4.19 6.35 8.12
C ILE A 25 -3.92 7.39 9.20
N GLY A 26 -2.75 7.30 9.83
CA GLY A 26 -2.39 8.24 10.86
C GLY A 26 -1.03 8.88 10.63
N THR A 27 -0.12 8.12 10.03
CA THR A 27 1.22 8.62 9.74
C THR A 27 1.80 7.95 8.50
N THR A 28 2.97 8.43 8.07
CA THR A 28 3.63 7.87 6.90
C THR A 28 4.68 6.85 7.29
N ALA A 29 4.56 5.65 6.73
CA ALA A 29 5.50 4.57 7.03
C ALA A 29 5.97 3.90 5.74
N THR A 30 6.93 2.98 5.88
CA THR A 30 7.47 2.26 4.73
C THR A 30 7.10 0.78 4.80
N ILE A 31 6.90 0.18 3.63
CA ILE A 31 6.55 -1.24 3.55
C ILE A 31 7.66 -2.05 2.89
N THR A 32 7.96 -3.20 3.47
CA THR A 32 9.01 -4.07 2.94
C THR A 32 8.42 -5.18 2.07
N ALA A 33 8.83 -5.21 0.80
CA ALA A 33 8.34 -6.21 -0.13
C ALA A 33 9.37 -6.50 -1.21
N ARG A 34 9.59 -7.78 -1.49
CA ARG A 34 10.56 -8.19 -2.50
C ARG A 34 11.92 -7.53 -2.25
N GLY A 35 12.32 -7.47 -0.99
CA GLY A 35 13.58 -6.85 -0.66
C GLY A 35 13.65 -5.39 -1.04
N HIS A 36 12.49 -4.73 -1.08
CA HIS A 36 12.42 -3.32 -1.44
C HIS A 36 11.54 -2.56 -0.45
N GLU A 37 11.95 -1.32 -0.15
CA GLU A 37 11.19 -0.49 0.77
C GLU A 37 10.33 0.52 0.02
N PHE A 38 9.03 0.48 0.29
CA PHE A 38 8.09 1.39 -0.37
C PHE A 38 7.42 2.31 0.64
N GLU A 39 7.76 3.59 0.58
CA GLU A 39 7.20 4.58 1.49
C GLU A 39 5.97 5.25 0.89
N VAL A 40 4.79 4.78 1.30
CA VAL A 40 3.54 5.34 0.79
C VAL A 40 2.95 6.36 1.77
N GLU A 41 2.00 7.15 1.29
CA GLU A 41 1.36 8.15 2.13
C GLU A 41 -0.15 7.91 2.22
N ALA A 42 -0.65 7.87 3.45
CA ALA A 42 -2.07 7.64 3.68
C ALA A 42 -2.77 8.93 4.09
N LYS A 43 -3.81 9.32 3.35
CA LYS A 43 -4.56 10.53 3.64
C LYS A 43 -6.00 10.20 4.00
N ASP A 44 -6.48 9.06 3.53
CA ASP A 44 -7.84 8.62 3.80
C ASP A 44 -8.14 7.29 3.13
N GLN A 45 -9.41 6.88 3.16
CA GLN A 45 -9.82 5.62 2.55
C GLN A 45 -9.32 5.52 1.11
N ASN A 46 -9.20 6.67 0.45
CA ASN A 46 -8.73 6.71 -0.94
C ASN A 46 -7.21 6.68 -0.99
N CYS A 47 -6.65 5.48 -0.94
CA CYS A 47 -5.20 5.31 -1.00
C CYS A 47 -4.75 4.79 -2.36
N LYS A 48 -3.70 5.37 -2.90
CA LYS A 48 -3.17 4.95 -4.20
C LYS A 48 -1.79 4.31 -4.05
N VAL A 49 -1.13 4.08 -5.18
CA VAL A 49 0.19 3.47 -5.17
C VAL A 49 1.25 4.47 -5.62
N ILE A 50 1.92 5.08 -4.65
CA ILE A 50 2.97 6.06 -4.94
C ILE A 50 3.98 6.14 -3.80
N LEU A 51 5.22 6.48 -4.14
CA LEU A 51 6.28 6.59 -3.15
C LEU A 51 6.66 8.06 -2.93
N THR A 52 7.12 8.37 -1.72
CA THR A 52 7.51 9.72 -1.39
C THR A 52 8.98 9.97 -1.74
N ASN A 53 9.59 9.00 -2.42
CA ASN A 53 10.99 9.12 -2.82
C ASN A 53 11.10 9.62 -4.26
N GLY A 54 10.18 10.50 -4.66
CA GLY A 54 10.19 11.03 -6.00
C GLY A 54 10.03 9.94 -7.05
N LYS A 55 9.39 8.84 -6.67
CA LYS A 55 9.17 7.73 -7.59
C LYS A 55 7.79 7.12 -7.38
N GLN A 56 7.29 6.45 -8.41
CA GLN A 56 5.98 5.82 -8.35
C GLN A 56 6.10 4.30 -8.36
N ALA A 57 5.17 3.63 -7.68
CA ALA A 57 5.17 2.17 -7.62
C ALA A 57 5.24 1.57 -9.03
N PRO A 58 5.66 0.29 -9.10
CA PRO A 58 5.77 -0.43 -10.36
C PRO A 58 4.42 -0.73 -10.99
N ASP A 59 4.42 -1.55 -12.04
CA ASP A 59 3.18 -1.92 -12.72
C ASP A 59 2.51 -3.09 -12.03
N TRP A 60 3.23 -3.74 -11.13
CA TRP A 60 2.70 -4.88 -10.39
C TRP A 60 2.39 -4.49 -8.95
N LEU A 61 2.16 -3.20 -8.72
CA LEU A 61 1.85 -2.70 -7.39
C LEU A 61 0.44 -2.14 -7.33
N ALA A 62 -0.27 -2.41 -6.23
CA ALA A 62 -1.62 -1.93 -6.05
C ALA A 62 -1.93 -1.67 -4.58
N ALA A 63 -3.07 -1.06 -4.31
CA ALA A 63 -3.48 -0.76 -2.94
C ALA A 63 -4.99 -0.58 -2.85
N GLU A 64 -5.64 -1.41 -2.04
CA GLU A 64 -7.09 -1.34 -1.86
C GLU A 64 -7.44 -1.05 -0.41
N PRO A 65 -8.67 -0.56 -0.19
CA PRO A 65 -9.16 -0.23 1.16
C PRO A 65 -9.39 -1.48 2.01
N TYR A 66 -9.93 -1.28 3.20
CA TYR A 66 -10.19 -2.38 4.12
C TYR A 66 -8.94 -3.22 4.35
N ALA A 1 -16.40 11.66 9.94
CA ALA A 1 -15.11 10.99 10.10
C ALA A 1 -15.29 9.51 10.44
N PRO A 2 -15.76 8.73 9.46
CA PRO A 2 -15.99 7.30 9.64
C PRO A 2 -14.68 6.51 9.77
N ALA A 3 -14.80 5.22 10.03
CA ALA A 3 -13.63 4.35 10.18
C ALA A 3 -13.17 3.83 8.81
N ARG A 4 -11.95 4.18 8.44
CA ARG A 4 -11.38 3.74 7.16
C ARG A 4 -9.92 3.34 7.33
N PHE A 5 -9.46 2.45 6.44
CA PHE A 5 -8.09 1.97 6.50
C PHE A 5 -7.53 1.78 5.08
N CYS A 6 -6.27 1.34 5.01
CA CYS A 6 -5.62 1.12 3.72
C CYS A 6 -4.70 -0.09 3.78
N VAL A 7 -4.84 -0.98 2.81
CA VAL A 7 -4.02 -2.18 2.75
C VAL A 7 -3.17 -2.20 1.49
N TYR A 8 -2.00 -2.85 1.57
CA TYR A 8 -1.10 -2.94 0.43
C TYR A 8 -0.93 -4.39 -0.01
N TYR A 9 -1.04 -4.62 -1.32
CA TYR A 9 -0.90 -5.96 -1.86
C TYR A 9 0.26 -6.03 -2.85
N ASP A 10 0.55 -7.23 -3.34
CA ASP A 10 1.64 -7.43 -4.28
C ASP A 10 1.14 -8.13 -5.55
N GLY A 11 1.82 -7.87 -6.66
CA GLY A 11 1.43 -8.49 -7.92
C GLY A 11 1.28 -10.00 -7.81
N HIS A 12 0.03 -10.46 -7.75
CA HIS A 12 -0.25 -11.88 -7.63
C HIS A 12 -1.74 -12.16 -7.80
N LEU A 13 -2.07 -13.10 -8.67
CA LEU A 13 -3.47 -13.47 -8.92
C LEU A 13 -4.20 -13.73 -7.60
N PRO A 14 -5.54 -13.69 -7.65
CA PRO A 14 -6.38 -13.93 -6.47
C PRO A 14 -6.35 -15.39 -6.03
N ALA A 15 -5.73 -16.24 -6.85
CA ALA A 15 -5.64 -17.66 -6.54
C ALA A 15 -4.49 -17.93 -5.58
N THR A 16 -3.46 -17.09 -5.63
CA THR A 16 -2.30 -17.24 -4.76
C THR A 16 -1.83 -15.90 -4.24
N ARG A 17 -2.75 -14.95 -4.13
CA ARG A 17 -2.44 -13.62 -3.64
C ARG A 17 -1.70 -13.69 -2.30
N VAL A 18 -0.98 -12.62 -1.97
CA VAL A 18 -0.23 -12.58 -0.72
C VAL A 18 -0.25 -11.16 -0.13
N LEU A 19 -0.98 -11.00 0.97
CA LEU A 19 -1.09 -9.71 1.64
C LEU A 19 0.27 -9.24 2.14
N LEU A 20 0.59 -7.97 1.90
CA LEU A 20 1.86 -7.40 2.33
C LEU A 20 1.81 -7.00 3.80
N MET A 21 0.95 -6.03 4.10
CA MET A 21 0.81 -5.55 5.48
C MET A 21 -0.25 -4.45 5.56
N TYR A 22 -0.80 -4.25 6.75
CA TYR A 22 -1.83 -3.23 6.96
C TYR A 22 -1.19 -1.89 7.29
N VAL A 23 -1.73 -0.82 6.70
CA VAL A 23 -1.22 0.53 6.93
C VAL A 23 -2.30 1.43 7.52
N ARG A 24 -2.17 1.73 8.81
CA ARG A 24 -3.14 2.58 9.49
C ARG A 24 -3.06 4.02 8.97
N ILE A 25 -4.20 4.63 8.75
CA ILE A 25 -4.27 6.00 8.27
C ILE A 25 -4.05 7.00 9.40
N GLY A 26 -2.91 6.88 10.07
CA GLY A 26 -2.60 7.78 11.17
C GLY A 26 -1.24 8.44 11.01
N THR A 27 -0.29 7.71 10.43
CA THR A 27 1.06 8.23 10.22
C THR A 27 1.68 7.65 8.96
N THR A 28 2.86 8.15 8.60
CA THR A 28 3.56 7.69 7.41
C THR A 28 4.60 6.63 7.77
N ALA A 29 4.50 5.47 7.13
CA ALA A 29 5.44 4.38 7.37
C ALA A 29 5.94 3.77 6.06
N THR A 30 6.87 2.85 6.16
CA THR A 30 7.44 2.20 4.99
C THR A 30 7.18 0.69 5.00
N ILE A 31 7.00 0.11 3.82
CA ILE A 31 6.74 -1.31 3.71
C ILE A 31 7.90 -2.02 3.02
N THR A 32 8.16 -3.27 3.44
CA THR A 32 9.24 -4.05 2.86
C THR A 32 8.68 -5.18 1.98
N ALA A 33 9.07 -5.17 0.70
CA ALA A 33 8.63 -6.18 -0.24
C ALA A 33 9.65 -6.40 -1.34
N ARG A 34 9.86 -7.66 -1.71
CA ARG A 34 10.82 -8.01 -2.75
C ARG A 34 12.19 -7.40 -2.46
N GLY A 35 12.61 -7.47 -1.20
CA GLY A 35 13.89 -6.93 -0.80
C GLY A 35 14.00 -5.44 -1.09
N HIS A 36 12.85 -4.78 -1.25
CA HIS A 36 12.81 -3.35 -1.54
C HIS A 36 12.00 -2.61 -0.49
N GLU A 37 12.20 -1.29 -0.40
CA GLU A 37 11.48 -0.47 0.56
C GLU A 37 10.53 0.49 -0.15
N PHE A 38 9.26 0.43 0.24
CA PHE A 38 8.24 1.29 -0.36
C PHE A 38 7.61 2.19 0.69
N GLU A 39 7.88 3.48 0.60
CA GLU A 39 7.33 4.46 1.54
C GLU A 39 6.08 5.12 0.98
N VAL A 40 4.92 4.70 1.49
CA VAL A 40 3.65 5.25 1.04
C VAL A 40 3.10 6.26 2.04
N GLU A 41 1.98 6.90 1.70
CA GLU A 41 1.36 7.89 2.57
C GLU A 41 -0.13 7.63 2.69
N ALA A 42 -0.64 7.68 3.92
CA ALA A 42 -2.05 7.46 4.18
C ALA A 42 -2.75 8.75 4.56
N LYS A 43 -3.72 9.17 3.75
CA LYS A 43 -4.47 10.39 4.00
C LYS A 43 -5.93 10.09 4.25
N ASP A 44 -6.41 8.98 3.70
CA ASP A 44 -7.80 8.57 3.88
C ASP A 44 -8.07 7.26 3.15
N GLN A 45 -9.33 6.83 3.16
CA GLN A 45 -9.72 5.58 2.51
C GLN A 45 -9.25 5.56 1.06
N ASN A 46 -9.16 6.74 0.45
CA ASN A 46 -8.72 6.85 -0.94
C ASN A 46 -7.20 6.76 -1.03
N CYS A 47 -6.68 5.54 -1.04
CA CYS A 47 -5.24 5.32 -1.12
C CYS A 47 -4.85 4.83 -2.52
N LYS A 48 -3.77 5.39 -3.06
CA LYS A 48 -3.29 5.01 -4.38
C LYS A 48 -1.80 4.67 -4.34
N VAL A 49 -1.42 3.62 -5.06
CA VAL A 49 -0.03 3.19 -5.10
C VAL A 49 0.89 4.35 -5.47
N ILE A 50 1.58 4.89 -4.46
CA ILE A 50 2.50 6.01 -4.67
C ILE A 50 3.58 6.02 -3.61
N LEU A 51 4.79 6.44 -4.00
CA LEU A 51 5.92 6.50 -3.09
C LEU A 51 6.42 7.93 -2.95
N THR A 52 7.06 8.22 -1.82
CA THR A 52 7.60 9.56 -1.56
C THR A 52 9.04 9.68 -2.04
N ASN A 53 9.52 8.64 -2.73
CA ASN A 53 10.88 8.63 -3.24
C ASN A 53 10.92 9.10 -4.69
N GLY A 54 9.93 9.89 -5.08
CA GLY A 54 9.86 10.39 -6.44
C GLY A 54 9.75 9.28 -7.46
N LYS A 55 9.34 8.09 -7.01
CA LYS A 55 9.19 6.94 -7.89
C LYS A 55 7.91 6.17 -7.58
N GLN A 56 6.88 6.40 -8.38
CA GLN A 56 5.60 5.72 -8.19
C GLN A 56 5.77 4.20 -8.25
N ALA A 57 4.89 3.49 -7.56
CA ALA A 57 4.94 2.03 -7.55
C ALA A 57 5.00 1.46 -8.96
N PRO A 58 5.45 0.20 -9.08
CA PRO A 58 5.56 -0.48 -10.38
C PRO A 58 4.20 -0.80 -10.97
N ASP A 59 4.20 -1.59 -12.05
CA ASP A 59 2.97 -1.98 -12.71
C ASP A 59 2.34 -3.18 -12.03
N TRP A 60 3.10 -3.84 -11.17
CA TRP A 60 2.62 -5.01 -10.45
C TRP A 60 2.32 -4.67 -8.99
N LEU A 61 2.08 -3.38 -8.72
CA LEU A 61 1.78 -2.92 -7.38
C LEU A 61 0.35 -2.38 -7.29
N ALA A 62 -0.31 -2.62 -6.16
CA ALA A 62 -1.67 -2.15 -5.95
C ALA A 62 -1.92 -1.86 -4.48
N ALA A 63 -3.08 -1.25 -4.19
CA ALA A 63 -3.44 -0.92 -2.83
C ALA A 63 -4.95 -0.76 -2.69
N GLU A 64 -5.57 -1.66 -1.95
CA GLU A 64 -7.02 -1.62 -1.74
C GLU A 64 -7.35 -0.94 -0.41
N PRO A 65 -8.61 -0.48 -0.28
CA PRO A 65 -9.08 0.20 0.93
C PRO A 65 -9.21 -0.76 2.11
N TYR A 66 -9.58 -0.21 3.27
CA TYR A 66 -9.74 -1.02 4.47
C TYR A 66 -8.49 -1.85 4.74
N ALA A 1 -19.77 8.63 7.29
CA ALA A 1 -18.39 8.50 6.82
C ALA A 1 -17.46 8.15 7.97
N PRO A 2 -17.54 6.89 8.44
CA PRO A 2 -16.71 6.40 9.54
C PRO A 2 -15.24 6.26 9.14
N ALA A 3 -14.39 6.03 10.12
CA ALA A 3 -12.96 5.87 9.88
C ALA A 3 -12.68 4.69 8.97
N ARG A 4 -11.58 4.75 8.22
CA ARG A 4 -11.21 3.68 7.30
C ARG A 4 -9.72 3.37 7.42
N PHE A 5 -9.27 2.38 6.64
CA PHE A 5 -7.88 1.98 6.64
C PHE A 5 -7.37 1.73 5.23
N CYS A 6 -6.06 1.54 5.10
CA CYS A 6 -5.44 1.29 3.80
C CYS A 6 -4.55 0.06 3.85
N VAL A 7 -4.66 -0.80 2.84
CA VAL A 7 -3.86 -2.00 2.76
C VAL A 7 -3.00 -2.01 1.51
N TYR A 8 -1.87 -2.72 1.57
CA TYR A 8 -0.96 -2.81 0.45
C TYR A 8 -0.72 -4.26 0.05
N TYR A 9 -0.85 -4.55 -1.25
CA TYR A 9 -0.66 -5.90 -1.75
C TYR A 9 0.46 -5.93 -2.80
N ASP A 10 0.75 -7.13 -3.31
CA ASP A 10 1.79 -7.30 -4.32
C ASP A 10 1.23 -7.94 -5.58
N GLY A 11 1.85 -7.65 -6.71
CA GLY A 11 1.40 -8.21 -7.97
C GLY A 11 1.24 -9.71 -7.92
N HIS A 12 0.00 -10.17 -7.81
CA HIS A 12 -0.28 -11.61 -7.75
C HIS A 12 -1.78 -11.87 -7.83
N LEU A 13 -2.18 -12.77 -8.72
CA LEU A 13 -3.58 -13.11 -8.89
C LEU A 13 -4.23 -13.44 -7.56
N PRO A 14 -5.57 -13.39 -7.53
CA PRO A 14 -6.34 -13.67 -6.31
C PRO A 14 -6.30 -15.15 -5.94
N ALA A 15 -5.74 -15.96 -6.82
CA ALA A 15 -5.63 -17.40 -6.58
C ALA A 15 -4.55 -17.70 -5.54
N THR A 16 -3.48 -16.91 -5.56
CA THR A 16 -2.38 -17.10 -4.63
C THR A 16 -1.88 -15.76 -4.11
N ARG A 17 -2.76 -14.77 -4.08
CA ARG A 17 -2.40 -13.43 -3.60
C ARG A 17 -1.74 -13.51 -2.23
N VAL A 18 -1.01 -12.46 -1.87
CA VAL A 18 -0.32 -12.40 -0.59
C VAL A 18 -0.32 -10.99 -0.02
N LEU A 19 -0.95 -10.81 1.13
CA LEU A 19 -1.01 -9.50 1.76
C LEU A 19 0.35 -9.07 2.29
N LEU A 20 0.72 -7.83 2.02
CA LEU A 20 2.01 -7.30 2.46
C LEU A 20 1.95 -6.87 3.93
N MET A 21 1.11 -5.88 4.22
CA MET A 21 0.96 -5.39 5.59
C MET A 21 -0.07 -4.26 5.64
N TYR A 22 -0.68 -4.08 6.80
CA TYR A 22 -1.69 -3.04 6.99
C TYR A 22 -1.04 -1.72 7.35
N VAL A 23 -1.51 -0.64 6.72
CA VAL A 23 -0.98 0.69 6.97
C VAL A 23 -2.03 1.60 7.58
N ARG A 24 -1.90 1.89 8.86
CA ARG A 24 -2.84 2.75 9.56
C ARG A 24 -2.73 4.20 9.08
N ILE A 25 -3.87 4.85 8.90
CA ILE A 25 -3.88 6.24 8.44
C ILE A 25 -3.63 7.20 9.59
N GLY A 26 -2.49 7.03 10.26
CA GLY A 26 -2.15 7.89 11.37
C GLY A 26 -0.76 8.51 11.22
N THR A 27 0.15 7.76 10.62
CA THR A 27 1.52 8.23 10.42
C THR A 27 2.12 7.65 9.15
N THR A 28 3.31 8.12 8.81
CA THR A 28 4.00 7.64 7.61
C THR A 28 5.00 6.54 7.95
N ALA A 29 4.87 5.40 7.29
CA ALA A 29 5.76 4.27 7.52
C ALA A 29 6.25 3.67 6.20
N THR A 30 7.16 2.72 6.29
CA THR A 30 7.71 2.06 5.10
C THR A 30 7.45 0.56 5.13
N ILE A 31 7.25 -0.01 3.95
CA ILE A 31 7.00 -1.44 3.84
C ILE A 31 8.12 -2.14 3.07
N THR A 32 8.44 -3.37 3.50
CA THR A 32 9.49 -4.14 2.85
C THR A 32 8.91 -5.30 2.05
N ALA A 33 9.18 -5.31 0.75
CA ALA A 33 8.69 -6.37 -0.13
C ALA A 33 9.68 -6.65 -1.25
N ARG A 34 9.95 -7.94 -1.48
CA ARG A 34 10.88 -8.34 -2.52
C ARG A 34 12.23 -7.65 -2.35
N GLY A 35 12.65 -7.46 -1.10
CA GLY A 35 13.91 -6.81 -0.84
C GLY A 35 13.90 -5.35 -1.22
N HIS A 36 12.71 -4.78 -1.35
CA HIS A 36 12.57 -3.37 -1.72
C HIS A 36 11.80 -2.60 -0.65
N GLU A 37 12.19 -1.34 -0.44
CA GLU A 37 11.54 -0.50 0.55
C GLU A 37 10.57 0.48 -0.10
N PHE A 38 9.31 0.40 0.30
CA PHE A 38 8.27 1.28 -0.26
C PHE A 38 7.77 2.25 0.79
N GLU A 39 7.91 3.54 0.51
CA GLU A 39 7.46 4.58 1.44
C GLU A 39 6.19 5.26 0.93
N VAL A 40 5.05 4.86 1.50
CA VAL A 40 3.76 5.41 1.10
C VAL A 40 3.27 6.42 2.12
N GLU A 41 2.19 7.11 1.79
CA GLU A 41 1.61 8.11 2.69
C GLU A 41 0.09 7.94 2.80
N ALA A 42 -0.39 7.80 4.04
CA ALA A 42 -1.81 7.62 4.28
C ALA A 42 -2.46 8.94 4.70
N LYS A 43 -3.43 9.40 3.90
CA LYS A 43 -4.12 10.64 4.18
C LYS A 43 -5.61 10.38 4.46
N ASP A 44 -6.12 9.29 3.91
CA ASP A 44 -7.52 8.92 4.11
C ASP A 44 -7.85 7.62 3.38
N GLN A 45 -9.12 7.23 3.41
CA GLN A 45 -9.57 6.01 2.76
C GLN A 45 -9.11 5.97 1.30
N ASN A 46 -8.99 7.15 0.70
CA ASN A 46 -8.56 7.25 -0.70
C ASN A 46 -7.05 7.10 -0.81
N CYS A 47 -6.59 5.86 -0.85
CA CYS A 47 -5.16 5.58 -0.95
C CYS A 47 -4.82 5.08 -2.35
N LYS A 48 -3.73 5.60 -2.91
CA LYS A 48 -3.28 5.21 -4.24
C LYS A 48 -1.79 4.88 -4.24
N VAL A 49 -1.42 3.84 -5.00
CA VAL A 49 -0.03 3.42 -5.09
C VAL A 49 0.88 4.59 -5.44
N ILE A 50 1.59 5.11 -4.44
CA ILE A 50 2.50 6.23 -4.64
C ILE A 50 3.61 6.24 -3.59
N LEU A 51 4.80 6.67 -4.01
CA LEU A 51 5.95 6.72 -3.11
C LEU A 51 6.44 8.15 -2.95
N THR A 52 7.09 8.42 -1.82
CA THR A 52 7.61 9.75 -1.54
C THR A 52 9.05 9.89 -2.04
N ASN A 53 9.53 8.88 -2.75
CA ASN A 53 10.88 8.89 -3.29
C ASN A 53 10.90 9.39 -4.73
N GLY A 54 9.90 10.19 -5.09
CA GLY A 54 9.81 10.72 -6.43
C GLY A 54 9.69 9.63 -7.48
N LYS A 55 9.28 8.44 -7.04
CA LYS A 55 9.12 7.31 -7.95
C LYS A 55 7.86 6.53 -7.62
N GLN A 56 6.81 6.73 -8.42
CA GLN A 56 5.55 6.04 -8.22
C GLN A 56 5.73 4.52 -8.27
N ALA A 57 4.86 3.80 -7.58
CA ALA A 57 4.92 2.34 -7.56
C ALA A 57 5.00 1.76 -8.97
N PRO A 58 5.47 0.51 -9.07
CA PRO A 58 5.61 -0.17 -10.36
C PRO A 58 4.26 -0.53 -10.97
N ASP A 59 4.28 -1.31 -12.04
CA ASP A 59 3.06 -1.72 -12.72
C ASP A 59 2.43 -2.93 -12.03
N TRP A 60 3.21 -3.57 -11.16
CA TRP A 60 2.72 -4.75 -10.43
C TRP A 60 2.41 -4.40 -8.98
N LEU A 61 2.14 -3.12 -8.72
CA LEU A 61 1.83 -2.65 -7.38
C LEU A 61 0.40 -2.12 -7.31
N ALA A 62 -0.28 -2.41 -6.20
CA ALA A 62 -1.65 -1.95 -6.01
C ALA A 62 -1.94 -1.69 -4.53
N ALA A 63 -3.16 -1.24 -4.25
CA ALA A 63 -3.56 -0.95 -2.88
C ALA A 63 -5.08 -0.98 -2.74
N GLU A 64 -5.57 -1.83 -1.84
CA GLU A 64 -7.00 -1.96 -1.61
C GLU A 64 -7.44 -1.10 -0.42
N PRO A 65 -8.75 -0.81 -0.35
CA PRO A 65 -9.33 0.00 0.72
C PRO A 65 -9.32 -0.73 2.06
N TYR A 66 -9.85 -0.09 3.09
CA TYR A 66 -9.91 -0.67 4.42
C TYR A 66 -8.53 -1.15 4.87
N ALA A 1 -14.97 12.58 9.99
CA ALA A 1 -13.89 11.68 10.36
C ALA A 1 -14.30 10.23 10.19
N PRO A 2 -14.44 9.80 8.92
CA PRO A 2 -14.83 8.43 8.58
C PRO A 2 -13.73 7.41 8.91
N ALA A 3 -13.99 6.58 9.91
CA ALA A 3 -13.02 5.56 10.32
C ALA A 3 -12.77 4.56 9.19
N ARG A 4 -11.60 4.66 8.57
CA ARG A 4 -11.24 3.77 7.47
C ARG A 4 -9.78 3.32 7.60
N PHE A 5 -9.38 2.40 6.73
CA PHE A 5 -8.01 1.89 6.74
C PHE A 5 -7.56 1.52 5.33
N CYS A 6 -6.26 1.35 5.16
CA CYS A 6 -5.70 1.00 3.86
C CYS A 6 -4.84 -0.27 3.96
N VAL A 7 -4.60 -0.91 2.83
CA VAL A 7 -3.79 -2.13 2.79
C VAL A 7 -3.00 -2.21 1.50
N TYR A 8 -1.86 -2.91 1.55
CA TYR A 8 -1.01 -3.08 0.39
C TYR A 8 -0.93 -4.54 -0.04
N TYR A 9 -0.73 -4.76 -1.34
CA TYR A 9 -0.65 -6.11 -1.87
C TYR A 9 0.50 -6.23 -2.86
N ASP A 10 0.76 -7.45 -3.31
CA ASP A 10 1.84 -7.70 -4.27
C ASP A 10 1.31 -8.38 -5.53
N GLY A 11 1.99 -8.17 -6.65
CA GLY A 11 1.56 -8.76 -7.90
C GLY A 11 1.34 -10.26 -7.79
N HIS A 12 0.08 -10.66 -7.73
CA HIS A 12 -0.26 -12.08 -7.61
C HIS A 12 -1.77 -12.28 -7.76
N LEU A 13 -2.16 -13.20 -8.64
CA LEU A 13 -3.57 -13.50 -8.86
C LEU A 13 -4.28 -13.75 -7.55
N PRO A 14 -5.62 -13.64 -7.58
CA PRO A 14 -6.47 -13.85 -6.40
C PRO A 14 -6.50 -15.32 -5.97
N ALA A 15 -5.93 -16.19 -6.80
CA ALA A 15 -5.90 -17.62 -6.50
C ALA A 15 -4.91 -17.92 -5.38
N THR A 16 -3.79 -17.21 -5.38
CA THR A 16 -2.76 -17.40 -4.35
C THR A 16 -2.19 -16.07 -3.89
N ARG A 17 -3.00 -15.02 -3.99
CA ARG A 17 -2.57 -13.69 -3.58
C ARG A 17 -2.01 -13.70 -2.16
N VAL A 18 -1.27 -12.67 -1.81
CA VAL A 18 -0.67 -12.57 -0.48
C VAL A 18 -0.66 -11.13 0.02
N LEU A 19 -1.10 -10.93 1.25
CA LEU A 19 -1.14 -9.59 1.84
C LEU A 19 0.22 -9.20 2.41
N LEU A 20 0.63 -7.96 2.14
CA LEU A 20 1.91 -7.46 2.62
C LEU A 20 1.83 -7.04 4.08
N MET A 21 1.00 -6.04 4.36
CA MET A 21 0.81 -5.55 5.71
C MET A 21 -0.21 -4.42 5.75
N TYR A 22 -0.81 -4.20 6.91
CA TYR A 22 -1.81 -3.15 7.08
C TYR A 22 -1.14 -1.81 7.40
N VAL A 23 -1.71 -0.74 6.89
CA VAL A 23 -1.18 0.60 7.12
C VAL A 23 -2.24 1.53 7.71
N ARG A 24 -2.11 1.82 8.99
CA ARG A 24 -3.06 2.70 9.69
C ARG A 24 -3.01 4.11 9.11
N ILE A 25 -4.17 4.72 8.95
CA ILE A 25 -4.26 6.07 8.42
C ILE A 25 -4.06 7.11 9.52
N GLY A 26 -2.94 6.99 10.23
CA GLY A 26 -2.65 7.93 11.30
C GLY A 26 -1.28 8.57 11.16
N THR A 27 -0.34 7.81 10.61
CA THR A 27 1.02 8.30 10.41
C THR A 27 1.65 7.72 9.14
N THR A 28 2.81 8.24 8.78
CA THR A 28 3.51 7.78 7.58
C THR A 28 4.56 6.73 7.92
N ALA A 29 4.46 5.57 7.28
CA ALA A 29 5.41 4.48 7.51
C ALA A 29 5.85 3.84 6.20
N THR A 30 6.80 2.92 6.29
CA THR A 30 7.30 2.23 5.11
C THR A 30 6.86 0.76 5.10
N ILE A 31 6.63 0.23 3.90
CA ILE A 31 6.21 -1.16 3.76
C ILE A 31 7.33 -2.01 3.18
N THR A 32 7.49 -3.22 3.72
CA THR A 32 8.53 -4.13 3.26
C THR A 32 7.95 -5.19 2.32
N ALA A 33 8.40 -5.16 1.07
CA ALA A 33 7.94 -6.12 0.07
C ALA A 33 9.01 -6.37 -0.99
N ARG A 34 9.12 -7.63 -1.42
CA ARG A 34 10.11 -8.01 -2.42
C ARG A 34 11.50 -7.53 -2.02
N GLY A 35 11.88 -7.79 -0.77
CA GLY A 35 13.18 -7.38 -0.29
C GLY A 35 13.44 -5.91 -0.51
N HIS A 36 12.39 -5.11 -0.51
CA HIS A 36 12.51 -3.67 -0.72
C HIS A 36 11.58 -2.90 0.22
N GLU A 37 11.92 -1.65 0.48
CA GLU A 37 11.11 -0.81 1.36
C GLU A 37 10.43 0.30 0.58
N PHE A 38 9.10 0.24 0.51
CA PHE A 38 8.33 1.24 -0.22
C PHE A 38 7.61 2.16 0.75
N GLU A 39 7.94 3.46 0.69
CA GLU A 39 7.33 4.45 1.56
C GLU A 39 6.01 4.94 0.98
N VAL A 40 4.97 4.92 1.79
CA VAL A 40 3.64 5.37 1.36
C VAL A 40 3.04 6.36 2.35
N GLU A 41 1.89 6.93 2.00
CA GLU A 41 1.22 7.89 2.86
C GLU A 41 -0.29 7.63 2.88
N ALA A 42 -0.85 7.51 4.09
CA ALA A 42 -2.27 7.27 4.24
C ALA A 42 -3.01 8.54 4.64
N LYS A 43 -3.98 8.94 3.83
CA LYS A 43 -4.75 10.15 4.10
C LYS A 43 -6.22 9.80 4.34
N ASP A 44 -6.66 8.67 3.78
CA ASP A 44 -8.04 8.23 3.94
C ASP A 44 -8.28 6.92 3.21
N GLN A 45 -9.53 6.46 3.20
CA GLN A 45 -9.88 5.21 2.54
C GLN A 45 -9.39 5.21 1.10
N ASN A 46 -9.32 6.39 0.49
CA ASN A 46 -8.86 6.52 -0.89
C ASN A 46 -7.34 6.48 -0.96
N CYS A 47 -6.79 5.27 -0.96
CA CYS A 47 -5.34 5.09 -1.03
C CYS A 47 -4.92 4.60 -2.42
N LYS A 48 -3.83 5.18 -2.94
CA LYS A 48 -3.32 4.80 -4.24
C LYS A 48 -1.82 4.59 -4.20
N VAL A 49 -1.35 3.56 -4.92
CA VAL A 49 0.08 3.25 -4.96
C VAL A 49 0.90 4.49 -5.32
N ILE A 50 1.54 5.08 -4.31
CA ILE A 50 2.36 6.26 -4.52
C ILE A 50 3.44 6.37 -3.45
N LEU A 51 4.57 6.97 -3.83
CA LEU A 51 5.69 7.14 -2.90
C LEU A 51 5.99 8.62 -2.67
N THR A 52 6.54 8.93 -1.51
CA THR A 52 6.87 10.31 -1.16
C THR A 52 8.26 10.68 -1.66
N ASN A 53 8.87 9.78 -2.43
CA ASN A 53 10.21 10.01 -2.97
C ASN A 53 10.13 10.48 -4.42
N GLY A 54 9.06 11.19 -4.76
CA GLY A 54 8.89 11.69 -6.10
C GLY A 54 8.83 10.57 -7.12
N LYS A 55 8.35 9.41 -6.70
CA LYS A 55 8.24 8.25 -7.59
C LYS A 55 6.94 7.50 -7.33
N GLN A 56 6.50 6.72 -8.33
CA GLN A 56 5.28 5.94 -8.20
C GLN A 56 5.57 4.45 -8.32
N ALA A 57 4.81 3.65 -7.59
CA ALA A 57 4.98 2.20 -7.60
C ALA A 57 4.98 1.66 -9.03
N PRO A 58 5.52 0.45 -9.22
CA PRO A 58 5.59 -0.20 -10.53
C PRO A 58 4.22 -0.63 -11.03
N ASP A 59 4.20 -1.40 -12.11
CA ASP A 59 2.95 -1.89 -12.69
C ASP A 59 2.43 -3.09 -11.91
N TRP A 60 3.33 -3.78 -11.23
CA TRP A 60 2.96 -4.96 -10.46
C TRP A 60 2.64 -4.58 -9.02
N LEU A 61 2.45 -3.28 -8.77
CA LEU A 61 2.14 -2.79 -7.44
C LEU A 61 0.74 -2.21 -7.38
N ALA A 62 0.01 -2.55 -6.32
CA ALA A 62 -1.35 -2.05 -6.14
C ALA A 62 -1.66 -1.81 -4.66
N ALA A 63 -2.82 -1.22 -4.40
CA ALA A 63 -3.23 -0.94 -3.03
C ALA A 63 -4.75 -0.78 -2.94
N GLU A 64 -5.38 -1.62 -2.11
CA GLU A 64 -6.82 -1.57 -1.94
C GLU A 64 -7.18 -1.00 -0.57
N PRO A 65 -8.43 -0.53 -0.43
CA PRO A 65 -8.93 0.05 0.82
C PRO A 65 -9.10 -0.99 1.91
N TYR A 66 -9.71 -0.59 3.02
CA TYR A 66 -9.93 -1.48 4.14
C TYR A 66 -10.64 -2.77 3.69
N ALA A 1 -18.97 9.13 11.49
CA ALA A 1 -17.51 9.10 11.47
C ALA A 1 -17.00 7.68 11.24
N PRO A 2 -17.15 7.19 9.99
CA PRO A 2 -16.71 5.85 9.61
C PRO A 2 -15.18 5.73 9.59
N ALA A 3 -14.69 4.57 10.02
CA ALA A 3 -13.25 4.33 10.04
C ALA A 3 -12.69 4.17 8.63
N ARG A 4 -11.47 4.67 8.43
CA ARG A 4 -10.83 4.58 7.12
C ARG A 4 -9.46 3.91 7.23
N PHE A 5 -9.24 2.89 6.41
CA PHE A 5 -7.98 2.16 6.42
C PHE A 5 -7.58 1.74 5.00
N CYS A 6 -6.28 1.57 4.78
CA CYS A 6 -5.78 1.17 3.48
C CYS A 6 -4.91 -0.08 3.60
N VAL A 7 -4.89 -0.87 2.53
CA VAL A 7 -4.10 -2.10 2.51
C VAL A 7 -3.23 -2.16 1.26
N TYR A 8 -2.05 -2.76 1.40
CA TYR A 8 -1.11 -2.88 0.29
C TYR A 8 -0.91 -4.35 -0.09
N TYR A 9 -0.87 -4.61 -1.39
CA TYR A 9 -0.68 -5.97 -1.88
C TYR A 9 0.44 -6.04 -2.91
N ASP A 10 0.73 -7.24 -3.40
CA ASP A 10 1.78 -7.43 -4.40
C ASP A 10 1.21 -8.08 -5.66
N GLY A 11 1.86 -7.82 -6.79
CA GLY A 11 1.42 -8.39 -8.05
C GLY A 11 1.24 -9.89 -7.97
N HIS A 12 0.00 -10.34 -7.87
CA HIS A 12 -0.30 -11.77 -7.79
C HIS A 12 -1.81 -12.02 -7.89
N LEU A 13 -2.19 -12.93 -8.77
CA LEU A 13 -3.60 -13.27 -8.97
C LEU A 13 -4.27 -13.56 -7.63
N PRO A 14 -5.62 -13.50 -7.62
CA PRO A 14 -6.40 -13.76 -6.41
C PRO A 14 -6.37 -15.23 -6.01
N ALA A 15 -5.81 -16.06 -6.88
CA ALA A 15 -5.72 -17.50 -6.62
C ALA A 15 -4.67 -17.79 -5.54
N THR A 16 -3.59 -17.03 -5.57
CA THR A 16 -2.51 -17.21 -4.60
C THR A 16 -1.99 -15.86 -4.10
N ARG A 17 -2.86 -14.86 -4.11
CA ARG A 17 -2.48 -13.53 -3.66
C ARG A 17 -1.85 -13.58 -2.27
N VAL A 18 -1.12 -12.53 -1.91
CA VAL A 18 -0.48 -12.45 -0.61
C VAL A 18 -0.49 -11.02 -0.07
N LEU A 19 -1.10 -10.84 1.10
CA LEU A 19 -1.17 -9.53 1.72
C LEU A 19 0.18 -9.12 2.29
N LEU A 20 0.60 -7.90 1.97
CA LEU A 20 1.88 -7.38 2.45
C LEU A 20 1.76 -6.91 3.91
N MET A 21 0.92 -5.91 4.13
CA MET A 21 0.71 -5.37 5.47
C MET A 21 -0.33 -4.26 5.45
N TYR A 22 -1.00 -4.06 6.58
CA TYR A 22 -2.02 -3.02 6.69
C TYR A 22 -1.40 -1.67 7.06
N VAL A 23 -1.98 -0.60 6.56
CA VAL A 23 -1.49 0.74 6.84
C VAL A 23 -2.59 1.63 7.40
N ARG A 24 -2.44 2.02 8.66
CA ARG A 24 -3.42 2.87 9.32
C ARG A 24 -3.29 4.32 8.85
N ILE A 25 -4.43 5.00 8.69
CA ILE A 25 -4.44 6.38 8.25
C ILE A 25 -4.15 7.33 9.41
N GLY A 26 -3.00 7.13 10.05
CA GLY A 26 -2.62 7.99 11.17
C GLY A 26 -1.23 8.58 11.00
N THR A 27 -0.34 7.82 10.37
CA THR A 27 1.03 8.27 10.15
C THR A 27 1.61 7.69 8.87
N THR A 28 2.77 8.20 8.45
CA THR A 28 3.42 7.72 7.25
C THR A 28 4.50 6.68 7.58
N ALA A 29 4.39 5.51 6.96
CA ALA A 29 5.35 4.44 7.18
C ALA A 29 5.83 3.85 5.86
N THR A 30 6.80 2.94 5.94
CA THR A 30 7.36 2.31 4.75
C THR A 30 7.06 0.81 4.73
N ILE A 31 6.86 0.28 3.54
CA ILE A 31 6.56 -1.15 3.39
C ILE A 31 7.70 -1.87 2.67
N THR A 32 8.13 -3.00 3.25
CA THR A 32 9.20 -3.79 2.66
C THR A 32 8.66 -5.02 1.93
N ALA A 33 8.93 -5.09 0.63
CA ALA A 33 8.47 -6.20 -0.19
C ALA A 33 9.41 -6.45 -1.36
N ARG A 34 9.63 -7.71 -1.68
CA ARG A 34 10.51 -8.08 -2.78
C ARG A 34 11.88 -7.40 -2.64
N GLY A 35 12.40 -7.39 -1.43
CA GLY A 35 13.69 -6.76 -1.18
C GLY A 35 13.71 -5.31 -1.57
N HIS A 36 12.53 -4.70 -1.66
CA HIS A 36 12.42 -3.29 -2.03
C HIS A 36 11.50 -2.54 -1.06
N GLU A 37 11.95 -1.38 -0.61
CA GLU A 37 11.17 -0.57 0.32
C GLU A 37 10.34 0.47 -0.42
N PHE A 38 9.06 0.57 -0.06
CA PHE A 38 8.16 1.52 -0.69
C PHE A 38 7.45 2.38 0.36
N GLU A 39 7.80 3.66 0.38
CA GLU A 39 7.20 4.59 1.33
C GLU A 39 5.89 5.17 0.79
N VAL A 40 4.78 4.69 1.33
CA VAL A 40 3.47 5.17 0.89
C VAL A 40 2.88 6.17 1.88
N GLU A 41 2.01 7.04 1.39
CA GLU A 41 1.39 8.05 2.23
C GLU A 41 -0.10 7.77 2.40
N ALA A 42 -0.54 7.68 3.66
CA ALA A 42 -1.93 7.42 3.96
C ALA A 42 -2.66 8.69 4.39
N LYS A 43 -3.63 9.12 3.57
CA LYS A 43 -4.39 10.32 3.86
C LYS A 43 -5.86 9.99 4.09
N ASP A 44 -6.32 8.88 3.50
CA ASP A 44 -7.71 8.46 3.64
C ASP A 44 -7.95 7.17 2.86
N GLN A 45 -9.21 6.73 2.86
CA GLN A 45 -9.58 5.50 2.15
C GLN A 45 -9.09 5.54 0.71
N ASN A 46 -9.01 6.74 0.14
CA ASN A 46 -8.55 6.91 -1.24
C ASN A 46 -7.03 6.84 -1.32
N CYS A 47 -6.50 5.63 -1.37
CA CYS A 47 -5.05 5.43 -1.46
C CYS A 47 -4.64 5.01 -2.87
N LYS A 48 -3.55 5.57 -3.36
CA LYS A 48 -3.05 5.25 -4.68
C LYS A 48 -1.57 4.88 -4.63
N VAL A 49 -1.21 3.84 -5.38
CA VAL A 49 0.18 3.39 -5.42
C VAL A 49 1.13 4.52 -5.77
N ILE A 50 1.80 5.07 -4.76
CA ILE A 50 2.74 6.16 -4.96
C ILE A 50 3.80 6.18 -3.87
N LEU A 51 4.99 6.68 -4.21
CA LEU A 51 6.09 6.75 -3.27
C LEU A 51 6.35 8.20 -2.83
N THR A 52 6.79 8.37 -1.60
CA THR A 52 7.07 9.70 -1.07
C THR A 52 8.38 10.25 -1.62
N ASN A 53 9.10 9.42 -2.37
CA ASN A 53 10.37 9.81 -2.96
C ASN A 53 10.17 10.30 -4.39
N GLY A 54 9.01 10.87 -4.67
CA GLY A 54 8.71 11.36 -6.00
C GLY A 54 8.74 10.25 -7.04
N LYS A 55 8.62 9.01 -6.59
CA LYS A 55 8.64 7.86 -7.48
C LYS A 55 7.26 7.20 -7.54
N GLN A 56 7.01 6.46 -8.61
CA GLN A 56 5.72 5.78 -8.78
C GLN A 56 5.91 4.26 -8.76
N ALA A 57 5.05 3.57 -8.04
CA ALA A 57 5.11 2.12 -7.93
C ALA A 57 5.17 1.47 -9.31
N PRO A 58 5.64 0.22 -9.36
CA PRO A 58 5.75 -0.54 -10.61
C PRO A 58 4.39 -0.92 -11.19
N ASP A 59 4.40 -1.76 -12.22
CA ASP A 59 3.17 -2.19 -12.86
C ASP A 59 2.54 -3.36 -12.09
N TRP A 60 3.32 -3.96 -11.20
CA TRP A 60 2.83 -5.08 -10.41
C TRP A 60 2.53 -4.65 -8.97
N LEU A 61 2.29 -3.35 -8.80
CA LEU A 61 1.98 -2.82 -7.48
C LEU A 61 0.56 -2.27 -7.43
N ALA A 62 -0.13 -2.51 -6.32
CA ALA A 62 -1.50 -2.04 -6.15
C ALA A 62 -1.81 -1.75 -4.68
N ALA A 63 -2.99 -1.22 -4.42
CA ALA A 63 -3.41 -0.90 -3.06
C ALA A 63 -4.92 -0.89 -2.94
N GLU A 64 -5.46 -1.85 -2.18
CA GLU A 64 -6.90 -1.94 -1.99
C GLU A 64 -7.30 -1.42 -0.60
N PRO A 65 -8.59 -1.08 -0.45
CA PRO A 65 -9.12 -0.57 0.81
C PRO A 65 -9.17 -1.64 1.90
N TYR A 66 -9.80 -1.32 3.02
CA TYR A 66 -9.93 -2.25 4.13
C TYR A 66 -11.05 -3.26 3.89
N ALA A 1 -17.76 12.05 6.70
CA ALA A 1 -16.34 11.77 6.60
C ALA A 1 -15.92 10.68 7.58
N PRO A 2 -16.39 9.45 7.33
CA PRO A 2 -16.09 8.30 8.19
C PRO A 2 -14.62 7.87 8.09
N ALA A 3 -14.05 7.47 9.23
CA ALA A 3 -12.65 7.04 9.25
C ALA A 3 -12.51 5.62 8.72
N ARG A 4 -11.50 5.42 7.86
CA ARG A 4 -11.26 4.11 7.27
C ARG A 4 -9.77 3.80 7.26
N PHE A 5 -9.42 2.60 6.78
CA PHE A 5 -8.03 2.18 6.72
C PHE A 5 -7.65 1.79 5.28
N CYS A 6 -6.38 1.46 5.09
CA CYS A 6 -5.89 1.08 3.77
C CYS A 6 -5.06 -0.21 3.86
N VAL A 7 -4.81 -0.82 2.70
CA VAL A 7 -4.03 -2.05 2.64
C VAL A 7 -3.18 -2.10 1.38
N TYR A 8 -2.03 -2.77 1.47
CA TYR A 8 -1.14 -2.89 0.33
C TYR A 8 -0.93 -4.36 -0.05
N TYR A 9 -0.87 -4.63 -1.35
CA TYR A 9 -0.69 -5.99 -1.84
C TYR A 9 0.40 -6.03 -2.90
N ASP A 10 0.70 -7.23 -3.38
CA ASP A 10 1.73 -7.41 -4.40
C ASP A 10 1.15 -8.11 -5.64
N GLY A 11 1.74 -7.85 -6.79
CA GLY A 11 1.27 -8.45 -8.03
C GLY A 11 1.15 -9.95 -7.92
N HIS A 12 -0.08 -10.44 -7.78
CA HIS A 12 -0.34 -11.87 -7.66
C HIS A 12 -1.83 -12.16 -7.71
N LEU A 13 -2.23 -13.09 -8.57
CA LEU A 13 -3.63 -13.47 -8.71
C LEU A 13 -4.25 -13.77 -7.35
N PRO A 14 -5.59 -13.74 -7.29
CA PRO A 14 -6.33 -14.02 -6.06
C PRO A 14 -6.25 -15.48 -5.65
N ALA A 15 -5.70 -16.31 -6.53
CA ALA A 15 -5.55 -17.73 -6.26
C ALA A 15 -4.46 -17.99 -5.24
N THR A 16 -3.39 -17.21 -5.31
CA THR A 16 -2.26 -17.36 -4.39
C THR A 16 -1.74 -16.01 -3.94
N ARG A 17 -2.62 -15.00 -3.94
CA ARG A 17 -2.26 -13.66 -3.53
C ARG A 17 -1.56 -13.67 -2.17
N VAL A 18 -0.86 -12.59 -1.85
CA VAL A 18 -0.15 -12.48 -0.58
C VAL A 18 -0.19 -11.05 -0.05
N LEU A 19 -0.72 -10.88 1.15
CA LEU A 19 -0.81 -9.57 1.77
C LEU A 19 0.55 -9.10 2.28
N LEU A 20 0.91 -7.87 1.96
CA LEU A 20 2.19 -7.30 2.39
C LEU A 20 2.12 -6.83 3.83
N MET A 21 1.25 -5.85 4.09
CA MET A 21 1.08 -5.30 5.43
C MET A 21 0.03 -4.21 5.44
N TYR A 22 -0.60 -4.00 6.59
CA TYR A 22 -1.63 -2.99 6.74
C TYR A 22 -1.01 -1.64 7.09
N VAL A 23 -1.64 -0.57 6.60
CA VAL A 23 -1.16 0.79 6.87
C VAL A 23 -2.24 1.65 7.51
N ARG A 24 -2.04 2.01 8.77
CA ARG A 24 -3.01 2.84 9.49
C ARG A 24 -2.94 4.29 9.03
N ILE A 25 -4.09 4.91 8.90
CA ILE A 25 -4.17 6.31 8.47
C ILE A 25 -3.90 7.26 9.63
N GLY A 26 -2.73 7.10 10.25
CA GLY A 26 -2.37 7.96 11.37
C GLY A 26 -1.01 8.60 11.19
N THR A 27 -0.10 7.88 10.54
CA THR A 27 1.25 8.38 10.30
C THR A 27 1.85 7.81 9.03
N THR A 28 3.02 8.30 8.65
CA THR A 28 3.69 7.82 7.44
C THR A 28 4.72 6.75 7.77
N ALA A 29 4.60 5.60 7.13
CA ALA A 29 5.53 4.50 7.35
C ALA A 29 6.00 3.91 6.02
N THR A 30 6.94 2.97 6.10
CA THR A 30 7.49 2.32 4.92
C THR A 30 7.14 0.84 4.89
N ILE A 31 6.93 0.31 3.69
CA ILE A 31 6.60 -1.09 3.54
C ILE A 31 7.75 -1.87 2.90
N THR A 32 7.85 -3.15 3.24
CA THR A 32 8.91 -4.00 2.71
C THR A 32 8.34 -5.17 1.92
N ALA A 33 8.71 -5.25 0.64
CA ALA A 33 8.23 -6.32 -0.23
C ALA A 33 9.24 -6.62 -1.33
N ARG A 34 9.36 -7.91 -1.67
CA ARG A 34 10.29 -8.33 -2.71
C ARG A 34 11.70 -7.84 -2.41
N GLY A 35 12.04 -7.78 -1.13
CA GLY A 35 13.36 -7.33 -0.73
C GLY A 35 13.60 -5.87 -1.05
N HIS A 36 12.51 -5.13 -1.26
CA HIS A 36 12.60 -3.71 -1.58
C HIS A 36 11.81 -2.87 -0.58
N GLU A 37 12.18 -1.60 -0.45
CA GLU A 37 11.51 -0.70 0.48
C GLU A 37 10.65 0.31 -0.27
N PHE A 38 9.39 0.41 0.12
CA PHE A 38 8.46 1.33 -0.52
C PHE A 38 7.78 2.22 0.52
N GLU A 39 8.12 3.51 0.49
CA GLU A 39 7.55 4.47 1.43
C GLU A 39 6.31 5.14 0.84
N VAL A 40 5.16 4.88 1.44
CA VAL A 40 3.90 5.45 0.97
C VAL A 40 3.38 6.50 1.96
N GLU A 41 2.26 7.14 1.60
CA GLU A 41 1.66 8.15 2.46
C GLU A 41 0.18 7.87 2.68
N ALA A 42 -0.25 7.93 3.93
CA ALA A 42 -1.64 7.68 4.27
C ALA A 42 -2.33 8.95 4.73
N LYS A 43 -3.37 9.36 4.01
CA LYS A 43 -4.11 10.57 4.34
C LYS A 43 -5.57 10.23 4.68
N ASP A 44 -6.07 9.17 4.08
CA ASP A 44 -7.45 8.74 4.32
C ASP A 44 -7.78 7.50 3.51
N GLN A 45 -9.06 7.11 3.50
CA GLN A 45 -9.50 5.94 2.77
C GLN A 45 -9.03 5.99 1.31
N ASN A 46 -8.90 7.20 0.78
CA ASN A 46 -8.46 7.39 -0.60
C ASN A 46 -6.95 7.17 -0.72
N CYS A 47 -6.55 5.91 -0.82
CA CYS A 47 -5.14 5.57 -0.94
C CYS A 47 -4.80 5.14 -2.37
N LYS A 48 -3.68 5.63 -2.87
CA LYS A 48 -3.24 5.31 -4.23
C LYS A 48 -1.76 4.94 -4.25
N VAL A 49 -1.44 3.88 -4.99
CA VAL A 49 -0.05 3.43 -5.09
C VAL A 49 0.87 4.58 -5.48
N ILE A 50 1.62 5.09 -4.50
CA ILE A 50 2.55 6.19 -4.73
C ILE A 50 3.68 6.17 -3.72
N LEU A 51 4.84 6.67 -4.13
CA LEU A 51 6.00 6.72 -3.25
C LEU A 51 6.41 8.16 -2.96
N THR A 52 7.11 8.36 -1.85
CA THR A 52 7.56 9.69 -1.46
C THR A 52 8.95 10.00 -2.02
N ASN A 53 9.45 9.10 -2.86
CA ASN A 53 10.76 9.27 -3.47
C ASN A 53 10.64 9.91 -4.86
N GLY A 54 9.63 10.75 -5.03
CA GLY A 54 9.42 11.42 -6.31
C GLY A 54 9.17 10.43 -7.44
N LYS A 55 8.74 9.23 -7.09
CA LYS A 55 8.46 8.20 -8.08
C LYS A 55 7.14 7.49 -7.77
N GLN A 56 6.55 6.87 -8.79
CA GLN A 56 5.30 6.15 -8.63
C GLN A 56 5.53 4.64 -8.65
N ALA A 57 4.68 3.91 -7.94
CA ALA A 57 4.78 2.46 -7.88
C ALA A 57 4.86 1.85 -9.28
N PRO A 58 5.36 0.61 -9.36
CA PRO A 58 5.49 -0.10 -10.64
C PRO A 58 4.15 -0.50 -11.24
N ASP A 59 4.19 -1.31 -12.28
CA ASP A 59 2.97 -1.77 -12.94
C ASP A 59 2.38 -2.98 -12.23
N TRP A 60 3.17 -3.58 -11.34
CA TRP A 60 2.73 -4.74 -10.59
C TRP A 60 2.41 -4.36 -9.14
N LEU A 61 2.12 -3.10 -8.92
CA LEU A 61 1.80 -2.61 -7.58
C LEU A 61 0.36 -2.11 -7.51
N ALA A 62 -0.30 -2.39 -6.39
CA ALA A 62 -1.69 -1.98 -6.20
C ALA A 62 -1.98 -1.70 -4.73
N ALA A 63 -3.20 -1.27 -4.44
CA ALA A 63 -3.61 -0.97 -3.08
C ALA A 63 -5.13 -1.03 -2.93
N GLU A 64 -5.59 -1.84 -1.98
CA GLU A 64 -7.03 -1.98 -1.73
C GLU A 64 -7.44 -1.20 -0.50
N PRO A 65 -8.76 -0.92 -0.39
CA PRO A 65 -9.31 -0.17 0.74
C PRO A 65 -9.29 -0.98 2.03
N TYR A 66 -9.95 -0.45 3.06
CA TYR A 66 -9.99 -1.12 4.35
C TYR A 66 -8.59 -1.37 4.89
N ALA A 1 -20.95 6.39 11.47
CA ALA A 1 -19.53 6.65 11.68
C ALA A 1 -18.67 5.49 11.19
N PRO A 2 -18.57 5.34 9.87
CA PRO A 2 -17.78 4.27 9.24
C PRO A 2 -16.29 4.47 9.44
N ALA A 3 -15.52 3.40 9.20
CA ALA A 3 -14.07 3.45 9.35
C ALA A 3 -13.38 3.44 7.99
N ARG A 4 -12.18 4.02 7.94
CA ARG A 4 -11.42 4.08 6.70
C ARG A 4 -9.97 3.64 6.93
N PHE A 5 -9.45 2.85 6.00
CA PHE A 5 -8.08 2.36 6.10
C PHE A 5 -7.47 2.16 4.73
N CYS A 6 -6.21 1.73 4.70
CA CYS A 6 -5.51 1.50 3.44
C CYS A 6 -4.61 0.28 3.53
N VAL A 7 -4.81 -0.66 2.60
CA VAL A 7 -4.01 -1.88 2.58
C VAL A 7 -3.11 -1.93 1.35
N TYR A 8 -2.00 -2.65 1.47
CA TYR A 8 -1.06 -2.78 0.35
C TYR A 8 -0.81 -4.24 0.02
N TYR A 9 -0.93 -4.57 -1.26
CA TYR A 9 -0.72 -5.94 -1.71
C TYR A 9 0.39 -6.00 -2.76
N ASP A 10 0.68 -7.21 -3.24
CA ASP A 10 1.72 -7.41 -4.24
C ASP A 10 1.16 -8.07 -5.49
N GLY A 11 1.79 -7.81 -6.63
CA GLY A 11 1.33 -8.40 -7.88
C GLY A 11 1.17 -9.90 -7.79
N HIS A 12 -0.08 -10.35 -7.68
CA HIS A 12 -0.36 -11.78 -7.58
C HIS A 12 -1.87 -12.04 -7.67
N LEU A 13 -2.26 -12.95 -8.55
CA LEU A 13 -3.66 -13.29 -8.73
C LEU A 13 -4.32 -13.60 -7.39
N PRO A 14 -5.67 -13.53 -7.36
CA PRO A 14 -6.45 -13.81 -6.15
C PRO A 14 -6.41 -15.27 -5.75
N ALA A 15 -5.86 -16.10 -6.62
CA ALA A 15 -5.76 -17.53 -6.37
C ALA A 15 -4.69 -17.83 -5.32
N THR A 16 -3.60 -17.07 -5.37
CA THR A 16 -2.49 -17.25 -4.42
C THR A 16 -1.95 -15.91 -3.94
N ARG A 17 -2.81 -14.89 -3.95
CA ARG A 17 -2.42 -13.56 -3.52
C ARG A 17 -1.77 -13.61 -2.14
N VAL A 18 -1.04 -12.54 -1.80
CA VAL A 18 -0.37 -12.45 -0.51
C VAL A 18 -0.38 -11.03 0.04
N LEU A 19 -1.05 -10.84 1.17
CA LEU A 19 -1.14 -9.53 1.79
C LEU A 19 0.21 -9.09 2.35
N LEU A 20 0.57 -7.84 2.09
CA LEU A 20 1.84 -7.30 2.57
C LEU A 20 1.73 -6.86 4.03
N MET A 21 0.89 -5.87 4.28
CA MET A 21 0.69 -5.37 5.63
C MET A 21 -0.35 -4.24 5.64
N TYR A 22 -0.99 -4.06 6.79
CA TYR A 22 -2.01 -3.02 6.93
C TYR A 22 -1.38 -1.69 7.30
N VAL A 23 -1.70 -0.65 6.53
CA VAL A 23 -1.17 0.68 6.77
C VAL A 23 -2.23 1.61 7.35
N ARG A 24 -2.08 1.96 8.62
CA ARG A 24 -3.02 2.83 9.29
C ARG A 24 -2.88 4.27 8.80
N ILE A 25 -4.03 4.94 8.62
CA ILE A 25 -4.03 6.32 8.14
C ILE A 25 -3.83 7.29 9.29
N GLY A 26 -2.74 7.10 10.04
CA GLY A 26 -2.45 7.98 11.17
C GLY A 26 -1.05 8.56 11.10
N THR A 27 -0.13 7.79 10.56
CA THR A 27 1.26 8.22 10.44
C THR A 27 1.90 7.71 9.16
N THR A 28 3.11 8.17 8.88
CA THR A 28 3.83 7.76 7.67
C THR A 28 4.80 6.63 7.98
N ALA A 29 4.66 5.53 7.24
CA ALA A 29 5.53 4.37 7.42
C ALA A 29 5.99 3.81 6.08
N THR A 30 6.89 2.83 6.13
CA THR A 30 7.41 2.21 4.92
C THR A 30 7.13 0.71 4.91
N ILE A 31 6.88 0.16 3.72
CA ILE A 31 6.61 -1.25 3.57
C ILE A 31 7.78 -1.97 2.92
N THR A 32 7.99 -3.23 3.32
CA THR A 32 9.08 -4.03 2.77
C THR A 32 8.55 -5.20 1.96
N ALA A 33 8.89 -5.25 0.68
CA ALA A 33 8.44 -6.31 -0.21
C ALA A 33 9.44 -6.54 -1.34
N ARG A 34 9.66 -7.81 -1.66
CA ARG A 34 10.60 -8.18 -2.73
C ARG A 34 11.95 -7.50 -2.51
N GLY A 35 12.46 -7.59 -1.28
CA GLY A 35 13.74 -6.99 -0.97
C GLY A 35 13.80 -5.52 -1.34
N HIS A 36 12.63 -4.87 -1.37
CA HIS A 36 12.57 -3.46 -1.71
C HIS A 36 11.73 -2.69 -0.69
N GLU A 37 12.13 -1.45 -0.44
CA GLU A 37 11.42 -0.60 0.52
C GLU A 37 10.54 0.42 -0.19
N PHE A 38 9.27 0.46 0.19
CA PHE A 38 8.32 1.39 -0.41
C PHE A 38 7.68 2.29 0.64
N GLU A 39 8.02 3.57 0.62
CA GLU A 39 7.49 4.54 1.58
C GLU A 39 6.25 5.22 1.02
N VAL A 40 5.08 4.83 1.53
CA VAL A 40 3.81 5.41 1.09
C VAL A 40 3.28 6.40 2.10
N GLU A 41 2.26 7.15 1.71
CA GLU A 41 1.66 8.15 2.59
C GLU A 41 0.14 7.97 2.65
N ALA A 42 -0.40 7.93 3.86
CA ALA A 42 -1.84 7.78 4.04
C ALA A 42 -2.49 9.11 4.43
N LYS A 43 -3.43 9.57 3.60
CA LYS A 43 -4.12 10.81 3.86
C LYS A 43 -5.61 10.57 4.09
N ASP A 44 -6.12 9.47 3.54
CA ASP A 44 -7.53 9.12 3.68
C ASP A 44 -7.84 7.82 2.96
N GLN A 45 -9.12 7.43 2.97
CA GLN A 45 -9.55 6.21 2.30
C GLN A 45 -9.05 6.16 0.87
N ASN A 46 -8.90 7.33 0.25
CA ASN A 46 -8.44 7.42 -1.13
C ASN A 46 -6.92 7.27 -1.19
N CYS A 47 -6.46 6.03 -1.20
CA CYS A 47 -5.02 5.77 -1.26
C CYS A 47 -4.63 5.25 -2.63
N LYS A 48 -3.51 5.76 -3.16
CA LYS A 48 -3.03 5.36 -4.47
C LYS A 48 -1.55 4.96 -4.40
N VAL A 49 -1.19 3.89 -5.11
CA VAL A 49 0.18 3.42 -5.13
C VAL A 49 1.15 4.54 -5.49
N ILE A 50 1.85 5.05 -4.47
CA ILE A 50 2.81 6.13 -4.67
C ILE A 50 3.90 6.11 -3.60
N LEU A 51 5.08 6.59 -3.96
CA LEU A 51 6.20 6.62 -3.04
C LEU A 51 6.64 8.06 -2.76
N THR A 52 7.18 8.30 -1.58
CA THR A 52 7.64 9.63 -1.19
C THR A 52 9.08 9.86 -1.63
N ASN A 53 9.62 8.91 -2.39
CA ASN A 53 10.99 9.01 -2.87
C ASN A 53 11.04 9.54 -4.30
N GLY A 54 10.06 10.39 -4.63
CA GLY A 54 10.01 10.96 -5.97
C GLY A 54 9.84 9.90 -7.04
N LYS A 55 9.24 8.78 -6.68
CA LYS A 55 9.02 7.68 -7.62
C LYS A 55 7.64 7.05 -7.41
N GLN A 56 7.15 6.38 -8.44
CA GLN A 56 5.85 5.71 -8.37
C GLN A 56 6.00 4.20 -8.37
N ALA A 57 5.09 3.51 -7.70
CA ALA A 57 5.11 2.06 -7.63
C ALA A 57 5.21 1.45 -9.03
N PRO A 58 5.65 0.18 -9.08
CA PRO A 58 5.79 -0.54 -10.35
C PRO A 58 4.45 -0.88 -10.99
N ASP A 59 4.48 -1.69 -12.03
CA ASP A 59 3.26 -2.09 -12.73
C ASP A 59 2.59 -3.26 -12.03
N TRP A 60 3.32 -3.90 -11.12
CA TRP A 60 2.79 -5.04 -10.38
C TRP A 60 2.46 -4.64 -8.94
N LEU A 61 2.21 -3.36 -8.74
CA LEU A 61 1.87 -2.86 -7.41
C LEU A 61 0.45 -2.30 -7.38
N ALA A 62 -0.22 -2.49 -6.25
CA ALA A 62 -1.59 -2.01 -6.10
C ALA A 62 -1.88 -1.64 -4.64
N ALA A 63 -3.06 -1.09 -4.41
CA ALA A 63 -3.47 -0.69 -3.05
C ALA A 63 -4.99 -0.62 -2.93
N GLU A 64 -5.55 -1.48 -2.10
CA GLU A 64 -6.99 -1.51 -1.89
C GLU A 64 -7.38 -0.74 -0.64
N PRO A 65 -8.66 -0.34 -0.55
CA PRO A 65 -9.19 0.41 0.60
C PRO A 65 -9.27 -0.45 1.86
N TYR A 66 -9.71 0.17 2.96
CA TYR A 66 -9.82 -0.53 4.23
C TYR A 66 -8.50 -1.20 4.61
N ALA A 1 -18.66 9.12 10.61
CA ALA A 1 -17.24 8.85 10.76
C ALA A 1 -16.98 7.36 10.91
N PRO A 2 -17.19 6.60 9.82
CA PRO A 2 -16.99 5.15 9.81
C PRO A 2 -15.50 4.78 9.90
N ALA A 3 -15.22 3.49 9.72
CA ALA A 3 -13.85 3.00 9.77
C ALA A 3 -13.22 2.96 8.38
N ARG A 4 -12.00 3.49 8.26
CA ARG A 4 -11.29 3.51 6.99
C ARG A 4 -9.83 3.12 7.18
N PHE A 5 -9.33 2.28 6.28
CA PHE A 5 -7.94 1.83 6.35
C PHE A 5 -7.37 1.64 4.94
N CYS A 6 -6.08 1.34 4.87
CA CYS A 6 -5.41 1.12 3.59
C CYS A 6 -4.50 -0.10 3.66
N VAL A 7 -4.63 -0.99 2.68
CA VAL A 7 -3.80 -2.19 2.62
C VAL A 7 -2.96 -2.22 1.35
N TYR A 8 -1.76 -2.77 1.46
CA TYR A 8 -0.85 -2.86 0.33
C TYR A 8 -0.64 -4.31 -0.09
N TYR A 9 -0.78 -4.56 -1.39
CA TYR A 9 -0.62 -5.91 -1.93
C TYR A 9 0.48 -5.95 -2.99
N ASP A 10 0.74 -7.13 -3.52
CA ASP A 10 1.76 -7.31 -4.54
C ASP A 10 1.18 -7.92 -5.82
N GLY A 11 1.78 -7.63 -6.95
CA GLY A 11 1.31 -8.16 -8.21
C GLY A 11 1.14 -9.67 -8.17
N HIS A 12 -0.11 -10.12 -8.07
CA HIS A 12 -0.42 -11.54 -8.01
C HIS A 12 -1.93 -11.77 -8.08
N LEU A 13 -2.34 -12.66 -8.98
CA LEU A 13 -3.75 -12.98 -9.15
C LEU A 13 -4.40 -13.32 -7.81
N PRO A 14 -5.73 -13.24 -7.76
CA PRO A 14 -6.50 -13.54 -6.55
C PRO A 14 -6.47 -15.02 -6.19
N ALA A 15 -5.93 -15.84 -7.09
CA ALA A 15 -5.85 -17.27 -6.88
C ALA A 15 -4.80 -17.61 -5.82
N THR A 16 -3.70 -16.86 -5.83
CA THR A 16 -2.62 -17.07 -4.89
C THR A 16 -2.07 -15.75 -4.36
N ARG A 17 -2.92 -14.72 -4.35
CA ARG A 17 -2.51 -13.40 -3.89
C ARG A 17 -1.88 -13.49 -2.50
N VAL A 18 -1.15 -12.44 -2.12
CA VAL A 18 -0.50 -12.40 -0.82
C VAL A 18 -0.51 -10.99 -0.25
N LEU A 19 -0.97 -10.86 0.99
CA LEU A 19 -1.03 -9.57 1.66
C LEU A 19 0.34 -9.16 2.19
N LEU A 20 0.75 -7.94 1.89
CA LEU A 20 2.04 -7.42 2.33
C LEU A 20 1.97 -7.01 3.80
N MET A 21 1.12 -6.04 4.09
CA MET A 21 0.97 -5.55 5.46
C MET A 21 -0.09 -4.45 5.52
N TYR A 22 -0.68 -4.27 6.70
CA TYR A 22 -1.71 -3.26 6.90
C TYR A 22 -1.09 -1.90 7.22
N VAL A 23 -1.67 -0.84 6.67
CA VAL A 23 -1.17 0.51 6.88
C VAL A 23 -2.26 1.41 7.47
N ARG A 24 -2.09 1.80 8.73
CA ARG A 24 -3.06 2.66 9.40
C ARG A 24 -3.03 4.07 8.83
N ILE A 25 -4.21 4.64 8.61
CA ILE A 25 -4.32 5.99 8.07
C ILE A 25 -4.11 7.04 9.14
N GLY A 26 -2.96 6.99 9.81
CA GLY A 26 -2.66 7.94 10.86
C GLY A 26 -1.32 8.62 10.66
N THR A 27 -0.36 7.89 10.09
CA THR A 27 0.97 8.43 9.85
C THR A 27 1.61 7.78 8.61
N THR A 28 2.77 8.29 8.23
CA THR A 28 3.47 7.77 7.07
C THR A 28 4.55 6.77 7.48
N ALA A 29 4.49 5.57 6.92
CA ALA A 29 5.45 4.52 7.23
C ALA A 29 5.99 3.87 5.95
N THR A 30 6.96 2.99 6.12
CA THR A 30 7.57 2.30 4.98
C THR A 30 7.27 0.81 5.01
N ILE A 31 6.73 0.31 3.90
CA ILE A 31 6.39 -1.10 3.80
C ILE A 31 7.52 -1.90 3.15
N THR A 32 7.69 -3.14 3.60
CA THR A 32 8.75 -4.00 3.07
C THR A 32 8.17 -5.07 2.16
N ALA A 33 8.42 -4.94 0.87
CA ALA A 33 7.92 -5.91 -0.11
C ALA A 33 8.97 -6.21 -1.18
N ARG A 34 9.07 -7.47 -1.57
CA ARG A 34 10.04 -7.89 -2.57
C ARG A 34 11.45 -7.48 -2.17
N GLY A 35 11.77 -7.62 -0.88
CA GLY A 35 13.08 -7.27 -0.39
C GLY A 35 13.41 -5.80 -0.63
N HIS A 36 12.38 -4.99 -0.80
CA HIS A 36 12.57 -3.56 -1.04
C HIS A 36 11.74 -2.73 -0.05
N GLU A 37 12.04 -1.44 0.02
CA GLU A 37 11.33 -0.54 0.93
C GLU A 37 10.46 0.44 0.15
N PHE A 38 9.18 0.50 0.50
CA PHE A 38 8.25 1.40 -0.17
C PHE A 38 7.58 2.33 0.84
N GLU A 39 7.91 3.62 0.75
CA GLU A 39 7.35 4.61 1.65
C GLU A 39 6.13 5.29 1.03
N VAL A 40 4.95 4.82 1.41
CA VAL A 40 3.71 5.39 0.89
C VAL A 40 3.11 6.40 1.85
N GLU A 41 2.01 7.03 1.43
CA GLU A 41 1.35 8.03 2.27
C GLU A 41 -0.16 7.78 2.30
N ALA A 42 -0.71 7.69 3.51
CA ALA A 42 -2.15 7.47 3.67
C ALA A 42 -2.86 8.75 4.09
N LYS A 43 -3.88 9.12 3.34
CA LYS A 43 -4.65 10.33 3.64
C LYS A 43 -6.10 9.98 3.98
N ASP A 44 -6.57 8.85 3.49
CA ASP A 44 -7.92 8.40 3.74
C ASP A 44 -8.21 7.07 3.06
N GLN A 45 -9.47 6.65 3.07
CA GLN A 45 -9.87 5.39 2.44
C GLN A 45 -9.36 5.31 1.01
N ASN A 46 -9.24 6.47 0.36
CA ASN A 46 -8.77 6.52 -1.02
C ASN A 46 -7.24 6.56 -1.06
N CYS A 47 -6.62 5.37 -1.03
CA CYS A 47 -5.17 5.26 -1.07
C CYS A 47 -4.71 4.76 -2.43
N LYS A 48 -3.67 5.40 -2.95
CA LYS A 48 -3.12 5.01 -4.26
C LYS A 48 -1.74 4.37 -4.09
N VAL A 49 -1.06 4.17 -5.22
CA VAL A 49 0.27 3.57 -5.21
C VAL A 49 1.34 4.59 -5.60
N ILE A 50 1.98 5.17 -4.61
CA ILE A 50 3.03 6.15 -4.86
C ILE A 50 4.02 6.22 -3.69
N LEU A 51 5.26 6.57 -4.01
CA LEU A 51 6.30 6.67 -2.99
C LEU A 51 6.79 8.10 -2.84
N THR A 52 7.30 8.42 -1.66
CA THR A 52 7.80 9.77 -1.39
C THR A 52 9.26 9.91 -1.80
N ASN A 53 9.79 8.88 -2.45
CA ASN A 53 11.18 8.88 -2.90
C ASN A 53 11.27 9.33 -4.36
N GLY A 54 10.30 10.11 -4.80
CA GLY A 54 10.30 10.59 -6.17
C GLY A 54 10.23 9.46 -7.17
N LYS A 55 9.67 8.33 -6.76
CA LYS A 55 9.55 7.16 -7.63
C LYS A 55 8.21 6.47 -7.41
N GLN A 56 7.36 6.52 -8.43
CA GLN A 56 6.05 5.89 -8.36
C GLN A 56 6.17 4.36 -8.39
N ALA A 57 5.24 3.68 -7.73
CA ALA A 57 5.24 2.22 -7.69
C ALA A 57 5.32 1.64 -9.10
N PRO A 58 5.74 0.37 -9.21
CA PRO A 58 5.86 -0.33 -10.49
C PRO A 58 4.50 -0.61 -11.12
N ASP A 59 4.51 -1.41 -12.18
CA ASP A 59 3.28 -1.76 -12.89
C ASP A 59 2.59 -2.95 -12.21
N TRP A 60 3.33 -3.62 -11.33
CA TRP A 60 2.78 -4.77 -10.61
C TRP A 60 2.47 -4.42 -9.16
N LEU A 61 2.24 -3.14 -8.91
CA LEU A 61 1.92 -2.66 -7.57
C LEU A 61 0.51 -2.10 -7.50
N ALA A 62 -0.16 -2.31 -6.37
CA ALA A 62 -1.51 -1.81 -6.19
C ALA A 62 -1.78 -1.48 -4.72
N ALA A 63 -2.96 -0.94 -4.45
CA ALA A 63 -3.35 -0.59 -3.10
C ALA A 63 -4.87 -0.51 -2.94
N GLU A 64 -5.42 -1.44 -2.16
CA GLU A 64 -6.86 -1.48 -1.94
C GLU A 64 -7.22 -0.93 -0.57
N PRO A 65 -8.49 -0.54 -0.39
CA PRO A 65 -8.99 0.01 0.88
C PRO A 65 -9.05 -1.04 1.98
N TYR A 66 -9.49 -0.63 3.16
CA TYR A 66 -9.60 -1.53 4.30
C TYR A 66 -8.27 -2.21 4.59
N ALA A 1 -19.52 8.69 12.67
CA ALA A 1 -18.07 8.83 12.64
C ALA A 1 -17.41 7.52 12.19
N PRO A 2 -17.58 7.19 10.89
CA PRO A 2 -17.01 5.97 10.31
C PRO A 2 -15.48 6.05 10.19
N ALA A 3 -14.86 4.89 10.08
CA ALA A 3 -13.40 4.82 9.95
C ALA A 3 -12.99 4.28 8.60
N ARG A 4 -11.88 4.79 8.07
CA ARG A 4 -11.38 4.36 6.77
C ARG A 4 -9.91 3.94 6.87
N PHE A 5 -9.56 2.87 6.16
CA PHE A 5 -8.19 2.37 6.16
C PHE A 5 -7.72 2.03 4.75
N CYS A 6 -6.46 1.66 4.62
CA CYS A 6 -5.89 1.31 3.32
C CYS A 6 -5.05 0.04 3.42
N VAL A 7 -5.17 -0.83 2.42
CA VAL A 7 -4.41 -2.07 2.39
C VAL A 7 -3.48 -2.12 1.18
N TYR A 8 -2.35 -2.80 1.35
CA TYR A 8 -1.37 -2.92 0.28
C TYR A 8 -1.15 -4.39 -0.10
N TYR A 9 -1.08 -4.66 -1.39
CA TYR A 9 -0.87 -6.01 -1.88
C TYR A 9 0.29 -6.07 -2.87
N ASP A 10 0.61 -7.27 -3.33
CA ASP A 10 1.71 -7.46 -4.28
C ASP A 10 1.20 -8.14 -5.55
N GLY A 11 1.89 -7.88 -6.66
CA GLY A 11 1.51 -8.48 -7.92
C GLY A 11 1.36 -9.98 -7.83
N HIS A 12 0.11 -10.45 -7.78
CA HIS A 12 -0.17 -11.88 -7.69
C HIS A 12 -1.66 -12.15 -7.85
N LEU A 13 -2.00 -13.07 -8.74
CA LEU A 13 -3.39 -13.43 -8.99
C LEU A 13 -4.12 -13.74 -7.68
N PRO A 14 -5.46 -13.69 -7.72
CA PRO A 14 -6.29 -13.96 -6.54
C PRO A 14 -6.26 -15.43 -6.14
N ALA A 15 -5.64 -16.26 -6.98
CA ALA A 15 -5.55 -17.69 -6.70
C ALA A 15 -4.54 -17.96 -5.60
N THR A 16 -3.45 -17.20 -5.59
CA THR A 16 -2.41 -17.36 -4.58
C THR A 16 -1.90 -16.01 -4.09
N ARG A 17 -2.76 -15.00 -4.16
CA ARG A 17 -2.40 -13.65 -3.72
C ARG A 17 -1.83 -13.68 -2.31
N VAL A 18 -1.14 -12.60 -1.94
CA VAL A 18 -0.54 -12.51 -0.61
C VAL A 18 -0.60 -11.07 -0.08
N LEU A 19 -1.23 -10.89 1.06
CA LEU A 19 -1.37 -9.58 1.67
C LEU A 19 -0.03 -9.11 2.25
N LEU A 20 0.31 -7.86 1.99
CA LEU A 20 1.56 -7.29 2.48
C LEU A 20 1.42 -6.85 3.93
N MET A 21 0.55 -5.86 4.17
CA MET A 21 0.32 -5.36 5.51
C MET A 21 -0.73 -4.26 5.51
N TYR A 22 -1.36 -4.04 6.65
CA TYR A 22 -2.40 -3.02 6.78
C TYR A 22 -1.78 -1.66 7.09
N VAL A 23 -2.36 -0.62 6.50
CA VAL A 23 -1.87 0.74 6.72
C VAL A 23 -2.94 1.62 7.37
N ARG A 24 -2.56 2.29 8.46
CA ARG A 24 -3.49 3.15 9.18
C ARG A 24 -3.36 4.60 8.71
N ILE A 25 -4.49 5.29 8.63
CA ILE A 25 -4.50 6.68 8.19
C ILE A 25 -4.21 7.62 9.36
N GLY A 26 -3.11 7.38 10.05
CA GLY A 26 -2.74 8.22 11.17
C GLY A 26 -1.33 8.77 11.05
N THR A 27 -0.45 7.99 10.43
CA THR A 27 0.95 8.40 10.26
C THR A 27 1.52 7.83 8.97
N THR A 28 2.75 8.24 8.64
CA THR A 28 3.42 7.76 7.44
C THR A 28 4.36 6.61 7.76
N ALA A 29 4.17 5.48 7.07
CA ALA A 29 5.01 4.31 7.27
C ALA A 29 5.54 3.77 5.94
N THR A 30 6.40 2.77 6.02
CA THR A 30 6.98 2.17 4.83
C THR A 30 6.87 0.65 4.87
N ILE A 31 6.40 0.07 3.78
CA ILE A 31 6.24 -1.39 3.69
C ILE A 31 7.46 -2.03 3.03
N THR A 32 7.81 -3.22 3.49
CA THR A 32 8.95 -3.94 2.95
C THR A 32 8.52 -5.24 2.27
N ALA A 33 8.73 -5.31 0.96
CA ALA A 33 8.36 -6.49 0.19
C ALA A 33 9.32 -6.72 -0.98
N ARG A 34 9.52 -7.98 -1.35
CA ARG A 34 10.41 -8.32 -2.44
C ARG A 34 11.78 -7.68 -2.26
N GLY A 35 12.27 -7.70 -1.02
CA GLY A 35 13.56 -7.11 -0.72
C GLY A 35 13.64 -5.64 -1.09
N HIS A 36 12.50 -4.97 -1.05
CA HIS A 36 12.44 -3.54 -1.38
C HIS A 36 11.53 -2.80 -0.41
N GLU A 37 11.84 -1.52 -0.17
CA GLU A 37 11.06 -0.70 0.74
C GLU A 37 10.23 0.32 -0.04
N PHE A 38 8.96 0.46 0.36
CA PHE A 38 8.06 1.40 -0.29
C PHE A 38 7.38 2.30 0.73
N GLU A 39 7.74 3.58 0.71
CA GLU A 39 7.17 4.55 1.64
C GLU A 39 5.97 5.27 1.00
N VAL A 40 4.77 4.88 1.41
CA VAL A 40 3.55 5.49 0.89
C VAL A 40 2.99 6.52 1.86
N GLU A 41 2.02 7.30 1.40
CA GLU A 41 1.40 8.32 2.23
C GLU A 41 -0.09 8.05 2.39
N ALA A 42 -0.54 7.91 3.63
CA ALA A 42 -1.94 7.65 3.92
C ALA A 42 -2.66 8.93 4.35
N LYS A 43 -3.65 9.34 3.56
CA LYS A 43 -4.41 10.54 3.85
C LYS A 43 -5.88 10.20 4.11
N ASP A 44 -6.36 9.13 3.50
CA ASP A 44 -7.74 8.70 3.66
C ASP A 44 -8.02 7.45 2.84
N GLN A 45 -9.29 7.07 2.77
CA GLN A 45 -9.69 5.88 2.01
C GLN A 45 -9.13 5.91 0.60
N ASN A 46 -9.03 7.12 0.04
CA ASN A 46 -8.51 7.29 -1.31
C ASN A 46 -6.99 7.15 -1.34
N CYS A 47 -6.52 5.92 -1.38
CA CYS A 47 -5.08 5.65 -1.40
C CYS A 47 -4.63 5.21 -2.80
N LYS A 48 -3.51 5.75 -3.25
CA LYS A 48 -2.98 5.42 -4.56
C LYS A 48 -1.50 5.04 -4.46
N VAL A 49 -1.14 3.94 -5.13
CA VAL A 49 0.24 3.47 -5.12
C VAL A 49 1.21 4.59 -5.50
N ILE A 50 1.90 5.13 -4.50
CA ILE A 50 2.86 6.20 -4.72
C ILE A 50 3.94 6.22 -3.64
N LEU A 51 5.13 6.68 -4.00
CA LEU A 51 6.24 6.76 -3.06
C LEU A 51 6.64 8.20 -2.81
N THR A 52 7.17 8.47 -1.61
CA THR A 52 7.60 9.81 -1.25
C THR A 52 9.04 10.06 -1.68
N ASN A 53 9.60 9.11 -2.42
CA ASN A 53 10.98 9.24 -2.90
C ASN A 53 11.01 9.74 -4.34
N GLY A 54 10.02 10.56 -4.70
CA GLY A 54 9.96 11.10 -6.04
C GLY A 54 9.83 10.01 -7.10
N LYS A 55 9.23 8.89 -6.71
CA LYS A 55 9.05 7.78 -7.64
C LYS A 55 7.67 7.14 -7.45
N GLN A 56 7.20 6.43 -8.47
CA GLN A 56 5.91 5.78 -8.42
C GLN A 56 6.07 4.26 -8.40
N ALA A 57 5.14 3.58 -7.73
CA ALA A 57 5.18 2.12 -7.64
C ALA A 57 5.30 1.49 -9.02
N PRO A 58 5.75 0.22 -9.06
CA PRO A 58 5.91 -0.52 -10.31
C PRO A 58 4.59 -0.87 -10.96
N ASP A 59 4.64 -1.70 -11.99
CA ASP A 59 3.43 -2.12 -12.70
C ASP A 59 2.75 -3.29 -12.00
N TRP A 60 3.49 -3.90 -11.07
CA TRP A 60 2.95 -5.04 -10.32
C TRP A 60 2.59 -4.63 -8.89
N LEU A 61 2.33 -3.34 -8.70
CA LEU A 61 1.97 -2.82 -7.39
C LEU A 61 0.55 -2.28 -7.38
N ALA A 62 -0.17 -2.51 -6.29
CA ALA A 62 -1.54 -2.04 -6.16
C ALA A 62 -1.88 -1.74 -4.71
N ALA A 63 -3.07 -1.18 -4.49
CA ALA A 63 -3.51 -0.83 -3.15
C ALA A 63 -5.04 -0.74 -3.08
N GLU A 64 -5.65 -1.66 -2.34
CA GLU A 64 -7.09 -1.69 -2.18
C GLU A 64 -7.50 -1.38 -0.74
N PRO A 65 -8.77 -0.98 -0.57
CA PRO A 65 -9.31 -0.64 0.76
C PRO A 65 -9.47 -1.87 1.65
N TYR A 66 -9.96 -1.65 2.86
CA TYR A 66 -10.16 -2.75 3.81
C TYR A 66 -11.27 -3.67 3.35
N ALA A 1 -19.63 3.30 14.18
CA ALA A 1 -18.19 3.44 14.29
C ALA A 1 -17.54 3.36 12.91
N PRO A 2 -17.76 4.39 12.09
CA PRO A 2 -17.21 4.47 10.73
C PRO A 2 -15.70 4.69 10.75
N ALA A 3 -14.95 3.66 10.34
CA ALA A 3 -13.49 3.74 10.30
C ALA A 3 -12.98 3.59 8.88
N ARG A 4 -11.81 4.17 8.61
CA ARG A 4 -11.20 4.10 7.28
C ARG A 4 -9.73 3.71 7.38
N PHE A 5 -9.32 2.78 6.51
CA PHE A 5 -7.94 2.31 6.49
C PHE A 5 -7.50 1.97 5.08
N CYS A 6 -6.19 1.81 4.89
CA CYS A 6 -5.63 1.48 3.59
C CYS A 6 -4.87 0.16 3.63
N VAL A 7 -5.01 -0.64 2.58
CA VAL A 7 -4.34 -1.93 2.51
C VAL A 7 -3.40 -1.99 1.30
N TYR A 8 -2.32 -2.76 1.43
CA TYR A 8 -1.35 -2.89 0.35
C TYR A 8 -1.14 -4.36 0.00
N TYR A 9 -1.10 -4.64 -1.30
CA TYR A 9 -0.91 -6.01 -1.78
C TYR A 9 0.24 -6.07 -2.78
N ASP A 10 0.52 -7.28 -3.26
CA ASP A 10 1.60 -7.49 -4.23
C ASP A 10 1.06 -8.15 -5.50
N GLY A 11 1.71 -7.90 -6.63
CA GLY A 11 1.29 -8.47 -7.88
C GLY A 11 1.12 -9.98 -7.80
N HIS A 12 -0.13 -10.43 -7.71
CA HIS A 12 -0.43 -11.85 -7.62
C HIS A 12 -1.93 -12.10 -7.75
N LEU A 13 -2.30 -13.02 -8.63
CA LEU A 13 -3.71 -13.35 -8.85
C LEU A 13 -4.41 -13.65 -7.53
N PRO A 14 -5.75 -13.58 -7.54
CA PRO A 14 -6.56 -13.84 -6.35
C PRO A 14 -6.54 -15.31 -5.94
N ALA A 15 -5.96 -16.15 -6.80
CA ALA A 15 -5.87 -17.58 -6.54
C ALA A 15 -4.83 -17.87 -5.47
N THR A 16 -3.73 -17.12 -5.49
CA THR A 16 -2.66 -17.30 -4.52
C THR A 16 -2.13 -15.97 -4.03
N ARG A 17 -2.98 -14.95 -4.05
CA ARG A 17 -2.59 -13.61 -3.62
C ARG A 17 -1.97 -13.66 -2.22
N VAL A 18 -1.24 -12.61 -1.86
CA VAL A 18 -0.59 -12.53 -0.57
C VAL A 18 -0.61 -11.10 -0.03
N LEU A 19 -1.31 -10.90 1.08
CA LEU A 19 -1.41 -9.58 1.69
C LEU A 19 -0.06 -9.15 2.26
N LEU A 20 0.27 -7.88 2.09
CA LEU A 20 1.53 -7.34 2.61
C LEU A 20 1.39 -6.91 4.06
N MET A 21 0.59 -5.86 4.28
CA MET A 21 0.36 -5.34 5.63
C MET A 21 -0.60 -4.16 5.60
N TYR A 22 -1.24 -3.91 6.73
CA TYR A 22 -2.19 -2.80 6.84
C TYR A 22 -1.48 -1.50 7.17
N VAL A 23 -1.90 -0.42 6.52
CA VAL A 23 -1.31 0.89 6.74
C VAL A 23 -2.32 1.85 7.36
N ARG A 24 -2.06 2.24 8.61
CA ARG A 24 -2.94 3.15 9.32
C ARG A 24 -2.91 4.55 8.69
N ILE A 25 -4.07 5.15 8.52
CA ILE A 25 -4.18 6.48 7.93
C ILE A 25 -3.97 7.56 8.98
N GLY A 26 -2.84 7.49 9.68
CA GLY A 26 -2.53 8.47 10.71
C GLY A 26 -1.17 9.10 10.52
N THR A 27 -0.22 8.32 9.99
CA THR A 27 1.13 8.81 9.75
C THR A 27 1.75 8.15 8.54
N THR A 28 2.94 8.61 8.16
CA THR A 28 3.64 8.06 7.00
C THR A 28 4.66 7.02 7.42
N ALA A 29 4.55 5.82 6.85
CA ALA A 29 5.47 4.74 7.16
C ALA A 29 5.98 4.06 5.89
N THR A 30 6.92 3.13 6.05
CA THR A 30 7.49 2.42 4.91
C THR A 30 7.13 0.94 4.96
N ILE A 31 6.96 0.34 3.78
CA ILE A 31 6.61 -1.06 3.69
C ILE A 31 7.78 -1.88 3.13
N THR A 32 7.91 -3.11 3.60
CA THR A 32 8.98 -4.00 3.14
C THR A 32 8.43 -5.16 2.32
N ALA A 33 8.79 -5.19 1.04
CA ALA A 33 8.33 -6.26 0.16
C ALA A 33 9.34 -6.51 -0.96
N ARG A 34 9.51 -7.78 -1.31
CA ARG A 34 10.46 -8.16 -2.36
C ARG A 34 11.83 -7.55 -2.10
N GLY A 35 12.28 -7.60 -0.85
CA GLY A 35 13.57 -7.05 -0.50
C GLY A 35 13.70 -5.58 -0.87
N HIS A 36 12.56 -4.91 -1.00
CA HIS A 36 12.54 -3.49 -1.35
C HIS A 36 11.67 -2.70 -0.38
N GLU A 37 12.03 -1.45 -0.16
CA GLU A 37 11.27 -0.58 0.74
C GLU A 37 10.40 0.39 -0.04
N PHE A 38 9.12 0.45 0.32
CA PHE A 38 8.18 1.34 -0.35
C PHE A 38 7.50 2.28 0.65
N GLU A 39 7.83 3.57 0.57
CA GLU A 39 7.26 4.56 1.47
C GLU A 39 6.02 5.20 0.86
N VAL A 40 4.84 4.75 1.29
CA VAL A 40 3.58 5.28 0.79
C VAL A 40 3.01 6.33 1.73
N GLU A 41 2.07 7.12 1.23
CA GLU A 41 1.44 8.16 2.03
C GLU A 41 -0.07 7.96 2.09
N ALA A 42 -0.59 7.94 3.31
CA ALA A 42 -2.03 7.75 3.52
C ALA A 42 -2.71 9.06 3.88
N LYS A 43 -3.74 9.42 3.12
CA LYS A 43 -4.48 10.66 3.36
C LYS A 43 -5.93 10.36 3.74
N ASP A 44 -6.42 9.22 3.30
CA ASP A 44 -7.79 8.81 3.59
C ASP A 44 -8.10 7.46 2.97
N GLN A 45 -9.37 7.07 3.01
CA GLN A 45 -9.80 5.79 2.46
C GLN A 45 -9.32 5.63 1.02
N ASN A 46 -9.17 6.74 0.31
CA ASN A 46 -8.72 6.73 -1.06
C ASN A 46 -7.19 6.72 -1.13
N CYS A 47 -6.60 5.54 -1.04
CA CYS A 47 -5.15 5.40 -1.09
C CYS A 47 -4.71 4.82 -2.42
N LYS A 48 -3.66 5.41 -2.99
CA LYS A 48 -3.13 4.95 -4.27
C LYS A 48 -1.76 4.30 -4.10
N VAL A 49 -1.09 4.02 -5.22
CA VAL A 49 0.23 3.40 -5.18
C VAL A 49 1.30 4.37 -5.65
N ILE A 50 1.98 5.00 -4.70
CA ILE A 50 3.03 5.96 -5.01
C ILE A 50 4.04 6.06 -3.87
N LEU A 51 5.28 6.37 -4.22
CA LEU A 51 6.35 6.50 -3.22
C LEU A 51 6.70 7.96 -3.00
N THR A 52 7.14 8.28 -1.78
CA THR A 52 7.52 9.65 -1.44
C THR A 52 8.97 9.92 -1.77
N ASN A 53 9.61 8.95 -2.44
CA ASN A 53 11.02 9.09 -2.83
C ASN A 53 11.14 9.55 -4.27
N GLY A 54 10.21 10.39 -4.71
CA GLY A 54 10.22 10.88 -6.07
C GLY A 54 10.12 9.77 -7.10
N LYS A 55 9.46 8.68 -6.72
CA LYS A 55 9.28 7.54 -7.60
C LYS A 55 7.88 6.95 -7.46
N GLN A 56 7.43 6.23 -8.48
CA GLN A 56 6.11 5.61 -8.46
C GLN A 56 6.23 4.09 -8.43
N ALA A 57 5.28 3.44 -7.76
CA ALA A 57 5.26 1.99 -7.65
C ALA A 57 5.36 1.34 -9.03
N PRO A 58 5.77 0.06 -9.05
CA PRO A 58 5.90 -0.71 -10.30
C PRO A 58 4.55 -1.01 -10.94
N ASP A 59 4.58 -1.87 -11.97
CA ASP A 59 3.36 -2.25 -12.66
C ASP A 59 2.65 -3.39 -11.94
N TRP A 60 3.35 -4.02 -11.01
CA TRP A 60 2.79 -5.13 -10.24
C TRP A 60 2.46 -4.69 -8.82
N LEU A 61 2.23 -3.40 -8.63
CA LEU A 61 1.91 -2.86 -7.33
C LEU A 61 0.49 -2.28 -7.32
N ALA A 62 -0.23 -2.50 -6.22
CA ALA A 62 -1.58 -1.99 -6.09
C ALA A 62 -1.91 -1.66 -4.63
N ALA A 63 -3.12 -1.16 -4.40
CA ALA A 63 -3.54 -0.81 -3.05
C ALA A 63 -5.07 -0.78 -2.94
N GLU A 64 -5.62 -1.65 -2.10
CA GLU A 64 -7.06 -1.73 -1.92
C GLU A 64 -7.46 -1.22 -0.53
N PRO A 65 -8.74 -0.85 -0.39
CA PRO A 65 -9.27 -0.35 0.89
C PRO A 65 -9.35 -1.44 1.95
N TYR A 66 -9.84 -1.06 3.13
CA TYR A 66 -9.97 -1.99 4.24
C TYR A 66 -10.91 -3.14 3.89
N ALA A 1 -17.88 10.06 12.30
CA ALA A 1 -16.51 9.58 12.46
C ALA A 1 -16.40 8.11 12.08
N PRO A 2 -16.56 7.82 10.77
CA PRO A 2 -16.47 6.45 10.25
C PRO A 2 -15.05 5.90 10.30
N ALA A 3 -14.91 4.60 10.05
CA ALA A 3 -13.61 3.95 10.07
C ALA A 3 -13.07 3.79 8.64
N ARG A 4 -11.92 4.41 8.38
CA ARG A 4 -11.30 4.33 7.07
C ARG A 4 -9.89 3.77 7.17
N PHE A 5 -9.59 2.77 6.34
CA PHE A 5 -8.27 2.14 6.34
C PHE A 5 -7.86 1.75 4.93
N CYS A 6 -6.56 1.54 4.74
CA CYS A 6 -6.04 1.15 3.43
C CYS A 6 -5.19 -0.12 3.54
N VAL A 7 -5.13 -0.88 2.44
CA VAL A 7 -4.36 -2.12 2.42
C VAL A 7 -3.43 -2.16 1.21
N TYR A 8 -2.30 -2.82 1.37
CA TYR A 8 -1.32 -2.94 0.29
C TYR A 8 -1.08 -4.41 -0.08
N TYR A 9 -1.03 -4.68 -1.38
CA TYR A 9 -0.81 -6.03 -1.87
C TYR A 9 0.34 -6.07 -2.87
N ASP A 10 0.67 -7.27 -3.35
CA ASP A 10 1.74 -7.44 -4.30
C ASP A 10 1.24 -8.13 -5.58
N GLY A 11 1.90 -7.86 -6.69
CA GLY A 11 1.49 -8.45 -7.95
C GLY A 11 1.36 -9.95 -7.87
N HIS A 12 0.11 -10.43 -7.80
CA HIS A 12 -0.15 -11.87 -7.71
C HIS A 12 -1.64 -12.16 -7.85
N LEU A 13 -1.98 -13.07 -8.74
CA LEU A 13 -3.37 -13.43 -8.97
C LEU A 13 -4.08 -13.75 -7.65
N PRO A 14 -5.42 -13.72 -7.67
CA PRO A 14 -6.23 -14.00 -6.49
C PRO A 14 -6.18 -15.48 -6.08
N ALA A 15 -5.58 -16.30 -6.93
CA ALA A 15 -5.46 -17.72 -6.67
C ALA A 15 -4.43 -17.99 -5.57
N THR A 16 -3.35 -17.22 -5.59
CA THR A 16 -2.30 -17.38 -4.59
C THR A 16 -1.78 -16.02 -4.11
N ARG A 17 -2.66 -15.02 -4.16
CA ARG A 17 -2.31 -13.68 -3.72
C ARG A 17 -1.70 -13.70 -2.31
N VAL A 18 -1.02 -12.62 -1.94
CA VAL A 18 -0.40 -12.53 -0.63
C VAL A 18 -0.46 -11.09 -0.10
N LEU A 19 -1.12 -10.92 1.04
CA LEU A 19 -1.26 -9.61 1.65
C LEU A 19 0.08 -9.13 2.22
N LEU A 20 0.41 -7.87 1.96
CA LEU A 20 1.66 -7.30 2.45
C LEU A 20 1.52 -6.85 3.91
N MET A 21 0.66 -5.88 4.14
CA MET A 21 0.43 -5.36 5.48
C MET A 21 -0.64 -4.26 5.47
N TYR A 22 -1.30 -4.08 6.61
CA TYR A 22 -2.34 -3.05 6.73
C TYR A 22 -1.73 -1.70 7.08
N VAL A 23 -2.31 -0.64 6.54
CA VAL A 23 -1.84 0.71 6.80
C VAL A 23 -2.92 1.56 7.46
N ARG A 24 -2.58 2.19 8.58
CA ARG A 24 -3.52 3.03 9.30
C ARG A 24 -3.42 4.48 8.84
N ILE A 25 -4.56 5.15 8.78
CA ILE A 25 -4.61 6.55 8.36
C ILE A 25 -4.33 7.49 9.53
N GLY A 26 -3.22 7.27 10.22
CA GLY A 26 -2.86 8.10 11.34
C GLY A 26 -1.46 8.67 11.22
N THR A 27 -0.57 7.91 10.59
CA THR A 27 0.82 8.34 10.41
C THR A 27 1.41 7.75 9.14
N THR A 28 2.63 8.16 8.82
CA THR A 28 3.32 7.67 7.63
C THR A 28 4.28 6.54 7.97
N ALA A 29 4.12 5.41 7.30
CA ALA A 29 4.98 4.25 7.54
C ALA A 29 5.52 3.69 6.23
N THR A 30 6.40 2.71 6.34
CA THR A 30 7.00 2.08 5.16
C THR A 30 6.73 0.58 5.14
N ILE A 31 6.57 0.02 3.94
CA ILE A 31 6.32 -1.40 3.78
C ILE A 31 7.50 -2.10 3.14
N THR A 32 7.79 -3.31 3.61
CA THR A 32 8.90 -4.09 3.08
C THR A 32 8.40 -5.25 2.22
N ALA A 33 8.73 -5.22 0.93
CA ALA A 33 8.32 -6.26 0.00
C ALA A 33 9.40 -6.52 -1.04
N ARG A 34 9.67 -7.80 -1.30
CA ARG A 34 10.68 -8.19 -2.27
C ARG A 34 12.01 -7.51 -1.98
N GLY A 35 12.40 -7.49 -0.70
CA GLY A 35 13.64 -6.87 -0.31
C GLY A 35 13.69 -5.40 -0.65
N HIS A 36 12.52 -4.78 -0.77
CA HIS A 36 12.44 -3.36 -1.11
C HIS A 36 11.54 -2.62 -0.12
N GLU A 37 11.81 -1.34 0.06
CA GLU A 37 11.03 -0.51 0.99
C GLU A 37 10.16 0.48 0.22
N PHE A 38 8.87 0.47 0.52
CA PHE A 38 7.93 1.38 -0.14
C PHE A 38 7.31 2.36 0.86
N GLU A 39 7.68 3.63 0.75
CA GLU A 39 7.16 4.66 1.64
C GLU A 39 5.94 5.34 1.04
N VAL A 40 4.76 4.97 1.55
CA VAL A 40 3.51 5.55 1.06
C VAL A 40 2.93 6.53 2.08
N GLU A 41 1.93 7.30 1.64
CA GLU A 41 1.29 8.27 2.51
C GLU A 41 -0.20 8.00 2.65
N ALA A 42 -0.68 7.91 3.88
CA ALA A 42 -2.08 7.64 4.16
C ALA A 42 -2.82 8.93 4.52
N LYS A 43 -3.78 9.30 3.69
CA LYS A 43 -4.58 10.50 3.92
C LYS A 43 -6.05 10.15 4.15
N ASP A 44 -6.48 9.04 3.58
CA ASP A 44 -7.86 8.60 3.71
C ASP A 44 -8.09 7.29 2.96
N GLN A 45 -9.34 6.83 2.95
CA GLN A 45 -9.69 5.59 2.27
C GLN A 45 -9.19 5.60 0.83
N ASN A 46 -9.14 6.79 0.24
CA ASN A 46 -8.68 6.93 -1.14
C ASN A 46 -7.16 6.86 -1.22
N CYS A 47 -6.64 5.63 -1.25
CA CYS A 47 -5.20 5.41 -1.32
C CYS A 47 -4.79 4.95 -2.72
N LYS A 48 -3.67 5.46 -3.20
CA LYS A 48 -3.17 5.11 -4.52
C LYS A 48 -1.68 4.75 -4.47
N VAL A 49 -1.30 3.72 -5.20
CA VAL A 49 0.10 3.28 -5.24
C VAL A 49 1.03 4.45 -5.58
N ILE A 50 1.69 4.97 -4.55
CA ILE A 50 2.62 6.09 -4.74
C ILE A 50 3.68 6.10 -3.65
N LEU A 51 4.89 6.54 -4.01
CA LEU A 51 5.99 6.61 -3.06
C LEU A 51 6.47 8.04 -2.90
N THR A 52 7.09 8.32 -1.75
CA THR A 52 7.60 9.66 -1.46
C THR A 52 9.04 9.81 -1.92
N ASN A 53 9.55 8.80 -2.62
CA ASN A 53 10.92 8.81 -3.11
C ASN A 53 10.97 9.30 -4.56
N GLY A 54 9.97 10.08 -4.94
CA GLY A 54 9.92 10.61 -6.29
C GLY A 54 9.84 9.51 -7.35
N LYS A 55 9.42 8.33 -6.92
CA LYS A 55 9.31 7.19 -7.83
C LYS A 55 8.04 6.40 -7.54
N GLN A 56 7.04 6.57 -8.41
CA GLN A 56 5.77 5.87 -8.26
C GLN A 56 5.98 4.36 -8.26
N ALA A 57 5.06 3.64 -7.61
CA ALA A 57 5.14 2.19 -7.54
C ALA A 57 5.31 1.58 -8.93
N PRO A 58 5.79 0.33 -8.97
CA PRO A 58 6.01 -0.39 -10.22
C PRO A 58 4.69 -0.77 -10.91
N ASP A 59 4.79 -1.58 -11.95
CA ASP A 59 3.62 -2.02 -12.70
C ASP A 59 2.97 -3.23 -12.02
N TRP A 60 3.68 -3.83 -11.08
CA TRP A 60 3.18 -4.98 -10.36
C TRP A 60 2.78 -4.61 -8.94
N LEU A 61 2.47 -3.33 -8.73
CA LEU A 61 2.07 -2.85 -7.42
C LEU A 61 0.62 -2.35 -7.44
N ALA A 62 -0.09 -2.55 -6.33
CA ALA A 62 -1.47 -2.12 -6.22
C ALA A 62 -1.82 -1.75 -4.78
N ALA A 63 -3.02 -1.24 -4.58
CA ALA A 63 -3.48 -0.85 -3.26
C ALA A 63 -5.00 -0.86 -3.17
N GLU A 64 -5.54 -1.75 -2.34
CA GLU A 64 -6.98 -1.86 -2.17
C GLU A 64 -7.42 -1.28 -0.83
N PRO A 65 -8.72 -0.95 -0.72
CA PRO A 65 -9.30 -0.37 0.50
C PRO A 65 -9.35 -1.39 1.64
N TYR A 66 -9.97 -0.99 2.75
CA TYR A 66 -10.09 -1.86 3.91
C TYR A 66 -10.96 -3.07 3.59
#